data_2CVO
#
_entry.id   2CVO
#
_cell.length_a   86.112
_cell.length_b   86.112
_cell.length_c   316.333
_cell.angle_alpha   90.00
_cell.angle_beta   90.00
_cell.angle_gamma   120.00
#
_symmetry.space_group_name_H-M   'P 61'
#
loop_
_entity.id
_entity.type
_entity.pdbx_description
1 polymer 'putative Semialdehyde dehydrogenase'
2 water water
#
_entity_poly.entity_id   1
_entity_poly.type   'polypeptide(L)'
_entity_poly.pdbx_seq_one_letter_code
;ASVASSPQKQHSPKTSGVKSGEEVRIAVLGASGYTGAEIVRLLANHPQFRIKVMTADRKAGEQFGSVFPHLITQDLPNLV
AVKDADFSNVDAVFC(CSO)LPHGTTQEIIKGLPQELKIVDLSADFRLRDINEYAEWYGHSHRAPELQQEAVYGLTEVLR
NEIRNARLVANPGCYPTSIQLPLVPLIKAKLIKVSNIIIDAKSGVSGAGRGAKEANLYTEIAEGIHAYGIKGHRHVPEIE
QGLSEAAESKVTISFTPNLICMKRGMQSTMFVEMAPGVTANDLYQHLKSTYEGEEFVKLLNGSSVPHTRHVVGSNYCFMN
VFEDRIPGRAIIISVIDNLVKGASGQAVQNLNLMMGLPENTGLQYQPLFP
;
_entity_poly.pdbx_strand_id   A,B,C,D
#
# COMPACT_ATOMS: atom_id res chain seq x y z
N LYS A 19 21.54 -22.04 -20.04
CA LYS A 19 22.48 -21.63 -21.13
C LYS A 19 22.49 -22.64 -22.28
N SER A 20 21.97 -22.24 -23.44
CA SER A 20 21.93 -23.11 -24.61
C SER A 20 22.84 -22.58 -25.73
N GLY A 21 23.20 -23.47 -26.66
CA GLY A 21 24.07 -23.13 -27.77
C GLY A 21 24.09 -21.69 -28.28
N GLU A 22 25.28 -21.22 -28.61
CA GLU A 22 25.50 -19.88 -29.14
C GLU A 22 25.17 -18.74 -28.17
N GLU A 23 26.18 -18.28 -27.46
CA GLU A 23 26.01 -17.19 -26.50
C GLU A 23 26.15 -15.83 -27.17
N VAL A 24 25.29 -14.90 -26.77
CA VAL A 24 25.29 -13.54 -27.31
C VAL A 24 25.80 -12.60 -26.20
N ARG A 25 26.91 -11.92 -26.46
CA ARG A 25 27.50 -11.02 -25.48
C ARG A 25 26.75 -9.69 -25.45
N ILE A 26 26.16 -9.38 -24.29
CA ILE A 26 25.37 -8.17 -24.12
C ILE A 26 26.03 -7.05 -23.32
N ALA A 27 25.79 -5.82 -23.76
CA ALA A 27 26.31 -4.64 -23.08
C ALA A 27 25.08 -3.83 -22.67
N VAL A 28 25.10 -3.32 -21.44
CA VAL A 28 24.01 -2.52 -20.92
C VAL A 28 24.56 -1.17 -20.46
N LEU A 29 24.22 -0.11 -21.20
CA LEU A 29 24.69 1.23 -20.87
C LEU A 29 23.63 1.94 -20.02
N GLY A 30 24.05 2.45 -18.86
CA GLY A 30 23.12 3.14 -17.98
C GLY A 30 22.25 2.12 -17.28
N ALA A 31 22.89 1.24 -16.52
CA ALA A 31 22.22 0.16 -15.81
C ALA A 31 21.90 0.41 -14.34
N SER A 32 22.21 1.59 -13.82
CA SER A 32 21.96 1.87 -12.40
C SER A 32 20.50 2.17 -12.03
N GLY A 33 19.63 2.30 -13.03
CA GLY A 33 18.23 2.57 -12.74
C GLY A 33 17.38 1.32 -12.76
N TYR A 34 16.07 1.48 -12.62
CA TYR A 34 15.16 0.33 -12.63
C TYR A 34 15.18 -0.40 -13.97
N THR A 35 15.35 0.36 -15.04
CA THR A 35 15.40 -0.23 -16.38
C THR A 35 16.49 -1.29 -16.41
N GLY A 36 17.68 -0.90 -16.00
CA GLY A 36 18.82 -1.80 -15.98
C GLY A 36 18.56 -3.00 -15.09
N ALA A 37 17.99 -2.76 -13.92
CA ALA A 37 17.70 -3.84 -13.00
C ALA A 37 16.77 -4.85 -13.68
N GLU A 38 15.75 -4.35 -14.39
CA GLU A 38 14.83 -5.25 -15.08
C GLU A 38 15.52 -6.06 -16.17
N ILE A 39 16.45 -5.42 -16.88
CA ILE A 39 17.18 -6.12 -17.94
C ILE A 39 17.97 -7.27 -17.32
N VAL A 40 18.63 -7.01 -16.20
CA VAL A 40 19.41 -8.04 -15.52
C VAL A 40 18.49 -9.20 -15.13
N ARG A 41 17.36 -8.89 -14.49
CA ARG A 41 16.44 -9.93 -14.09
C ARG A 41 15.98 -10.78 -15.29
N LEU A 42 15.66 -10.12 -16.39
CA LEU A 42 15.21 -10.84 -17.58
C LEU A 42 16.28 -11.69 -18.24
N LEU A 43 17.49 -11.13 -18.39
CA LEU A 43 18.55 -11.89 -19.03
C LEU A 43 19.03 -13.09 -18.22
N ALA A 44 18.86 -13.06 -16.91
CA ALA A 44 19.26 -14.19 -16.07
C ALA A 44 18.37 -15.36 -16.46
N ASN A 45 17.27 -15.05 -17.13
CA ASN A 45 16.31 -16.05 -17.57
C ASN A 45 16.59 -16.41 -19.03
N HIS A 46 17.45 -15.64 -19.68
CA HIS A 46 17.75 -15.87 -21.08
C HIS A 46 18.90 -16.84 -21.32
N PRO A 47 18.59 -18.03 -21.88
CA PRO A 47 19.60 -19.06 -22.16
C PRO A 47 20.75 -18.68 -23.11
N GLN A 48 20.60 -17.59 -23.86
CA GLN A 48 21.66 -17.15 -24.76
C GLN A 48 22.23 -15.79 -24.41
N PHE A 49 21.36 -14.82 -24.15
CA PHE A 49 21.81 -13.47 -23.81
C PHE A 49 22.56 -13.49 -22.48
N ARG A 50 23.78 -12.96 -22.49
CA ARG A 50 24.61 -12.92 -21.29
C ARG A 50 25.30 -11.57 -21.16
N ILE A 51 25.02 -10.87 -20.07
CA ILE A 51 25.60 -9.56 -19.83
C ILE A 51 27.11 -9.63 -19.60
N LYS A 52 27.86 -8.85 -20.36
CA LYS A 52 29.30 -8.83 -20.23
C LYS A 52 29.82 -7.44 -19.86
N VAL A 53 29.01 -6.41 -20.12
CA VAL A 53 29.40 -5.05 -19.80
C VAL A 53 28.22 -4.21 -19.29
N MET A 54 28.43 -3.48 -18.20
CA MET A 54 27.39 -2.63 -17.64
C MET A 54 28.03 -1.31 -17.24
N THR A 55 27.36 -0.20 -17.56
CA THR A 55 27.91 1.11 -17.23
C THR A 55 26.96 1.98 -16.42
N ALA A 56 27.56 2.84 -15.60
CA ALA A 56 26.83 3.78 -14.76
C ALA A 56 27.71 5.02 -14.64
N ASP A 57 27.10 6.19 -14.77
CA ASP A 57 27.84 7.43 -14.70
C ASP A 57 28.35 7.75 -13.29
N ARG A 58 27.48 8.26 -12.44
CA ARG A 58 27.90 8.59 -11.08
C ARG A 58 27.77 7.45 -10.08
N LYS A 59 28.16 6.25 -10.51
CA LYS A 59 28.12 5.04 -9.67
C LYS A 59 29.04 3.99 -10.27
N ALA A 60 30.08 4.46 -10.96
CA ALA A 60 31.05 3.58 -11.61
C ALA A 60 32.02 2.90 -10.63
N GLY A 61 32.40 1.67 -10.96
CA GLY A 61 33.31 0.92 -10.13
C GLY A 61 32.63 0.06 -9.08
N GLU A 62 31.41 0.43 -8.72
CA GLU A 62 30.64 -0.30 -7.71
C GLU A 62 30.15 -1.67 -8.18
N GLN A 63 29.76 -2.49 -7.22
CA GLN A 63 29.26 -3.83 -7.50
C GLN A 63 27.74 -3.68 -7.72
N PHE A 64 27.22 -4.30 -8.76
CA PHE A 64 25.79 -4.19 -9.06
C PHE A 64 24.94 -4.69 -7.90
N GLY A 65 25.42 -5.71 -7.23
CA GLY A 65 24.70 -6.26 -6.09
C GLY A 65 24.59 -5.26 -4.96
N SER A 66 25.42 -4.23 -4.99
CA SER A 66 25.42 -3.19 -3.97
C SER A 66 24.39 -2.12 -4.32
N VAL A 67 24.16 -1.94 -5.62
CA VAL A 67 23.19 -0.95 -6.08
C VAL A 67 21.79 -1.55 -5.95
N PHE A 68 21.67 -2.83 -6.30
CA PHE A 68 20.41 -3.57 -6.22
C PHE A 68 20.62 -4.86 -5.42
N PRO A 69 20.42 -4.80 -4.10
CA PRO A 69 20.59 -5.96 -3.21
C PRO A 69 19.80 -7.22 -3.60
N HIS A 70 18.71 -7.06 -4.34
CA HIS A 70 17.92 -8.22 -4.72
C HIS A 70 18.60 -9.07 -5.79
N LEU A 71 19.67 -8.55 -6.39
CA LEU A 71 20.39 -9.28 -7.43
C LEU A 71 21.77 -9.71 -6.94
N ILE A 72 21.94 -9.72 -5.63
CA ILE A 72 23.20 -10.08 -5.01
C ILE A 72 23.75 -11.46 -5.39
N THR A 73 22.89 -12.36 -5.83
CA THR A 73 23.37 -13.71 -6.18
C THR A 73 23.83 -13.87 -7.62
N GLN A 74 23.64 -12.83 -8.43
CA GLN A 74 24.03 -12.91 -9.83
C GLN A 74 25.47 -12.55 -10.15
N ASP A 75 26.13 -13.43 -10.90
CA ASP A 75 27.50 -13.23 -11.31
C ASP A 75 27.51 -12.21 -12.43
N LEU A 76 27.81 -10.97 -12.09
CA LEU A 76 27.83 -9.89 -13.07
C LEU A 76 29.13 -9.11 -12.98
N PRO A 77 29.49 -8.41 -14.06
CA PRO A 77 30.73 -7.62 -14.06
C PRO A 77 30.48 -6.34 -13.28
N ASN A 78 31.51 -5.81 -12.64
CA ASN A 78 31.36 -4.58 -11.88
C ASN A 78 31.09 -3.44 -12.85
N LEU A 79 30.41 -2.41 -12.37
CA LEU A 79 30.08 -1.26 -13.20
C LEU A 79 31.34 -0.49 -13.59
N VAL A 80 31.39 -0.07 -14.85
CA VAL A 80 32.52 0.69 -15.35
C VAL A 80 31.99 1.97 -16.01
N ALA A 81 32.88 2.90 -16.30
CA ALA A 81 32.46 4.14 -16.96
C ALA A 81 32.16 3.78 -18.40
N VAL A 82 31.14 4.40 -18.98
CA VAL A 82 30.77 4.12 -20.36
C VAL A 82 31.97 4.29 -21.29
N LYS A 83 32.86 5.21 -20.93
CA LYS A 83 34.04 5.46 -21.74
C LYS A 83 34.93 4.22 -21.82
N ASP A 84 34.90 3.42 -20.77
CA ASP A 84 35.70 2.20 -20.71
C ASP A 84 35.03 0.98 -21.31
N ALA A 85 33.88 1.16 -21.94
CA ALA A 85 33.18 0.04 -22.56
C ALA A 85 33.92 -0.49 -23.78
N ASP A 86 34.18 -1.80 -23.79
CA ASP A 86 34.87 -2.43 -24.91
C ASP A 86 33.89 -3.27 -25.71
N PHE A 87 33.49 -2.74 -26.86
CA PHE A 87 32.52 -3.39 -27.72
C PHE A 87 33.11 -4.40 -28.72
N SER A 88 34.44 -4.40 -28.86
CA SER A 88 35.09 -5.31 -29.79
C SER A 88 34.54 -6.72 -29.64
N ASN A 89 34.17 -7.09 -28.41
CA ASN A 89 33.62 -8.40 -28.15
C ASN A 89 32.20 -8.30 -27.59
N VAL A 90 31.38 -7.48 -28.23
CA VAL A 90 29.99 -7.29 -27.82
C VAL A 90 29.07 -7.46 -29.02
N ASP A 91 28.04 -8.28 -28.87
CA ASP A 91 27.10 -8.54 -29.95
C ASP A 91 25.91 -7.58 -29.97
N ALA A 92 25.30 -7.35 -28.82
CA ALA A 92 24.14 -6.46 -28.73
C ALA A 92 24.26 -5.46 -27.59
N VAL A 93 23.59 -4.32 -27.73
CA VAL A 93 23.63 -3.27 -26.73
C VAL A 93 22.25 -2.73 -26.30
N PHE A 94 22.03 -2.70 -24.98
CA PHE A 94 20.79 -2.15 -24.43
C PHE A 94 21.21 -0.79 -23.89
N CYS A 95 20.57 0.27 -24.38
CA CYS A 95 20.91 1.63 -23.96
C CYS A 95 19.84 2.35 -23.16
N CSO A 96 20.24 2.95 -22.03
CA CSO A 96 19.33 3.69 -21.17
CB CSO A 96 18.71 2.87 -19.96
SG CSO A 96 17.69 3.92 -18.92
C CSO A 96 20.09 4.89 -20.58
O CSO A 96 20.72 4.79 -19.52
OD CSO A 96 16.32 4.25 -19.85
N LEU A 97 20.03 6.02 -21.27
CA LEU A 97 20.75 7.22 -20.84
C LEU A 97 19.90 8.49 -20.77
N PRO A 98 20.45 9.54 -20.12
CA PRO A 98 19.89 10.88 -19.89
C PRO A 98 18.89 11.49 -20.88
N HIS A 99 19.30 11.60 -22.14
CA HIS A 99 18.51 12.20 -23.23
C HIS A 99 19.38 13.28 -23.83
N GLY A 100 19.98 12.96 -24.98
CA GLY A 100 20.88 13.88 -25.65
C GLY A 100 22.23 13.22 -25.58
N THR A 101 22.47 12.56 -24.45
CA THR A 101 23.72 11.83 -24.23
C THR A 101 23.60 10.54 -25.02
N THR A 102 22.38 10.04 -25.13
CA THR A 102 22.09 8.81 -25.87
C THR A 102 22.46 8.97 -27.33
N GLN A 103 21.95 10.02 -27.97
CA GLN A 103 22.21 10.29 -29.37
C GLN A 103 23.71 10.28 -29.69
N GLU A 104 24.49 10.93 -28.83
CA GLU A 104 25.95 10.98 -29.03
C GLU A 104 26.57 9.58 -28.99
N ILE A 105 26.47 8.94 -27.82
CA ILE A 105 27.03 7.60 -27.62
C ILE A 105 26.68 6.60 -28.70
N ILE A 106 25.40 6.53 -29.05
CA ILE A 106 24.97 5.60 -30.08
C ILE A 106 25.59 5.96 -31.42
N LYS A 107 25.61 7.25 -31.74
CA LYS A 107 26.18 7.73 -33.00
C LYS A 107 27.64 7.28 -33.15
N GLY A 108 28.34 7.19 -32.01
CA GLY A 108 29.73 6.78 -32.03
C GLY A 108 29.99 5.32 -31.73
N LEU A 109 28.97 4.47 -31.86
CA LEU A 109 29.15 3.04 -31.61
C LEU A 109 29.52 2.27 -32.86
N PRO A 110 30.17 1.10 -32.69
CA PRO A 110 30.59 0.25 -33.81
C PRO A 110 29.42 -0.01 -34.75
N GLN A 111 29.70 -0.61 -35.91
CA GLN A 111 28.65 -0.87 -36.88
C GLN A 111 28.00 -2.25 -36.77
N GLU A 112 28.83 -3.27 -36.59
CA GLU A 112 28.34 -4.64 -36.49
C GLU A 112 27.62 -4.95 -35.17
N LEU A 113 27.01 -3.93 -34.58
CA LEU A 113 26.29 -4.08 -33.32
C LEU A 113 24.79 -3.94 -33.47
N LYS A 114 24.05 -4.75 -32.72
CA LYS A 114 22.60 -4.65 -32.71
C LYS A 114 22.32 -3.77 -31.51
N ILE A 115 21.60 -2.68 -31.72
CA ILE A 115 21.32 -1.75 -30.64
C ILE A 115 19.85 -1.48 -30.38
N VAL A 116 19.46 -1.62 -29.11
CA VAL A 116 18.09 -1.35 -28.68
C VAL A 116 18.17 -0.24 -27.64
N ASP A 117 17.67 0.93 -28.02
CA ASP A 117 17.69 2.08 -27.13
C ASP A 117 16.35 2.23 -26.42
N LEU A 118 16.37 2.15 -25.10
CA LEU A 118 15.14 2.28 -24.34
C LEU A 118 14.73 3.72 -24.07
N SER A 119 15.61 4.67 -24.36
CA SER A 119 15.27 6.08 -24.15
C SER A 119 14.32 6.54 -25.24
N ALA A 120 13.95 7.80 -25.22
CA ALA A 120 13.04 8.34 -26.21
C ALA A 120 13.76 9.02 -27.38
N ASP A 121 15.08 9.12 -27.26
CA ASP A 121 15.91 9.79 -28.28
C ASP A 121 15.69 9.46 -29.76
N PHE A 122 15.40 8.20 -30.10
CA PHE A 122 15.21 7.84 -31.50
C PHE A 122 13.79 7.42 -31.88
N ARG A 123 12.82 7.77 -31.04
CA ARG A 123 11.43 7.41 -31.30
C ARG A 123 10.72 8.32 -32.30
N LEU A 124 10.92 9.63 -32.17
CA LEU A 124 10.26 10.58 -33.06
C LEU A 124 11.05 10.85 -34.34
N ARG A 125 10.37 10.76 -35.48
CA ARG A 125 10.98 10.99 -36.77
C ARG A 125 11.12 12.48 -37.05
N ASP A 126 10.19 13.27 -36.52
CA ASP A 126 10.20 14.72 -36.69
C ASP A 126 11.27 15.32 -35.79
N ILE A 127 12.37 15.77 -36.40
CA ILE A 127 13.48 16.37 -35.68
C ILE A 127 13.11 17.61 -34.87
N ASN A 128 12.26 18.48 -35.41
CA ASN A 128 11.86 19.68 -34.70
C ASN A 128 10.94 19.31 -33.54
N GLU A 129 10.08 18.32 -33.77
CA GLU A 129 9.14 17.86 -32.77
C GLU A 129 9.88 17.34 -31.54
N TYR A 130 11.07 16.79 -31.76
CA TYR A 130 11.88 16.27 -30.65
C TYR A 130 12.41 17.44 -29.83
N ALA A 131 13.12 18.34 -30.50
CA ALA A 131 13.69 19.50 -29.83
C ALA A 131 12.59 20.28 -29.10
N GLU A 132 11.38 20.24 -29.69
CA GLU A 132 10.23 20.95 -29.12
C GLU A 132 9.65 20.31 -27.86
N TRP A 133 9.91 19.01 -27.67
CA TRP A 133 9.40 18.33 -26.48
C TRP A 133 10.49 17.90 -25.51
N TYR A 134 11.76 18.05 -25.91
CA TYR A 134 12.87 17.65 -25.06
C TYR A 134 13.89 18.76 -24.76
N GLY A 135 13.55 20.00 -25.10
CA GLY A 135 14.44 21.11 -24.82
C GLY A 135 15.61 21.38 -25.73
N HIS A 136 16.30 20.32 -26.18
CA HIS A 136 17.46 20.50 -27.05
C HIS A 136 17.26 19.88 -28.43
N SER A 137 18.17 20.22 -29.34
CA SER A 137 18.12 19.72 -30.71
C SER A 137 18.67 18.31 -30.89
N HIS A 138 18.08 17.58 -31.82
CA HIS A 138 18.47 16.20 -32.12
C HIS A 138 19.95 16.21 -32.57
N ARG A 139 20.77 15.40 -31.91
CA ARG A 139 22.19 15.34 -32.22
C ARG A 139 22.61 14.21 -33.15
N ALA A 140 21.64 13.50 -33.71
CA ALA A 140 21.92 12.40 -34.64
C ALA A 140 20.79 12.27 -35.66
N PRO A 141 20.46 13.36 -36.35
CA PRO A 141 19.39 13.40 -37.36
C PRO A 141 19.54 12.36 -38.46
N GLU A 142 20.78 12.13 -38.91
CA GLU A 142 21.04 11.15 -39.96
C GLU A 142 20.73 9.75 -39.46
N LEU A 143 21.19 9.46 -38.24
CA LEU A 143 20.98 8.16 -37.64
C LEU A 143 19.50 7.92 -37.40
N GLN A 144 18.78 8.97 -37.00
CA GLN A 144 17.35 8.88 -36.73
C GLN A 144 16.59 8.20 -37.87
N GLN A 145 17.02 8.44 -39.10
CA GLN A 145 16.37 7.86 -40.26
C GLN A 145 16.56 6.35 -40.37
N GLU A 146 17.60 5.81 -39.74
CA GLU A 146 17.85 4.37 -39.79
C GLU A 146 17.15 3.63 -38.66
N ALA A 147 16.84 4.36 -37.59
CA ALA A 147 16.19 3.78 -36.42
C ALA A 147 14.77 3.31 -36.68
N VAL A 148 14.45 2.12 -36.18
CA VAL A 148 13.11 1.54 -36.34
C VAL A 148 12.36 1.55 -35.01
N TYR A 149 11.09 1.97 -35.04
CA TYR A 149 10.25 2.01 -33.83
C TYR A 149 10.02 0.58 -33.32
N GLY A 150 10.44 0.32 -32.10
CA GLY A 150 10.33 -1.00 -31.53
C GLY A 150 9.02 -1.61 -31.06
N LEU A 151 7.89 -1.24 -31.66
CA LEU A 151 6.63 -1.83 -31.25
C LEU A 151 6.55 -3.16 -31.99
N THR A 152 7.13 -4.18 -31.37
CA THR A 152 7.26 -5.53 -31.91
C THR A 152 6.14 -6.06 -32.80
N GLU A 153 4.98 -6.33 -32.21
CA GLU A 153 3.84 -6.87 -32.96
C GLU A 153 3.40 -6.03 -34.15
N VAL A 154 3.70 -4.75 -34.16
CA VAL A 154 3.28 -3.86 -35.23
C VAL A 154 4.29 -3.65 -36.35
N LEU A 155 5.58 -3.64 -36.02
CA LEU A 155 6.60 -3.44 -37.02
C LEU A 155 7.62 -4.56 -37.02
N ARG A 156 7.15 -5.79 -36.78
CA ARG A 156 8.03 -6.95 -36.72
C ARG A 156 8.98 -7.11 -37.90
N ASN A 157 8.47 -6.95 -39.12
CA ASN A 157 9.34 -7.10 -40.29
C ASN A 157 10.45 -6.05 -40.35
N GLU A 158 10.14 -4.80 -40.02
CA GLU A 158 11.14 -3.75 -40.02
C GLU A 158 12.19 -4.00 -38.94
N ILE A 159 11.70 -4.20 -37.71
CA ILE A 159 12.56 -4.45 -36.56
C ILE A 159 13.57 -5.57 -36.78
N ARG A 160 13.09 -6.66 -37.37
CA ARG A 160 13.91 -7.84 -37.62
C ARG A 160 15.23 -7.56 -38.34
N ASN A 161 15.19 -6.65 -39.32
CA ASN A 161 16.39 -6.32 -40.10
C ASN A 161 17.05 -5.02 -39.67
N ALA A 162 16.51 -4.39 -38.63
CA ALA A 162 17.05 -3.13 -38.15
C ALA A 162 18.33 -3.29 -37.33
N ARG A 163 19.16 -2.26 -37.36
CA ARG A 163 20.41 -2.25 -36.59
C ARG A 163 20.13 -1.45 -35.32
N LEU A 164 19.50 -0.28 -35.50
CA LEU A 164 19.15 0.59 -34.39
C LEU A 164 17.65 0.58 -34.17
N VAL A 165 17.22 0.14 -32.99
CA VAL A 165 15.82 0.08 -32.66
C VAL A 165 15.45 0.99 -31.50
N ALA A 166 14.50 1.88 -31.75
CA ALA A 166 14.03 2.80 -30.73
C ALA A 166 12.90 2.10 -29.99
N ASN A 167 13.20 1.55 -28.82
CA ASN A 167 12.20 0.84 -28.02
C ASN A 167 11.15 1.85 -27.57
N PRO A 168 9.85 1.54 -27.80
CA PRO A 168 8.73 2.42 -27.43
C PRO A 168 8.60 2.71 -25.93
N GLY A 169 7.91 3.79 -25.61
CA GLY A 169 7.68 4.14 -24.22
C GLY A 169 6.56 3.25 -23.72
N CYS A 170 6.30 3.24 -22.41
CA CYS A 170 5.25 2.39 -21.85
C CYS A 170 3.83 2.77 -22.26
N TYR A 171 3.41 4.00 -21.96
CA TYR A 171 2.06 4.43 -22.33
C TYR A 171 1.79 4.19 -23.81
N PRO A 172 2.72 4.59 -24.69
CA PRO A 172 2.55 4.40 -26.14
C PRO A 172 2.34 2.94 -26.54
N THR A 173 3.02 2.03 -25.84
CA THR A 173 2.89 0.62 -26.15
C THR A 173 1.47 0.12 -25.84
N SER A 174 0.95 0.49 -24.68
CA SER A 174 -0.38 0.06 -24.26
C SER A 174 -1.50 0.60 -25.15
N ILE A 175 -1.27 1.77 -25.73
CA ILE A 175 -2.24 2.44 -26.58
C ILE A 175 -2.22 2.05 -28.06
N GLN A 176 -1.03 2.04 -28.67
CA GLN A 176 -0.94 1.71 -30.09
C GLN A 176 -1.31 0.26 -30.43
N LEU A 177 -0.98 -0.69 -29.56
CA LEU A 177 -1.30 -2.08 -29.82
C LEU A 177 -2.79 -2.24 -30.20
N PRO A 178 -3.70 -1.70 -29.36
CA PRO A 178 -5.10 -1.87 -29.74
C PRO A 178 -5.59 -0.85 -30.79
N LEU A 179 -5.14 0.39 -30.68
CA LEU A 179 -5.60 1.44 -31.62
C LEU A 179 -5.10 1.40 -33.06
N VAL A 180 -3.83 1.07 -33.26
CA VAL A 180 -3.27 1.04 -34.61
C VAL A 180 -4.03 0.13 -35.59
N PRO A 181 -4.20 -1.15 -35.25
CA PRO A 181 -4.94 -2.01 -36.19
C PRO A 181 -6.37 -1.55 -36.42
N LEU A 182 -7.03 -1.06 -35.37
CA LEU A 182 -8.41 -0.60 -35.49
C LEU A 182 -8.51 0.62 -36.40
N ILE A 183 -7.52 1.50 -36.32
CA ILE A 183 -7.52 2.69 -37.15
C ILE A 183 -7.24 2.29 -38.60
N LYS A 184 -6.27 1.40 -38.80
CA LYS A 184 -5.94 0.94 -40.15
C LYS A 184 -7.16 0.31 -40.80
N ALA A 185 -7.95 -0.40 -39.99
CA ALA A 185 -9.15 -1.07 -40.46
C ALA A 185 -10.31 -0.10 -40.63
N LYS A 186 -10.11 1.16 -40.25
CA LYS A 186 -11.14 2.17 -40.37
C LYS A 186 -12.38 1.80 -39.55
N LEU A 187 -12.17 1.09 -38.46
CA LEU A 187 -13.29 0.68 -37.60
C LEU A 187 -13.65 1.75 -36.56
N ILE A 188 -12.69 2.63 -36.24
CA ILE A 188 -12.93 3.71 -35.30
C ILE A 188 -12.50 5.01 -35.97
N LYS A 189 -13.06 6.12 -35.52
CA LYS A 189 -12.74 7.42 -36.08
C LYS A 189 -11.57 8.01 -35.30
N VAL A 190 -10.85 8.94 -35.92
CA VAL A 190 -9.70 9.56 -35.29
C VAL A 190 -10.08 10.84 -34.56
N SER A 191 -11.39 11.09 -34.46
CA SER A 191 -11.90 12.26 -33.79
C SER A 191 -12.30 11.93 -32.37
N ASN A 192 -12.02 12.85 -31.45
CA ASN A 192 -12.35 12.68 -30.05
C ASN A 192 -11.86 11.40 -29.38
N ILE A 193 -10.61 11.03 -29.64
CA ILE A 193 -10.04 9.84 -28.99
C ILE A 193 -9.59 10.33 -27.60
N ILE A 194 -10.40 10.03 -26.59
CA ILE A 194 -10.10 10.44 -25.23
C ILE A 194 -9.45 9.31 -24.45
N ILE A 195 -8.25 9.57 -23.92
CA ILE A 195 -7.52 8.55 -23.18
C ILE A 195 -7.14 8.97 -21.76
N ASP A 196 -7.46 8.09 -20.81
CA ASP A 196 -7.13 8.30 -19.40
C ASP A 196 -6.23 7.12 -19.07
N ALA A 197 -4.95 7.39 -18.82
CA ALA A 197 -4.01 6.33 -18.51
C ALA A 197 -3.59 6.39 -17.05
N LYS A 198 -3.25 5.23 -16.51
CA LYS A 198 -2.87 5.11 -15.11
C LYS A 198 -1.61 4.26 -15.01
N SER A 199 -0.61 4.75 -14.28
CA SER A 199 0.64 4.01 -14.14
C SER A 199 1.23 3.93 -12.74
N GLY A 200 1.89 2.81 -12.46
CA GLY A 200 2.54 2.65 -11.17
C GLY A 200 3.66 3.68 -11.12
N VAL A 201 4.11 4.04 -9.92
CA VAL A 201 5.13 5.05 -9.78
C VAL A 201 6.55 4.60 -10.15
N SER A 202 6.73 3.33 -10.43
CA SER A 202 8.05 2.82 -10.82
C SER A 202 8.53 3.51 -12.10
N GLY A 203 7.60 3.93 -12.93
CA GLY A 203 7.96 4.60 -14.17
C GLY A 203 8.67 5.93 -13.92
N ALA A 204 8.54 6.46 -12.71
CA ALA A 204 9.17 7.72 -12.37
C ALA A 204 10.67 7.58 -12.11
N GLY A 205 11.16 6.34 -12.05
CA GLY A 205 12.57 6.13 -11.82
C GLY A 205 12.99 6.11 -10.37
N ARG A 206 14.25 5.72 -10.12
CA ARG A 206 14.78 5.62 -8.78
C ARG A 206 15.40 6.92 -8.26
N GLY A 207 15.23 8.01 -9.02
CA GLY A 207 15.77 9.28 -8.60
C GLY A 207 15.15 9.78 -7.30
N ALA A 208 15.98 10.30 -6.40
CA ALA A 208 15.50 10.82 -5.14
C ALA A 208 14.71 12.10 -5.39
N LYS A 209 13.41 12.04 -5.13
CA LYS A 209 12.51 13.18 -5.32
C LYS A 209 11.43 13.14 -4.25
N GLU A 210 11.10 14.30 -3.72
CA GLU A 210 10.06 14.41 -2.70
C GLU A 210 8.75 13.84 -3.22
N ALA A 211 8.35 14.29 -4.41
CA ALA A 211 7.10 13.89 -5.03
C ALA A 211 6.88 12.37 -5.11
N ASN A 212 7.95 11.60 -5.19
CA ASN A 212 7.79 10.16 -5.31
C ASN A 212 8.01 9.38 -4.03
N LEU A 213 8.09 10.09 -2.90
CA LEU A 213 8.27 9.45 -1.59
C LEU A 213 7.05 8.60 -1.26
N TYR A 214 7.25 7.53 -0.50
CA TYR A 214 6.14 6.67 -0.10
C TYR A 214 5.02 7.49 0.55
N THR A 215 5.41 8.39 1.45
CA THR A 215 4.45 9.24 2.16
C THR A 215 3.68 10.17 1.25
N GLU A 216 4.29 10.56 0.13
CA GLU A 216 3.65 11.47 -0.81
C GLU A 216 2.84 10.75 -1.88
N ILE A 217 3.07 9.44 -2.02
CA ILE A 217 2.38 8.64 -3.04
C ILE A 217 1.34 7.66 -2.50
N ALA A 218 1.68 6.95 -1.43
CA ALA A 218 0.79 5.95 -0.86
C ALA A 218 -0.60 6.46 -0.49
N GLU A 219 -1.60 5.61 -0.73
CA GLU A 219 -2.98 5.91 -0.43
C GLU A 219 -3.51 7.18 -1.09
N GLY A 220 -3.13 7.38 -2.34
CA GLY A 220 -3.59 8.57 -3.06
C GLY A 220 -3.21 8.49 -4.51
N ILE A 221 -3.89 9.29 -5.34
CA ILE A 221 -3.60 9.32 -6.76
C ILE A 221 -3.79 10.75 -7.27
N HIS A 222 -3.26 11.03 -8.45
CA HIS A 222 -3.40 12.35 -9.04
C HIS A 222 -2.95 12.31 -10.49
N ALA A 223 -3.50 13.23 -11.29
CA ALA A 223 -3.14 13.32 -12.69
C ALA A 223 -1.87 14.16 -12.78
N TYR A 224 -1.18 14.07 -13.91
CA TYR A 224 0.03 14.85 -14.14
C TYR A 224 0.21 15.07 -15.64
N GLY A 225 1.21 15.88 -16.01
CA GLY A 225 1.45 16.16 -17.42
C GLY A 225 0.20 16.50 -18.19
N ILE A 226 -0.77 17.13 -17.54
CA ILE A 226 -2.01 17.50 -18.20
C ILE A 226 -1.71 18.33 -19.44
N LYS A 227 -2.17 17.81 -20.58
CA LYS A 227 -1.95 18.45 -21.87
C LYS A 227 -0.49 18.88 -21.98
N GLY A 228 0.37 17.93 -22.33
CA GLY A 228 1.77 18.26 -22.46
C GLY A 228 2.71 17.17 -21.97
N HIS A 229 2.38 15.91 -22.25
CA HIS A 229 3.24 14.81 -21.84
C HIS A 229 4.02 14.36 -23.07
N ARG A 230 5.32 14.08 -22.88
CA ARG A 230 6.19 13.66 -23.96
C ARG A 230 5.75 12.44 -24.76
N HIS A 231 4.89 11.60 -24.18
CA HIS A 231 4.43 10.42 -24.90
C HIS A 231 3.35 10.75 -25.94
N VAL A 232 2.76 11.93 -25.85
CA VAL A 232 1.71 12.31 -26.79
C VAL A 232 2.18 12.29 -28.25
N PRO A 233 3.26 13.02 -28.57
CA PRO A 233 3.72 13.01 -29.96
C PRO A 233 4.13 11.62 -30.42
N GLU A 234 4.58 10.79 -29.49
CA GLU A 234 4.97 9.42 -29.82
C GLU A 234 3.72 8.65 -30.23
N ILE A 235 2.68 8.76 -29.40
CA ILE A 235 1.42 8.09 -29.68
C ILE A 235 0.79 8.62 -30.98
N GLU A 236 0.67 9.95 -31.09
CA GLU A 236 0.09 10.54 -32.29
C GLU A 236 0.85 10.14 -33.55
N GLN A 237 2.18 10.01 -33.45
CA GLN A 237 2.98 9.61 -34.61
C GLN A 237 2.51 8.26 -35.14
N GLY A 238 2.33 7.29 -34.24
CA GLY A 238 1.88 5.97 -34.66
C GLY A 238 0.44 5.97 -35.17
N LEU A 239 -0.42 6.72 -34.51
CA LEU A 239 -1.83 6.78 -34.91
C LEU A 239 -2.00 7.51 -36.24
N SER A 240 -1.23 8.59 -36.43
CA SER A 240 -1.32 9.36 -37.66
C SER A 240 -0.86 8.52 -38.85
N GLU A 241 0.18 7.73 -38.64
CA GLU A 241 0.69 6.86 -39.69
C GLU A 241 -0.37 5.83 -40.06
N ALA A 242 -1.04 5.28 -39.06
CA ALA A 242 -2.07 4.28 -39.27
C ALA A 242 -3.31 4.88 -39.93
N ALA A 243 -3.55 6.15 -39.66
CA ALA A 243 -4.71 6.85 -40.20
C ALA A 243 -4.45 7.54 -41.55
N GLU A 244 -3.17 7.75 -41.85
CA GLU A 244 -2.77 8.44 -43.08
C GLU A 244 -3.34 9.87 -43.03
N SER A 245 -3.46 10.37 -41.81
CA SER A 245 -3.98 11.69 -41.54
C SER A 245 -3.43 12.13 -40.17
N LYS A 246 -3.37 13.43 -39.93
CA LYS A 246 -2.87 13.96 -38.67
C LYS A 246 -3.85 13.72 -37.53
N VAL A 247 -3.46 12.89 -36.57
CA VAL A 247 -4.33 12.58 -35.44
C VAL A 247 -3.97 13.37 -34.18
N THR A 248 -4.96 14.04 -33.60
CA THR A 248 -4.76 14.81 -32.38
C THR A 248 -5.60 14.21 -31.26
N ILE A 249 -4.92 13.62 -30.28
CA ILE A 249 -5.59 12.96 -29.16
C ILE A 249 -5.63 13.74 -27.86
N SER A 250 -6.42 13.23 -26.92
CA SER A 250 -6.53 13.80 -25.59
C SER A 250 -5.91 12.72 -24.71
N PHE A 251 -4.78 13.02 -24.09
CA PHE A 251 -4.09 12.06 -23.24
C PHE A 251 -3.85 12.63 -21.84
N THR A 252 -4.30 11.91 -20.82
CA THR A 252 -4.12 12.36 -19.44
C THR A 252 -3.63 11.21 -18.57
N PRO A 253 -2.35 11.26 -18.15
CA PRO A 253 -1.80 10.20 -17.31
C PRO A 253 -2.12 10.45 -15.83
N ASN A 254 -2.11 9.39 -15.04
CA ASN A 254 -2.38 9.50 -13.60
C ASN A 254 -1.41 8.60 -12.85
N LEU A 255 -0.78 9.15 -11.82
CA LEU A 255 0.18 8.39 -11.03
C LEU A 255 -0.55 7.61 -9.93
N ILE A 256 -0.49 6.29 -10.01
CA ILE A 256 -1.17 5.45 -9.05
C ILE A 256 -0.26 5.01 -7.92
N CYS A 257 -0.86 4.77 -6.75
CA CYS A 257 -0.11 4.31 -5.59
C CYS A 257 0.15 2.80 -5.64
N MET A 258 0.99 2.39 -6.57
CA MET A 258 1.39 1.00 -6.75
C MET A 258 2.74 1.08 -7.45
N LYS A 259 3.59 0.09 -7.21
CA LYS A 259 4.91 0.11 -7.84
C LYS A 259 4.86 -0.13 -9.33
N ARG A 260 4.37 -1.28 -9.77
CA ARG A 260 4.31 -1.53 -11.20
C ARG A 260 2.92 -1.80 -11.73
N GLY A 261 2.77 -1.74 -13.04
CA GLY A 261 1.49 -1.96 -13.67
C GLY A 261 1.05 -0.68 -14.36
N MET A 262 0.31 -0.81 -15.45
CA MET A 262 -0.16 0.34 -16.21
C MET A 262 -1.45 -0.02 -16.94
N GLN A 263 -2.39 0.91 -16.94
CA GLN A 263 -3.66 0.71 -17.61
C GLN A 263 -4.01 1.93 -18.44
N SER A 264 -4.39 1.71 -19.68
CA SER A 264 -4.79 2.80 -20.56
C SER A 264 -6.23 2.56 -20.97
N THR A 265 -7.07 3.57 -20.73
CA THR A 265 -8.47 3.45 -21.11
C THR A 265 -8.70 4.42 -22.26
N MET A 266 -9.12 3.87 -23.39
CA MET A 266 -9.37 4.66 -24.58
C MET A 266 -10.86 4.73 -24.88
N PHE A 267 -11.39 5.95 -24.92
CA PHE A 267 -12.79 6.19 -25.20
C PHE A 267 -12.87 6.69 -26.63
N VAL A 268 -13.21 5.77 -27.55
CA VAL A 268 -13.25 6.09 -28.96
C VAL A 268 -14.63 6.07 -29.60
N GLU A 269 -14.71 6.71 -30.77
CA GLU A 269 -15.95 6.73 -31.53
C GLU A 269 -15.79 5.73 -32.66
N MET A 270 -16.77 4.86 -32.83
CA MET A 270 -16.72 3.86 -33.88
C MET A 270 -17.22 4.41 -35.20
N ALA A 271 -16.77 3.81 -36.30
CA ALA A 271 -17.18 4.22 -37.64
C ALA A 271 -18.64 3.82 -37.83
N PRO A 272 -19.33 4.41 -38.82
CA PRO A 272 -20.74 4.08 -39.07
C PRO A 272 -21.02 2.58 -39.18
N GLY A 273 -22.08 2.13 -38.51
CA GLY A 273 -22.46 0.73 -38.55
C GLY A 273 -21.58 -0.22 -37.75
N VAL A 274 -20.50 0.28 -37.18
CA VAL A 274 -19.58 -0.56 -36.41
C VAL A 274 -20.01 -0.70 -34.94
N THR A 275 -19.86 -1.90 -34.40
CA THR A 275 -20.22 -2.18 -33.02
C THR A 275 -18.97 -2.54 -32.22
N ALA A 276 -19.10 -2.54 -30.90
CA ALA A 276 -17.98 -2.87 -30.03
C ALA A 276 -17.47 -4.28 -30.39
N ASN A 277 -18.39 -5.19 -30.66
CA ASN A 277 -18.02 -6.56 -31.02
C ASN A 277 -17.18 -6.58 -32.30
N ASP A 278 -17.49 -5.70 -33.24
CA ASP A 278 -16.73 -5.65 -34.49
C ASP A 278 -15.29 -5.31 -34.17
N LEU A 279 -15.11 -4.35 -33.25
CA LEU A 279 -13.77 -3.96 -32.82
C LEU A 279 -13.10 -5.15 -32.17
N TYR A 280 -13.87 -5.84 -31.32
CA TYR A 280 -13.39 -7.00 -30.60
C TYR A 280 -12.91 -8.11 -31.54
N GLN A 281 -13.69 -8.39 -32.57
CA GLN A 281 -13.33 -9.43 -33.52
C GLN A 281 -12.11 -9.06 -34.35
N HIS A 282 -11.95 -7.77 -34.66
CA HIS A 282 -10.79 -7.39 -35.45
C HIS A 282 -9.51 -7.54 -34.64
N LEU A 283 -9.56 -7.19 -33.36
CA LEU A 283 -8.39 -7.30 -32.49
C LEU A 283 -8.07 -8.77 -32.26
N LYS A 284 -9.12 -9.59 -32.16
CA LYS A 284 -8.91 -11.01 -31.94
C LYS A 284 -8.15 -11.62 -33.12
N SER A 285 -8.64 -11.38 -34.33
CA SER A 285 -7.99 -11.92 -35.51
C SER A 285 -6.62 -11.30 -35.71
N THR A 286 -6.47 -10.03 -35.32
CA THR A 286 -5.18 -9.36 -35.46
C THR A 286 -4.13 -9.94 -34.52
N TYR A 287 -4.54 -10.35 -33.33
CA TYR A 287 -3.60 -10.86 -32.34
C TYR A 287 -3.74 -12.31 -31.91
N GLU A 288 -4.54 -13.11 -32.62
CA GLU A 288 -4.74 -14.51 -32.23
C GLU A 288 -3.44 -15.30 -32.16
N GLY A 289 -2.53 -15.05 -33.10
CA GLY A 289 -1.27 -15.77 -33.09
C GLY A 289 -0.15 -15.02 -32.39
N GLU A 290 -0.50 -14.06 -31.55
CA GLU A 290 0.49 -13.27 -30.84
C GLU A 290 0.56 -13.67 -29.37
N GLU A 291 1.68 -14.24 -28.97
CA GLU A 291 1.83 -14.68 -27.59
C GLU A 291 1.74 -13.59 -26.54
N PHE A 292 2.34 -12.43 -26.79
CA PHE A 292 2.34 -11.36 -25.80
C PHE A 292 1.23 -10.30 -25.85
N VAL A 293 0.28 -10.46 -26.76
CA VAL A 293 -0.84 -9.52 -26.85
C VAL A 293 -2.10 -10.37 -26.85
N LYS A 294 -2.80 -10.39 -25.71
CA LYS A 294 -4.00 -11.20 -25.59
C LYS A 294 -5.30 -10.46 -25.36
N LEU A 295 -6.32 -10.85 -26.11
CA LEU A 295 -7.66 -10.29 -25.99
C LEU A 295 -8.38 -11.20 -25.01
N LEU A 296 -8.81 -10.66 -23.88
CA LEU A 296 -9.50 -11.47 -22.88
C LEU A 296 -10.83 -11.95 -23.43
N ASN A 297 -11.39 -12.98 -22.81
CA ASN A 297 -12.66 -13.54 -23.26
C ASN A 297 -13.88 -12.81 -22.70
N GLY A 298 -14.95 -12.85 -23.47
CA GLY A 298 -16.20 -12.22 -23.08
C GLY A 298 -16.05 -10.80 -22.56
N SER A 299 -16.63 -10.53 -21.40
CA SER A 299 -16.58 -9.20 -20.81
C SER A 299 -15.56 -9.11 -19.67
N SER A 300 -14.59 -10.02 -19.66
CA SER A 300 -13.56 -10.02 -18.63
C SER A 300 -12.80 -8.69 -18.65
N VAL A 301 -12.63 -8.09 -17.48
CA VAL A 301 -11.92 -6.82 -17.38
C VAL A 301 -10.44 -7.08 -17.08
N PRO A 302 -9.55 -6.42 -17.83
CA PRO A 302 -8.11 -6.62 -17.59
C PRO A 302 -7.66 -5.90 -16.31
N HIS A 303 -6.94 -6.60 -15.44
CA HIS A 303 -6.42 -6.01 -14.21
C HIS A 303 -4.91 -5.83 -14.40
N THR A 304 -4.36 -4.71 -13.94
CA THR A 304 -2.93 -4.50 -14.06
C THR A 304 -2.22 -5.54 -13.19
N ARG A 305 -2.86 -5.90 -12.08
CA ARG A 305 -2.29 -6.87 -11.14
C ARG A 305 -2.07 -8.23 -11.79
N HIS A 306 -2.81 -8.49 -12.87
CA HIS A 306 -2.72 -9.77 -13.55
C HIS A 306 -1.64 -9.92 -14.62
N VAL A 307 -0.89 -8.86 -14.89
CA VAL A 307 0.19 -8.95 -15.87
C VAL A 307 1.54 -8.57 -15.27
N VAL A 308 1.51 -8.17 -14.01
CA VAL A 308 2.73 -7.77 -13.30
C VAL A 308 3.85 -8.81 -13.36
N GLY A 309 5.03 -8.37 -13.79
CA GLY A 309 6.16 -9.27 -13.87
C GLY A 309 6.25 -10.05 -15.16
N SER A 310 5.23 -9.95 -16.00
CA SER A 310 5.23 -10.67 -17.27
C SER A 310 5.37 -9.68 -18.41
N ASN A 311 5.58 -10.20 -19.62
CA ASN A 311 5.72 -9.36 -20.80
C ASN A 311 4.39 -9.34 -21.58
N TYR A 312 3.30 -9.61 -20.88
CA TYR A 312 1.98 -9.63 -21.50
C TYR A 312 1.29 -8.28 -21.51
N CYS A 313 0.36 -8.16 -22.45
CA CYS A 313 -0.50 -6.99 -22.60
C CYS A 313 -1.88 -7.63 -22.68
N PHE A 314 -2.73 -7.38 -21.70
CA PHE A 314 -4.08 -7.94 -21.71
C PHE A 314 -5.02 -6.80 -22.12
N MET A 315 -5.99 -7.10 -22.97
CA MET A 315 -6.92 -6.07 -23.40
C MET A 315 -8.32 -6.59 -23.69
N ASN A 316 -9.26 -5.66 -23.76
CA ASN A 316 -10.63 -5.99 -24.07
C ASN A 316 -11.30 -4.71 -24.51
N VAL A 317 -12.43 -4.84 -25.21
CA VAL A 317 -13.16 -3.68 -25.69
C VAL A 317 -14.61 -3.82 -25.24
N PHE A 318 -15.19 -2.72 -24.79
CA PHE A 318 -16.56 -2.72 -24.30
C PHE A 318 -17.44 -1.67 -24.97
N GLU A 319 -18.75 -1.89 -24.91
CA GLU A 319 -19.71 -0.96 -25.47
C GLU A 319 -19.79 0.24 -24.54
N ASP A 320 -19.89 1.44 -25.11
CA ASP A 320 -19.99 2.65 -24.32
C ASP A 320 -21.49 2.93 -24.18
N ARG A 321 -21.89 3.58 -23.10
CA ARG A 321 -23.31 3.90 -22.89
C ARG A 321 -23.77 4.86 -23.99
N ILE A 322 -22.86 5.72 -24.45
CA ILE A 322 -23.18 6.67 -25.51
C ILE A 322 -23.20 5.92 -26.85
N PRO A 323 -24.31 6.05 -27.61
CA PRO A 323 -24.42 5.38 -28.91
C PRO A 323 -23.26 5.72 -29.85
N GLY A 324 -22.72 4.71 -30.51
CA GLY A 324 -21.63 4.93 -31.44
C GLY A 324 -20.24 4.95 -30.83
N ARG A 325 -20.15 4.83 -29.52
CA ARG A 325 -18.85 4.84 -28.84
C ARG A 325 -18.47 3.51 -28.22
N ALA A 326 -17.18 3.33 -28.00
CA ALA A 326 -16.66 2.11 -27.40
C ALA A 326 -15.61 2.47 -26.38
N ILE A 327 -15.30 1.52 -25.51
CA ILE A 327 -14.29 1.71 -24.49
C ILE A 327 -13.30 0.56 -24.60
N ILE A 328 -12.03 0.88 -24.77
CA ILE A 328 -10.98 -0.12 -24.89
C ILE A 328 -10.06 -0.03 -23.68
N ILE A 329 -9.79 -1.17 -23.05
CA ILE A 329 -8.90 -1.19 -21.90
C ILE A 329 -7.69 -2.07 -22.19
N SER A 330 -6.50 -1.52 -21.97
CA SER A 330 -5.26 -2.22 -22.21
C SER A 330 -4.31 -2.09 -21.01
N VAL A 331 -3.80 -3.22 -20.54
CA VAL A 331 -2.88 -3.22 -19.42
C VAL A 331 -1.58 -3.97 -19.72
N ILE A 332 -0.49 -3.48 -19.11
CA ILE A 332 0.82 -4.09 -19.24
C ILE A 332 1.61 -3.74 -17.97
N ASP A 333 2.75 -4.40 -17.80
CA ASP A 333 3.63 -4.09 -16.70
C ASP A 333 4.51 -3.02 -17.35
N ASN A 334 4.39 -1.78 -16.87
CA ASN A 334 5.15 -0.66 -17.43
C ASN A 334 6.65 -0.92 -17.53
N LEU A 335 7.17 -1.79 -16.66
CA LEU A 335 8.59 -2.10 -16.67
C LEU A 335 8.99 -3.24 -17.62
N VAL A 336 8.05 -4.09 -18.00
CA VAL A 336 8.36 -5.20 -18.89
C VAL A 336 7.91 -4.90 -20.33
N LYS A 337 6.71 -5.33 -20.72
CA LYS A 337 6.24 -5.06 -22.08
C LYS A 337 6.28 -3.56 -22.35
N GLY A 338 6.16 -2.75 -21.30
CA GLY A 338 6.22 -1.32 -21.47
C GLY A 338 7.64 -0.79 -21.58
N ALA A 339 8.63 -1.66 -21.36
CA ALA A 339 10.01 -1.21 -21.42
C ALA A 339 11.03 -2.32 -21.73
N SER A 340 11.71 -2.79 -20.68
CA SER A 340 12.74 -3.82 -20.84
C SER A 340 12.30 -5.14 -21.43
N GLY A 341 11.07 -5.55 -21.16
CA GLY A 341 10.59 -6.80 -21.71
C GLY A 341 10.48 -6.73 -23.23
N GLN A 342 9.94 -5.63 -23.72
CA GLN A 342 9.79 -5.44 -25.16
C GLN A 342 11.16 -5.22 -25.80
N ALA A 343 12.08 -4.63 -25.04
CA ALA A 343 13.41 -4.39 -25.55
C ALA A 343 14.04 -5.74 -25.83
N VAL A 344 13.85 -6.68 -24.89
CA VAL A 344 14.39 -8.02 -25.03
C VAL A 344 13.66 -8.77 -26.15
N GLN A 345 12.36 -8.54 -26.27
CA GLN A 345 11.56 -9.19 -27.30
C GLN A 345 12.13 -8.77 -28.65
N ASN A 346 12.50 -7.50 -28.76
CA ASN A 346 13.03 -6.98 -30.00
C ASN A 346 14.42 -7.53 -30.32
N LEU A 347 15.29 -7.64 -29.32
CA LEU A 347 16.61 -8.18 -29.56
C LEU A 347 16.54 -9.65 -29.98
N ASN A 348 15.59 -10.39 -29.42
CA ASN A 348 15.44 -11.80 -29.80
C ASN A 348 15.17 -11.85 -31.29
N LEU A 349 14.20 -11.05 -31.73
CA LEU A 349 13.80 -10.98 -33.13
C LEU A 349 15.00 -10.59 -34.02
N MET A 350 15.76 -9.60 -33.57
CA MET A 350 16.91 -9.12 -34.32
C MET A 350 18.03 -10.16 -34.40
N MET A 351 18.15 -11.00 -33.37
CA MET A 351 19.19 -12.03 -33.33
C MET A 351 18.73 -13.35 -33.95
N GLY A 352 17.48 -13.42 -34.40
CA GLY A 352 16.99 -14.65 -35.00
C GLY A 352 16.53 -15.68 -33.98
N LEU A 353 16.28 -15.25 -32.75
CA LEU A 353 15.83 -16.17 -31.72
C LEU A 353 14.32 -16.04 -31.52
N PRO A 354 13.68 -17.10 -31.00
CA PRO A 354 12.24 -17.01 -30.80
C PRO A 354 11.98 -15.79 -29.91
N GLU A 355 10.92 -15.04 -30.21
CA GLU A 355 10.61 -13.84 -29.44
C GLU A 355 10.36 -14.06 -27.95
N ASN A 356 9.82 -15.21 -27.58
CA ASN A 356 9.52 -15.46 -26.16
C ASN A 356 10.71 -15.96 -25.34
N THR A 357 11.88 -16.08 -25.97
CA THR A 357 13.08 -16.53 -25.28
C THR A 357 13.37 -15.68 -24.04
N GLY A 358 13.34 -16.31 -22.87
CA GLY A 358 13.60 -15.61 -21.63
C GLY A 358 12.47 -14.67 -21.23
N LEU A 359 11.30 -14.83 -21.85
CA LEU A 359 10.16 -13.97 -21.57
C LEU A 359 8.87 -14.74 -21.25
N GLN A 360 9.00 -15.95 -20.75
CA GLN A 360 7.82 -16.75 -20.44
C GLN A 360 7.41 -16.74 -18.97
N TYR A 361 8.02 -15.85 -18.20
CA TYR A 361 7.71 -15.70 -16.78
C TYR A 361 6.23 -15.34 -16.63
N GLN A 362 5.48 -16.14 -15.89
CA GLN A 362 4.06 -15.87 -15.69
C GLN A 362 3.91 -14.78 -14.64
N PRO A 363 2.81 -14.02 -14.68
CA PRO A 363 2.57 -12.93 -13.73
C PRO A 363 2.70 -13.30 -12.26
N LEU A 364 3.33 -12.42 -11.49
CA LEU A 364 3.50 -12.67 -10.07
C LEU A 364 2.28 -12.13 -9.32
N PHE A 365 1.32 -13.01 -9.09
CA PHE A 365 0.11 -12.66 -8.37
C PHE A 365 -0.23 -13.82 -7.45
N PRO A 366 -0.59 -13.54 -6.19
CA PRO A 366 -0.69 -12.19 -5.62
C PRO A 366 0.69 -11.57 -5.40
N LYS B 19 -19.29 19.37 24.08
CA LYS B 19 -20.63 19.68 23.52
C LYS B 19 -21.18 21.01 24.10
N SER B 20 -22.22 21.54 23.45
CA SER B 20 -22.84 22.78 23.89
C SER B 20 -24.12 23.04 23.10
N GLY B 21 -25.01 23.87 23.66
CA GLY B 21 -26.26 24.19 22.98
C GLY B 21 -27.13 22.97 22.71
N GLU B 22 -28.29 22.92 23.37
CA GLU B 22 -29.27 21.83 23.25
C GLU B 22 -28.82 20.62 22.44
N GLU B 23 -28.81 19.47 23.11
CA GLU B 23 -28.41 18.20 22.51
C GLU B 23 -29.44 17.64 21.53
N VAL B 24 -28.95 17.07 20.43
CA VAL B 24 -29.81 16.47 19.42
C VAL B 24 -29.55 14.96 19.45
N ARG B 25 -30.53 14.20 19.93
CA ARG B 25 -30.39 12.75 20.03
C ARG B 25 -30.49 12.06 18.66
N ILE B 26 -29.41 11.37 18.30
CA ILE B 26 -29.32 10.69 17.01
C ILE B 26 -29.44 9.17 17.05
N ALA B 27 -30.08 8.61 16.04
CA ALA B 27 -30.21 7.17 15.89
C ALA B 27 -29.53 6.85 14.57
N VAL B 28 -28.77 5.77 14.53
CA VAL B 28 -28.10 5.37 13.30
C VAL B 28 -28.55 3.96 12.92
N LEU B 29 -29.34 3.86 11.86
CA LEU B 29 -29.85 2.58 11.40
C LEU B 29 -28.90 1.95 10.40
N GLY B 30 -28.36 0.79 10.76
CA GLY B 30 -27.41 0.11 9.90
C GLY B 30 -26.06 0.76 10.13
N ALA B 31 -25.58 0.65 11.37
CA ALA B 31 -24.33 1.27 11.76
C ALA B 31 -23.09 0.38 11.78
N SER B 32 -23.25 -0.91 11.49
CA SER B 32 -22.11 -1.81 11.52
C SER B 32 -21.13 -1.70 10.36
N GLY B 33 -21.40 -0.81 9.41
CA GLY B 33 -20.50 -0.65 8.27
C GLY B 33 -19.57 0.54 8.42
N TYR B 34 -18.80 0.84 7.37
CA TYR B 34 -17.88 1.96 7.41
C TYR B 34 -18.65 3.27 7.49
N THR B 35 -19.85 3.27 6.89
CA THR B 35 -20.71 4.45 6.91
C THR B 35 -21.01 4.82 8.34
N GLY B 36 -21.49 3.85 9.10
CA GLY B 36 -21.81 4.08 10.49
C GLY B 36 -20.60 4.46 11.32
N ALA B 37 -19.48 3.79 11.08
CA ALA B 37 -18.27 4.09 11.83
C ALA B 37 -17.88 5.54 11.57
N GLU B 38 -18.04 5.99 10.33
CA GLU B 38 -17.70 7.35 9.94
C GLU B 38 -18.61 8.34 10.66
N ILE B 39 -19.90 8.02 10.73
CA ILE B 39 -20.85 8.90 11.41
C ILE B 39 -20.44 9.02 12.88
N VAL B 40 -20.07 7.89 13.48
CA VAL B 40 -19.66 7.92 14.88
C VAL B 40 -18.44 8.81 15.04
N ARG B 41 -17.48 8.66 14.15
CA ARG B 41 -16.26 9.47 14.22
C ARG B 41 -16.55 10.96 14.09
N LEU B 42 -17.38 11.32 13.12
CA LEU B 42 -17.72 12.72 12.89
C LEU B 42 -18.55 13.32 14.02
N LEU B 43 -19.51 12.56 14.55
CA LEU B 43 -20.35 13.08 15.62
C LEU B 43 -19.60 13.23 16.93
N ALA B 44 -18.49 12.51 17.08
CA ALA B 44 -17.69 12.61 18.30
C ALA B 44 -17.13 14.03 18.36
N ASN B 45 -17.05 14.67 17.20
CA ASN B 45 -16.53 16.03 17.08
C ASN B 45 -17.65 17.06 16.95
N HIS B 46 -18.89 16.60 17.03
CA HIS B 46 -20.04 17.49 16.91
C HIS B 46 -20.58 17.89 18.28
N PRO B 47 -20.57 19.20 18.59
CA PRO B 47 -21.06 19.70 19.87
C PRO B 47 -22.51 19.38 20.23
N GLN B 48 -23.38 19.23 19.23
CA GLN B 48 -24.79 18.95 19.52
C GLN B 48 -25.29 17.52 19.23
N PHE B 49 -24.90 16.97 18.08
CA PHE B 49 -25.35 15.63 17.73
C PHE B 49 -24.76 14.57 18.65
N ARG B 50 -25.64 13.77 19.27
CA ARG B 50 -25.22 12.72 20.17
C ARG B 50 -25.93 11.41 19.82
N ILE B 51 -25.16 10.38 19.52
CA ILE B 51 -25.76 9.10 19.16
C ILE B 51 -26.35 8.43 20.41
N LYS B 52 -27.61 8.04 20.32
CA LYS B 52 -28.28 7.39 21.43
C LYS B 52 -28.77 5.99 21.04
N VAL B 53 -28.95 5.77 19.74
CA VAL B 53 -29.42 4.49 19.24
C VAL B 53 -28.64 4.07 17.99
N MET B 54 -28.30 2.80 17.91
CA MET B 54 -27.56 2.25 16.77
C MET B 54 -28.09 0.85 16.48
N THR B 55 -28.42 0.59 15.21
CA THR B 55 -28.95 -0.71 14.86
C THR B 55 -28.08 -1.48 13.88
N ALA B 56 -28.23 -2.80 13.94
CA ALA B 56 -27.50 -3.74 13.10
C ALA B 56 -28.15 -5.09 13.39
N ASP B 57 -28.45 -5.86 12.35
CA ASP B 57 -29.06 -7.15 12.56
C ASP B 57 -28.04 -8.25 12.83
N ARG B 58 -27.06 -8.39 11.94
CA ARG B 58 -26.04 -9.41 12.09
C ARG B 58 -25.26 -9.27 13.40
N LYS B 59 -24.87 -8.04 13.73
CA LYS B 59 -24.10 -7.81 14.94
C LYS B 59 -24.90 -7.19 16.07
N ALA B 60 -26.19 -7.52 16.13
CA ALA B 60 -27.06 -7.00 17.19
C ALA B 60 -26.60 -7.51 18.55
N GLY B 61 -26.63 -6.65 19.54
CA GLY B 61 -26.23 -7.03 20.88
C GLY B 61 -24.78 -6.74 21.21
N GLU B 62 -23.94 -6.49 20.20
CA GLU B 62 -22.53 -6.21 20.43
C GLU B 62 -22.22 -4.75 20.70
N GLN B 63 -21.12 -4.50 21.40
CA GLN B 63 -20.70 -3.14 21.69
C GLN B 63 -20.01 -2.64 20.42
N PHE B 64 -20.24 -1.39 20.08
CA PHE B 64 -19.64 -0.85 18.86
C PHE B 64 -18.12 -0.92 18.90
N GLY B 65 -17.55 -0.80 20.09
CA GLY B 65 -16.12 -0.86 20.26
C GLY B 65 -15.52 -2.23 19.91
N SER B 66 -16.36 -3.26 19.95
CA SER B 66 -15.90 -4.61 19.63
C SER B 66 -15.93 -4.80 18.12
N VAL B 67 -16.86 -4.13 17.47
CA VAL B 67 -17.00 -4.20 16.02
C VAL B 67 -15.91 -3.34 15.39
N PHE B 68 -15.72 -2.15 15.95
CA PHE B 68 -14.71 -1.21 15.47
C PHE B 68 -13.76 -0.82 16.61
N PRO B 69 -12.70 -1.60 16.82
CA PRO B 69 -11.72 -1.35 17.88
C PRO B 69 -11.15 0.07 17.93
N HIS B 70 -11.16 0.80 16.81
CA HIS B 70 -10.62 2.14 16.85
C HIS B 70 -11.54 3.11 17.59
N LEU B 71 -12.74 2.65 17.94
CA LEU B 71 -13.71 3.50 18.64
C LEU B 71 -13.98 3.09 20.09
N ILE B 72 -13.10 2.28 20.66
CA ILE B 72 -13.25 1.80 22.03
C ILE B 72 -13.40 2.84 23.13
N THR B 73 -12.84 4.03 22.94
CA THR B 73 -12.94 5.05 23.99
C THR B 73 -14.28 5.79 23.98
N GLN B 74 -15.11 5.51 22.98
CA GLN B 74 -16.39 6.19 22.87
C GLN B 74 -17.54 5.55 23.65
N ASP B 75 -18.36 6.39 24.26
CA ASP B 75 -19.49 5.94 25.04
C ASP B 75 -20.71 5.80 24.15
N LEU B 76 -20.97 4.58 23.73
CA LEU B 76 -22.09 4.29 22.83
C LEU B 76 -22.97 3.16 23.34
N PRO B 77 -24.22 3.12 22.86
CA PRO B 77 -25.14 2.06 23.26
C PRO B 77 -24.82 0.81 22.44
N ASN B 78 -25.23 -0.35 22.95
CA ASN B 78 -25.01 -1.59 22.24
C ASN B 78 -25.88 -1.60 20.99
N LEU B 79 -25.40 -2.24 19.94
CA LEU B 79 -26.16 -2.33 18.70
C LEU B 79 -27.43 -3.11 19.00
N VAL B 80 -28.56 -2.69 18.43
CA VAL B 80 -29.82 -3.37 18.65
C VAL B 80 -30.44 -3.70 17.30
N ALA B 81 -31.25 -4.76 17.24
CA ALA B 81 -31.91 -5.13 15.98
C ALA B 81 -32.88 -4.00 15.66
N VAL B 82 -32.97 -3.64 14.39
CA VAL B 82 -33.83 -2.54 13.97
C VAL B 82 -35.27 -2.68 14.47
N LYS B 83 -35.76 -3.92 14.53
CA LYS B 83 -37.13 -4.15 14.98
C LYS B 83 -37.31 -3.83 16.47
N ASP B 84 -36.22 -3.87 17.22
CA ASP B 84 -36.29 -3.58 18.65
C ASP B 84 -35.84 -2.16 18.96
N ALA B 85 -35.73 -1.34 17.92
CA ALA B 85 -35.30 0.04 18.08
C ALA B 85 -36.40 0.93 18.64
N ASP B 86 -36.01 1.84 19.53
CA ASP B 86 -36.95 2.78 20.13
C ASP B 86 -36.59 4.20 19.69
N PHE B 87 -37.50 4.83 18.97
CA PHE B 87 -37.29 6.18 18.45
C PHE B 87 -37.98 7.26 19.28
N SER B 88 -38.57 6.87 20.40
CA SER B 88 -39.28 7.82 21.25
C SER B 88 -38.37 8.92 21.80
N ASN B 89 -37.10 8.61 22.00
CA ASN B 89 -36.16 9.59 22.51
C ASN B 89 -35.04 9.89 21.52
N VAL B 90 -35.43 10.00 20.25
CA VAL B 90 -34.51 10.30 19.17
C VAL B 90 -35.09 11.47 18.40
N ASP B 91 -34.23 12.40 17.99
CA ASP B 91 -34.70 13.58 17.25
C ASP B 91 -34.47 13.45 15.75
N ALA B 92 -33.30 12.94 15.38
CA ALA B 92 -32.96 12.77 13.96
C ALA B 92 -32.42 11.38 13.70
N VAL B 93 -32.45 10.97 12.44
CA VAL B 93 -31.99 9.64 12.07
C VAL B 93 -31.12 9.58 10.81
N PHE B 94 -29.99 8.88 10.91
CA PHE B 94 -29.10 8.67 9.78
C PHE B 94 -29.39 7.22 9.41
N CYS B 95 -29.68 6.97 8.14
CA CYS B 95 -30.02 5.63 7.70
C CYS B 95 -29.07 5.05 6.66
N CSO B 96 -28.55 3.86 6.95
CA CSO B 96 -27.65 3.16 6.04
CB CSO B 96 -26.09 3.23 6.33
SG CSO B 96 -25.21 2.35 5.02
C CSO B 96 -28.06 1.68 6.00
O CSO B 96 -27.27 0.78 6.30
OD CSO B 96 -25.50 3.22 3.59
N LEU B 97 -29.31 1.45 5.64
CA LEU B 97 -29.85 0.10 5.56
C LEU B 97 -29.55 -0.50 4.18
N PRO B 98 -29.57 -1.83 4.07
CA PRO B 98 -29.30 -2.52 2.81
C PRO B 98 -29.78 -1.80 1.54
N HIS B 99 -30.95 -2.20 1.06
CA HIS B 99 -31.54 -1.66 -0.15
C HIS B 99 -32.75 -2.55 -0.37
N GLY B 100 -33.92 -1.94 -0.59
CA GLY B 100 -35.12 -2.72 -0.76
C GLY B 100 -35.71 -2.88 0.64
N THR B 101 -34.93 -2.43 1.62
CA THR B 101 -35.32 -2.49 3.03
C THR B 101 -35.50 -1.08 3.57
N THR B 102 -34.73 -0.15 3.00
CA THR B 102 -34.77 1.25 3.41
C THR B 102 -36.13 1.93 3.26
N GLN B 103 -36.71 1.84 2.07
CA GLN B 103 -38.00 2.47 1.79
C GLN B 103 -39.10 2.08 2.78
N GLU B 104 -39.21 0.77 3.04
CA GLU B 104 -40.23 0.26 3.94
C GLU B 104 -40.00 0.75 5.37
N ILE B 105 -38.75 0.74 5.82
CA ILE B 105 -38.42 1.18 7.17
C ILE B 105 -38.63 2.69 7.36
N ILE B 106 -38.11 3.49 6.42
CA ILE B 106 -38.27 4.93 6.54
C ILE B 106 -39.74 5.31 6.54
N LYS B 107 -40.52 4.65 5.69
CA LYS B 107 -41.95 4.90 5.60
C LYS B 107 -42.62 4.74 6.97
N GLY B 108 -42.12 3.80 7.76
CA GLY B 108 -42.70 3.54 9.07
C GLY B 108 -42.19 4.35 10.24
N LEU B 109 -41.20 5.21 10.02
CA LEU B 109 -40.66 6.03 11.09
C LEU B 109 -41.61 7.15 11.47
N PRO B 110 -41.52 7.64 12.72
CA PRO B 110 -42.38 8.72 13.23
C PRO B 110 -42.35 9.97 12.36
N GLN B 111 -43.55 10.44 12.00
CA GLN B 111 -43.76 11.61 11.15
C GLN B 111 -43.33 12.91 11.85
N GLU B 112 -42.17 12.90 12.50
CA GLU B 112 -41.69 14.08 13.19
C GLU B 112 -40.18 14.09 13.28
N LEU B 113 -39.57 13.00 12.83
CA LEU B 113 -38.13 12.88 12.85
C LEU B 113 -37.50 13.47 11.60
N LYS B 114 -36.30 14.02 11.75
CA LYS B 114 -35.54 14.55 10.62
C LYS B 114 -34.80 13.31 10.14
N ILE B 115 -34.87 13.02 8.84
CA ILE B 115 -34.22 11.81 8.34
C ILE B 115 -33.28 12.03 7.16
N VAL B 116 -32.07 11.48 7.29
CA VAL B 116 -31.09 11.56 6.21
C VAL B 116 -30.74 10.12 5.85
N ASP B 117 -31.19 9.70 4.68
CA ASP B 117 -30.92 8.35 4.21
C ASP B 117 -29.68 8.36 3.35
N LEU B 118 -28.69 7.54 3.71
CA LEU B 118 -27.46 7.48 2.93
C LEU B 118 -27.54 6.46 1.79
N SER B 119 -28.61 5.66 1.76
CA SER B 119 -28.77 4.69 0.67
C SER B 119 -29.23 5.43 -0.56
N ALA B 120 -29.33 4.72 -1.67
CA ALA B 120 -29.76 5.33 -2.94
C ALA B 120 -31.26 5.24 -3.18
N ASP B 121 -31.97 4.52 -2.31
CA ASP B 121 -33.40 4.32 -2.49
C ASP B 121 -34.30 5.54 -2.67
N PHE B 122 -33.89 6.71 -2.22
CA PHE B 122 -34.72 7.90 -2.38
C PHE B 122 -34.07 8.97 -3.27
N ARG B 123 -32.97 8.61 -3.92
CA ARG B 123 -32.25 9.56 -4.78
C ARG B 123 -32.91 9.79 -6.15
N LEU B 124 -33.55 8.76 -6.70
CA LEU B 124 -34.21 8.90 -8.00
C LEU B 124 -35.64 9.37 -7.84
N ARG B 125 -35.96 10.51 -8.45
CA ARG B 125 -37.31 11.08 -8.38
C ARG B 125 -38.30 10.29 -9.25
N ASP B 126 -37.87 9.85 -10.42
CA ASP B 126 -38.74 9.09 -11.31
C ASP B 126 -38.85 7.65 -10.83
N ILE B 127 -39.98 7.31 -10.24
CA ILE B 127 -40.20 5.96 -9.73
C ILE B 127 -40.09 4.89 -10.83
N ASN B 128 -40.50 5.23 -12.05
CA ASN B 128 -40.40 4.29 -13.16
C ASN B 128 -38.94 3.97 -13.44
N GLU B 129 -38.09 4.99 -13.33
CA GLU B 129 -36.66 4.80 -13.56
C GLU B 129 -36.10 3.86 -12.51
N TYR B 130 -36.57 4.02 -11.27
CA TYR B 130 -36.12 3.18 -10.18
C TYR B 130 -36.38 1.71 -10.50
N ALA B 131 -37.62 1.39 -10.87
CA ALA B 131 -37.98 0.03 -11.21
C ALA B 131 -37.21 -0.40 -12.46
N GLU B 132 -37.27 0.44 -13.49
CA GLU B 132 -36.59 0.16 -14.74
C GLU B 132 -35.09 -0.10 -14.56
N TRP B 133 -34.53 0.31 -13.42
CA TRP B 133 -33.11 0.10 -13.15
C TRP B 133 -32.82 -0.89 -12.03
N TYR B 134 -33.79 -1.14 -11.16
CA TYR B 134 -33.57 -2.06 -10.04
C TYR B 134 -34.45 -3.30 -10.05
N GLY B 135 -35.29 -3.45 -11.07
CA GLY B 135 -36.15 -4.61 -11.15
C GLY B 135 -37.48 -4.45 -10.44
N HIS B 136 -37.44 -4.40 -9.10
CA HIS B 136 -38.65 -4.25 -8.30
C HIS B 136 -39.13 -2.81 -8.26
N SER B 137 -40.41 -2.62 -7.95
CA SER B 137 -41.00 -1.29 -7.87
C SER B 137 -40.53 -0.52 -6.65
N HIS B 138 -40.69 0.80 -6.72
CA HIS B 138 -40.33 1.69 -5.61
C HIS B 138 -41.41 1.41 -4.56
N ARG B 139 -41.01 1.14 -3.32
CA ARG B 139 -41.97 0.84 -2.25
C ARG B 139 -42.57 2.04 -1.53
N ALA B 140 -42.01 3.22 -1.73
CA ALA B 140 -42.54 4.42 -1.07
C ALA B 140 -42.57 5.58 -2.06
N PRO B 141 -43.33 5.43 -3.16
CA PRO B 141 -43.45 6.47 -4.19
C PRO B 141 -44.01 7.78 -3.63
N GLU B 142 -44.94 7.67 -2.69
CA GLU B 142 -45.52 8.85 -2.08
C GLU B 142 -44.46 9.63 -1.31
N LEU B 143 -43.64 8.92 -0.54
CA LEU B 143 -42.59 9.55 0.24
C LEU B 143 -41.54 10.14 -0.68
N GLN B 144 -41.30 9.46 -1.80
CA GLN B 144 -40.31 9.90 -2.77
C GLN B 144 -40.52 11.34 -3.21
N GLN B 145 -41.78 11.72 -3.46
CA GLN B 145 -42.10 13.07 -3.89
C GLN B 145 -41.73 14.10 -2.85
N GLU B 146 -41.62 13.65 -1.60
CA GLU B 146 -41.27 14.51 -0.48
C GLU B 146 -39.76 14.60 -0.24
N ALA B 147 -39.03 13.54 -0.60
CA ALA B 147 -37.59 13.50 -0.38
C ALA B 147 -36.84 14.56 -1.18
N VAL B 148 -35.78 15.10 -0.59
CA VAL B 148 -34.97 16.11 -1.26
C VAL B 148 -33.53 15.59 -1.48
N TYR B 149 -33.03 15.74 -2.70
CA TYR B 149 -31.68 15.29 -3.02
C TYR B 149 -30.68 16.13 -2.21
N GLY B 150 -29.87 15.45 -1.40
CA GLY B 150 -28.92 16.12 -0.53
C GLY B 150 -27.59 16.67 -1.01
N LEU B 151 -27.53 17.22 -2.23
CA LEU B 151 -26.28 17.80 -2.71
C LEU B 151 -26.33 19.21 -2.14
N THR B 152 -25.80 19.32 -0.93
CA THR B 152 -25.83 20.55 -0.15
C THR B 152 -25.65 21.88 -0.85
N GLU B 153 -24.50 22.10 -1.48
CA GLU B 153 -24.24 23.37 -2.15
C GLU B 153 -25.18 23.66 -3.31
N VAL B 154 -25.86 22.64 -3.81
CA VAL B 154 -26.77 22.80 -4.94
C VAL B 154 -28.24 22.96 -4.58
N LEU B 155 -28.69 22.23 -3.56
CA LEU B 155 -30.10 22.31 -3.15
C LEU B 155 -30.23 22.75 -1.69
N ARG B 156 -29.35 23.63 -1.26
CA ARG B 156 -29.35 24.12 0.11
C ARG B 156 -30.72 24.55 0.63
N ASN B 157 -31.38 25.43 -0.10
CA ASN B 157 -32.69 25.92 0.33
C ASN B 157 -33.72 24.81 0.55
N GLU B 158 -33.83 23.87 -0.39
CA GLU B 158 -34.78 22.78 -0.25
C GLU B 158 -34.44 21.87 0.93
N ILE B 159 -33.16 21.56 1.07
CA ILE B 159 -32.69 20.70 2.15
C ILE B 159 -33.05 21.27 3.51
N ARG B 160 -32.90 22.59 3.67
CA ARG B 160 -33.23 23.25 4.93
C ARG B 160 -34.62 22.91 5.42
N ASN B 161 -35.58 22.87 4.49
CA ASN B 161 -36.98 22.62 4.81
C ASN B 161 -37.47 21.18 4.69
N ALA B 162 -36.58 20.26 4.34
CA ALA B 162 -36.99 18.87 4.19
C ALA B 162 -37.00 18.05 5.47
N ARG B 163 -37.89 17.05 5.51
CA ARG B 163 -37.97 16.15 6.65
C ARG B 163 -37.13 14.95 6.27
N LEU B 164 -37.24 14.54 5.00
CA LEU B 164 -36.49 13.41 4.48
C LEU B 164 -35.52 13.84 3.39
N VAL B 165 -34.24 13.58 3.62
CA VAL B 165 -33.21 13.94 2.65
C VAL B 165 -32.53 12.68 2.11
N ALA B 166 -32.46 12.58 0.79
CA ALA B 166 -31.81 11.46 0.15
C ALA B 166 -30.36 11.89 -0.07
N ASN B 167 -29.46 11.41 0.78
CA ASN B 167 -28.05 11.78 0.68
C ASN B 167 -27.45 11.22 -0.59
N PRO B 168 -26.79 12.08 -1.39
CA PRO B 168 -26.14 11.71 -2.66
C PRO B 168 -25.09 10.62 -2.54
N GLY B 169 -24.85 9.91 -3.64
CA GLY B 169 -23.83 8.88 -3.66
C GLY B 169 -22.48 9.58 -3.81
N CYS B 170 -21.39 8.87 -3.61
CA CYS B 170 -20.06 9.47 -3.72
C CYS B 170 -19.67 9.94 -5.12
N TYR B 171 -19.65 9.04 -6.10
CA TYR B 171 -19.31 9.45 -7.47
C TYR B 171 -20.16 10.63 -7.95
N PRO B 172 -21.49 10.57 -7.77
CA PRO B 172 -22.37 11.65 -8.20
C PRO B 172 -22.08 13.02 -7.57
N THR B 173 -21.66 13.01 -6.31
CA THR B 173 -21.34 14.25 -5.62
C THR B 173 -20.12 14.93 -6.22
N SER B 174 -19.10 14.14 -6.48
CA SER B 174 -17.85 14.66 -7.05
C SER B 174 -18.06 15.14 -8.48
N ILE B 175 -19.04 14.56 -9.16
CA ILE B 175 -19.33 14.89 -10.55
C ILE B 175 -20.29 16.06 -10.77
N GLN B 176 -21.38 16.10 -10.02
CA GLN B 176 -22.38 17.15 -10.17
C GLN B 176 -21.97 18.54 -9.68
N LEU B 177 -21.10 18.59 -8.67
CA LEU B 177 -20.67 19.87 -8.15
C LEU B 177 -20.05 20.70 -9.28
N PRO B 178 -19.13 20.11 -10.05
CA PRO B 178 -18.57 20.92 -11.13
C PRO B 178 -19.49 21.01 -12.36
N LEU B 179 -20.03 19.88 -12.81
CA LEU B 179 -20.88 19.87 -14.00
C LEU B 179 -22.21 20.63 -13.98
N VAL B 180 -22.97 20.51 -12.90
CA VAL B 180 -24.27 21.20 -12.81
C VAL B 180 -24.21 22.70 -13.13
N PRO B 181 -23.38 23.47 -12.41
CA PRO B 181 -23.28 24.90 -12.65
C PRO B 181 -22.91 25.22 -14.11
N LEU B 182 -21.95 24.48 -14.64
CA LEU B 182 -21.48 24.69 -16.00
C LEU B 182 -22.55 24.41 -17.06
N ILE B 183 -23.39 23.42 -16.78
CA ILE B 183 -24.45 23.07 -17.72
C ILE B 183 -25.56 24.12 -17.65
N LYS B 184 -25.90 24.55 -16.44
CA LYS B 184 -26.94 25.56 -16.26
C LYS B 184 -26.52 26.85 -16.94
N ALA B 185 -25.23 27.12 -16.94
CA ALA B 185 -24.71 28.33 -17.57
C ALA B 185 -24.50 28.08 -19.05
N LYS B 186 -24.76 26.84 -19.47
CA LYS B 186 -24.59 26.46 -20.87
C LYS B 186 -23.18 26.74 -21.38
N LEU B 187 -22.19 26.49 -20.53
CA LEU B 187 -20.80 26.73 -20.91
C LEU B 187 -20.19 25.48 -21.53
N ILE B 188 -20.81 24.33 -21.31
CA ILE B 188 -20.33 23.09 -21.89
C ILE B 188 -21.50 22.36 -22.55
N LYS B 189 -21.20 21.62 -23.61
CA LYS B 189 -22.23 20.89 -24.32
C LYS B 189 -22.57 19.69 -23.47
N VAL B 190 -23.72 19.09 -23.73
CA VAL B 190 -24.16 17.95 -22.96
C VAL B 190 -23.92 16.66 -23.74
N SER B 191 -23.17 16.80 -24.83
CA SER B 191 -22.84 15.67 -25.69
C SER B 191 -21.41 15.20 -25.42
N ASN B 192 -21.20 13.89 -25.55
CA ASN B 192 -19.88 13.30 -25.34
C ASN B 192 -19.22 13.62 -24.01
N ILE B 193 -20.00 13.62 -22.93
CA ILE B 193 -19.45 13.86 -21.59
C ILE B 193 -18.84 12.52 -21.19
N ILE B 194 -17.52 12.43 -21.25
CA ILE B 194 -16.82 11.20 -20.91
C ILE B 194 -16.23 11.28 -19.50
N ILE B 195 -16.61 10.34 -18.65
CA ILE B 195 -16.12 10.33 -17.28
C ILE B 195 -15.42 9.04 -16.87
N ASP B 196 -14.19 9.19 -16.37
CA ASP B 196 -13.42 8.07 -15.88
C ASP B 196 -13.25 8.42 -14.42
N ALA B 197 -13.80 7.60 -13.53
CA ALA B 197 -13.71 7.89 -12.10
C ALA B 197 -12.94 6.81 -11.34
N LYS B 198 -12.25 7.23 -10.29
CA LYS B 198 -11.45 6.33 -9.47
C LYS B 198 -11.86 6.42 -8.01
N SER B 199 -11.89 5.28 -7.32
CA SER B 199 -12.26 5.29 -5.91
C SER B 199 -11.51 4.29 -5.06
N GLY B 200 -11.29 4.65 -3.79
CA GLY B 200 -10.63 3.75 -2.87
C GLY B 200 -11.58 2.59 -2.63
N VAL B 201 -11.05 1.44 -2.24
CA VAL B 201 -11.88 0.26 -2.03
C VAL B 201 -12.80 0.33 -0.80
N SER B 202 -12.64 1.35 0.03
CA SER B 202 -13.50 1.47 1.20
C SER B 202 -14.94 1.66 0.75
N GLY B 203 -15.10 2.08 -0.50
CA GLY B 203 -16.42 2.29 -1.06
C GLY B 203 -17.12 0.97 -1.29
N ALA B 204 -16.35 -0.12 -1.30
CA ALA B 204 -16.91 -1.45 -1.51
C ALA B 204 -17.53 -2.04 -0.22
N GLY B 205 -17.27 -1.40 0.92
CA GLY B 205 -17.85 -1.90 2.16
C GLY B 205 -16.99 -2.91 2.92
N ARG B 206 -17.41 -3.22 4.14
CA ARG B 206 -16.69 -4.14 5.02
C ARG B 206 -17.15 -5.60 4.82
N GLY B 207 -18.00 -5.83 3.84
CA GLY B 207 -18.46 -7.19 3.59
C GLY B 207 -17.32 -8.13 3.28
N ALA B 208 -17.38 -9.34 3.85
CA ALA B 208 -16.35 -10.35 3.62
C ALA B 208 -16.48 -10.83 2.18
N LYS B 209 -15.57 -10.37 1.33
CA LYS B 209 -15.59 -10.74 -0.08
C LYS B 209 -14.18 -11.01 -0.60
N GLU B 210 -14.03 -12.06 -1.39
CA GLU B 210 -12.74 -12.41 -1.96
C GLU B 210 -12.12 -11.27 -2.78
N ALA B 211 -12.94 -10.65 -3.63
CA ALA B 211 -12.47 -9.57 -4.50
C ALA B 211 -11.89 -8.35 -3.78
N ASN B 212 -12.31 -8.12 -2.54
CA ASN B 212 -11.83 -6.95 -1.80
C ASN B 212 -10.71 -7.23 -0.80
N LEU B 213 -10.17 -8.43 -0.85
CA LEU B 213 -9.07 -8.84 0.03
C LEU B 213 -7.83 -8.01 -0.29
N TYR B 214 -6.99 -7.77 0.71
CA TYR B 214 -5.77 -7.00 0.49
C TYR B 214 -4.98 -7.60 -0.67
N THR B 215 -4.84 -8.93 -0.69
CA THR B 215 -4.11 -9.62 -1.73
C THR B 215 -4.68 -9.45 -3.13
N GLU B 216 -5.99 -9.26 -3.23
CA GLU B 216 -6.63 -9.11 -4.54
C GLU B 216 -6.73 -7.66 -4.99
N ILE B 217 -6.47 -6.73 -4.09
CA ILE B 217 -6.57 -5.30 -4.38
C ILE B 217 -5.23 -4.56 -4.45
N ALA B 218 -4.38 -4.77 -3.45
CA ALA B 218 -3.07 -4.11 -3.37
C ALA B 218 -2.22 -4.18 -4.63
N GLU B 219 -1.53 -3.08 -4.92
CA GLU B 219 -0.63 -3.01 -6.07
C GLU B 219 -1.29 -3.31 -7.41
N GLY B 220 -2.53 -2.85 -7.56
CA GLY B 220 -3.25 -3.08 -8.80
C GLY B 220 -4.54 -2.28 -8.83
N ILE B 221 -5.08 -2.12 -10.03
CA ILE B 221 -6.32 -1.40 -10.24
C ILE B 221 -7.07 -2.08 -11.36
N HIS B 222 -8.36 -1.79 -11.47
CA HIS B 222 -9.19 -2.34 -12.54
C HIS B 222 -10.49 -1.60 -12.61
N ALA B 223 -11.04 -1.54 -13.82
CA ALA B 223 -12.33 -0.88 -14.03
C ALA B 223 -13.41 -1.87 -13.61
N TYR B 224 -14.59 -1.35 -13.31
CA TYR B 224 -15.73 -2.20 -12.95
C TYR B 224 -17.01 -1.49 -13.37
N GLY B 225 -18.14 -2.15 -13.16
CA GLY B 225 -19.42 -1.57 -13.51
C GLY B 225 -19.48 -0.97 -14.90
N ILE B 226 -18.73 -1.53 -15.84
CA ILE B 226 -18.73 -1.00 -17.20
C ILE B 226 -20.15 -0.99 -17.77
N LYS B 227 -20.60 0.20 -18.14
CA LYS B 227 -21.93 0.40 -18.68
C LYS B 227 -22.98 -0.28 -17.80
N GLY B 228 -23.44 0.43 -16.77
CA GLY B 228 -24.45 -0.14 -15.92
C GLY B 228 -24.28 0.09 -14.43
N HIS B 229 -23.42 1.03 -14.05
CA HIS B 229 -23.23 1.30 -12.63
C HIS B 229 -24.49 2.01 -12.13
N ARG B 230 -24.96 1.62 -10.95
CA ARG B 230 -26.17 2.21 -10.39
C ARG B 230 -26.12 3.71 -10.10
N HIS B 231 -24.94 4.31 -10.21
CA HIS B 231 -24.82 5.76 -9.97
C HIS B 231 -25.12 6.54 -11.25
N VAL B 232 -25.13 5.85 -12.39
CA VAL B 232 -25.38 6.53 -13.67
C VAL B 232 -26.72 7.28 -13.74
N PRO B 233 -27.83 6.61 -13.39
CA PRO B 233 -29.09 7.35 -13.47
C PRO B 233 -29.15 8.53 -12.50
N GLU B 234 -28.46 8.40 -11.37
CA GLU B 234 -28.44 9.46 -10.36
C GLU B 234 -27.70 10.66 -10.94
N ILE B 235 -26.57 10.40 -11.60
CA ILE B 235 -25.78 11.45 -12.21
C ILE B 235 -26.56 12.11 -13.35
N GLU B 236 -27.14 11.30 -14.23
CA GLU B 236 -27.89 11.84 -15.36
C GLU B 236 -29.12 12.61 -14.92
N GLN B 237 -29.69 12.25 -13.77
CA GLN B 237 -30.85 12.95 -13.26
C GLN B 237 -30.47 14.40 -12.98
N GLY B 238 -29.33 14.58 -12.30
CA GLY B 238 -28.87 15.91 -11.97
C GLY B 238 -28.47 16.72 -13.19
N LEU B 239 -27.78 16.08 -14.13
CA LEU B 239 -27.33 16.74 -15.34
C LEU B 239 -28.49 17.11 -16.26
N SER B 240 -29.48 16.23 -16.37
CA SER B 240 -30.64 16.50 -17.22
C SER B 240 -31.44 17.68 -16.67
N GLU B 241 -31.54 17.76 -15.36
CA GLU B 241 -32.28 18.85 -14.73
C GLU B 241 -31.59 20.17 -15.13
N ALA B 242 -30.28 20.19 -14.98
CA ALA B 242 -29.48 21.37 -15.31
C ALA B 242 -29.58 21.76 -16.78
N ALA B 243 -29.60 20.75 -17.66
CA ALA B 243 -29.67 21.01 -19.10
C ALA B 243 -31.09 21.19 -19.63
N GLU B 244 -32.07 20.68 -18.88
CA GLU B 244 -33.47 20.75 -19.27
C GLU B 244 -33.72 19.85 -20.49
N SER B 245 -32.92 18.80 -20.61
CA SER B 245 -33.04 17.82 -21.68
C SER B 245 -32.39 16.54 -21.15
N LYS B 246 -32.71 15.41 -21.77
CA LYS B 246 -32.16 14.13 -21.36
C LYS B 246 -30.66 14.03 -21.65
N VAL B 247 -29.86 13.89 -20.60
CA VAL B 247 -28.41 13.80 -20.74
C VAL B 247 -27.90 12.37 -20.60
N THR B 248 -27.27 11.86 -21.65
CA THR B 248 -26.70 10.50 -21.64
C THR B 248 -25.18 10.58 -21.55
N ILE B 249 -24.63 10.15 -20.43
CA ILE B 249 -23.19 10.21 -20.21
C ILE B 249 -22.49 8.87 -20.38
N SER B 250 -21.17 8.93 -20.34
CA SER B 250 -20.32 7.76 -20.40
C SER B 250 -19.62 7.80 -19.05
N PHE B 251 -19.89 6.81 -18.21
CA PHE B 251 -19.31 6.75 -16.87
C PHE B 251 -18.58 5.43 -16.63
N THR B 252 -17.30 5.50 -16.34
CA THR B 252 -16.53 4.30 -16.09
C THR B 252 -15.75 4.36 -14.78
N PRO B 253 -16.22 3.64 -13.75
CA PRO B 253 -15.55 3.63 -12.45
C PRO B 253 -14.35 2.69 -12.41
N ASN B 254 -13.42 2.96 -11.50
CA ASN B 254 -12.21 2.14 -11.35
C ASN B 254 -11.89 1.93 -9.86
N LEU B 255 -11.61 0.70 -9.47
CA LEU B 255 -11.30 0.40 -8.08
C LEU B 255 -9.79 0.57 -7.87
N ILE B 256 -9.43 1.50 -7.00
CA ILE B 256 -8.03 1.82 -6.73
C ILE B 256 -7.49 1.16 -5.48
N CYS B 257 -6.21 0.81 -5.51
CA CYS B 257 -5.57 0.19 -4.36
C CYS B 257 -5.21 1.22 -3.31
N MET B 258 -6.25 1.76 -2.67
CA MET B 258 -6.12 2.72 -1.59
C MET B 258 -7.42 2.63 -0.82
N LYS B 259 -7.38 2.88 0.49
CA LYS B 259 -8.59 2.79 1.31
C LYS B 259 -9.59 3.92 1.09
N ARG B 260 -9.14 5.17 1.26
CA ARG B 260 -9.98 6.36 1.11
C ARG B 260 -9.60 7.22 -0.11
N GLY B 261 -10.56 7.97 -0.61
CA GLY B 261 -10.29 8.85 -1.73
C GLY B 261 -11.07 8.57 -2.99
N MET B 262 -11.39 9.65 -3.70
CA MET B 262 -12.14 9.53 -4.94
C MET B 262 -11.77 10.66 -5.88
N GLN B 263 -11.61 10.32 -7.16
CA GLN B 263 -11.28 11.31 -8.18
C GLN B 263 -12.10 11.05 -9.45
N SER B 264 -12.83 12.06 -9.89
CA SER B 264 -13.59 11.94 -11.13
C SER B 264 -12.98 12.90 -12.13
N THR B 265 -12.71 12.40 -13.33
CA THR B 265 -12.14 13.22 -14.38
C THR B 265 -13.19 13.27 -15.48
N MET B 266 -13.68 14.47 -15.75
CA MET B 266 -14.70 14.67 -16.76
C MET B 266 -14.14 15.34 -18.00
N PHE B 267 -14.18 14.61 -19.11
CA PHE B 267 -13.70 15.13 -20.39
C PHE B 267 -14.93 15.64 -21.13
N VAL B 268 -15.06 16.95 -21.22
CA VAL B 268 -16.22 17.56 -21.86
C VAL B 268 -15.94 18.47 -23.04
N GLU B 269 -17.00 18.76 -23.80
CA GLU B 269 -16.92 19.64 -24.96
C GLU B 269 -17.50 20.98 -24.57
N MET B 270 -16.74 22.05 -24.78
CA MET B 270 -17.22 23.38 -24.43
C MET B 270 -18.12 23.95 -25.51
N ALA B 271 -18.99 24.87 -25.11
CA ALA B 271 -19.91 25.53 -26.04
C ALA B 271 -19.09 26.46 -26.91
N PRO B 272 -19.64 26.87 -28.06
CA PRO B 272 -18.97 27.77 -29.01
C PRO B 272 -18.37 29.01 -28.34
N GLY B 273 -17.11 29.29 -28.67
CA GLY B 273 -16.43 30.45 -28.14
C GLY B 273 -16.03 30.37 -26.67
N VAL B 274 -16.38 29.28 -26.01
CA VAL B 274 -16.05 29.10 -24.59
C VAL B 274 -14.66 28.50 -24.40
N THR B 275 -13.91 29.02 -23.44
CA THR B 275 -12.57 28.52 -23.15
C THR B 275 -12.53 27.89 -21.76
N ALA B 276 -11.47 27.16 -21.48
CA ALA B 276 -11.31 26.51 -20.19
C ALA B 276 -11.34 27.57 -19.08
N ASN B 277 -10.68 28.70 -19.31
CA ASN B 277 -10.65 29.76 -18.32
C ASN B 277 -12.07 30.24 -18.02
N ASP B 278 -12.93 30.26 -19.03
CA ASP B 278 -14.32 30.67 -18.83
C ASP B 278 -14.96 29.69 -17.84
N LEU B 279 -14.68 28.41 -18.03
CA LEU B 279 -15.23 27.38 -17.14
C LEU B 279 -14.68 27.63 -15.74
N TYR B 280 -13.38 27.86 -15.66
CA TYR B 280 -12.73 28.10 -14.38
C TYR B 280 -13.37 29.29 -13.66
N GLN B 281 -13.48 30.41 -14.35
CA GLN B 281 -14.06 31.62 -13.77
C GLN B 281 -15.50 31.43 -13.29
N HIS B 282 -16.28 30.60 -13.98
CA HIS B 282 -17.67 30.39 -13.56
C HIS B 282 -17.73 29.52 -12.30
N LEU B 283 -16.84 28.53 -12.20
CA LEU B 283 -16.80 27.68 -11.02
C LEU B 283 -16.25 28.50 -9.86
N LYS B 284 -15.30 29.37 -10.17
CA LYS B 284 -14.68 30.25 -9.19
C LYS B 284 -15.75 31.15 -8.59
N SER B 285 -16.57 31.72 -9.45
CA SER B 285 -17.65 32.59 -9.01
C SER B 285 -18.74 31.81 -8.28
N THR B 286 -19.05 30.63 -8.78
CA THR B 286 -20.08 29.79 -8.18
C THR B 286 -19.79 29.32 -6.76
N TYR B 287 -18.56 28.87 -6.52
CA TYR B 287 -18.18 28.33 -5.22
C TYR B 287 -17.28 29.23 -4.38
N GLU B 288 -17.28 30.52 -4.70
CA GLU B 288 -16.45 31.50 -4.00
C GLU B 288 -16.76 31.53 -2.50
N GLY B 289 -18.04 31.53 -2.15
CA GLY B 289 -18.42 31.56 -0.75
C GLY B 289 -18.69 30.21 -0.13
N GLU B 290 -18.39 29.13 -0.87
CA GLU B 290 -18.63 27.79 -0.36
C GLU B 290 -17.41 27.22 0.35
N GLU B 291 -17.56 26.94 1.63
CA GLU B 291 -16.45 26.42 2.44
C GLU B 291 -15.97 25.03 2.03
N PHE B 292 -16.88 24.14 1.66
CA PHE B 292 -16.48 22.77 1.33
C PHE B 292 -16.23 22.44 -0.15
N VAL B 293 -16.40 23.40 -1.05
CA VAL B 293 -16.12 23.17 -2.46
C VAL B 293 -15.09 24.21 -2.85
N LYS B 294 -13.85 23.76 -2.99
CA LYS B 294 -12.72 24.64 -3.31
C LYS B 294 -12.16 24.47 -4.71
N LEU B 295 -12.02 25.58 -5.43
CA LEU B 295 -11.43 25.56 -6.76
C LEU B 295 -9.96 25.94 -6.53
N LEU B 296 -9.05 25.03 -6.88
CA LEU B 296 -7.62 25.29 -6.69
C LEU B 296 -7.12 26.41 -7.58
N ASN B 297 -5.95 26.93 -7.24
CA ASN B 297 -5.36 28.04 -8.00
C ASN B 297 -4.55 27.62 -9.21
N GLY B 298 -4.48 28.53 -10.18
CA GLY B 298 -3.72 28.28 -11.38
C GLY B 298 -3.98 26.91 -11.97
N SER B 299 -2.91 26.16 -12.21
CA SER B 299 -3.03 24.83 -12.79
C SER B 299 -2.75 23.76 -11.73
N SER B 300 -3.02 24.10 -10.46
CA SER B 300 -2.80 23.16 -9.38
C SER B 300 -3.69 21.94 -9.55
N VAL B 301 -3.07 20.77 -9.53
CA VAL B 301 -3.78 19.51 -9.69
C VAL B 301 -4.26 18.97 -8.34
N PRO B 302 -5.55 18.63 -8.24
CA PRO B 302 -6.12 18.10 -7.00
C PRO B 302 -5.68 16.66 -6.76
N HIS B 303 -5.15 16.38 -5.57
CA HIS B 303 -4.74 15.02 -5.23
C HIS B 303 -5.79 14.47 -4.27
N THR B 304 -6.18 13.21 -4.44
CA THR B 304 -7.16 12.63 -3.54
C THR B 304 -6.55 12.56 -2.13
N ARG B 305 -5.23 12.41 -2.06
CA ARG B 305 -4.55 12.33 -0.77
C ARG B 305 -4.67 13.62 0.04
N HIS B 306 -5.02 14.72 -0.64
CA HIS B 306 -5.12 16.01 0.01
C HIS B 306 -6.46 16.38 0.65
N VAL B 307 -7.45 15.50 0.54
CA VAL B 307 -8.77 15.76 1.13
C VAL B 307 -9.20 14.63 2.06
N VAL B 308 -8.34 13.62 2.20
CA VAL B 308 -8.63 12.47 3.04
C VAL B 308 -9.00 12.85 4.48
N GLY B 309 -10.15 12.36 4.93
CA GLY B 309 -10.60 12.64 6.29
C GLY B 309 -11.36 13.94 6.43
N SER B 310 -11.36 14.75 5.39
CA SER B 310 -12.06 16.04 5.42
C SER B 310 -13.34 16.01 4.61
N ASN B 311 -14.17 17.03 4.78
CA ASN B 311 -15.42 17.13 4.04
C ASN B 311 -15.23 18.02 2.81
N TYR B 312 -13.99 18.13 2.33
CA TYR B 312 -13.72 18.97 1.18
C TYR B 312 -13.83 18.30 -0.18
N CYS B 313 -14.02 19.14 -1.18
CA CYS B 313 -14.06 18.74 -2.58
C CYS B 313 -13.12 19.76 -3.21
N PHE B 314 -12.00 19.28 -3.75
CA PHE B 314 -11.03 20.14 -4.42
C PHE B 314 -11.21 19.88 -5.91
N MET B 315 -11.26 20.94 -6.70
CA MET B 315 -11.43 20.79 -8.13
C MET B 315 -10.68 21.84 -8.93
N ASN B 316 -10.42 21.55 -10.19
CA ASN B 316 -9.78 22.49 -11.10
C ASN B 316 -10.17 22.05 -12.50
N VAL B 317 -10.03 22.95 -13.46
CA VAL B 317 -10.37 22.64 -14.85
C VAL B 317 -9.20 23.04 -15.74
N PHE B 318 -8.93 22.22 -16.75
CA PHE B 318 -7.82 22.48 -17.67
C PHE B 318 -8.30 22.37 -19.10
N GLU B 319 -7.57 22.99 -20.02
CA GLU B 319 -7.98 22.88 -21.41
C GLU B 319 -7.43 21.57 -21.95
N ASP B 320 -8.21 20.95 -22.84
CA ASP B 320 -7.85 19.69 -23.46
C ASP B 320 -6.97 19.97 -24.67
N ARG B 321 -6.17 18.99 -25.07
CA ARG B 321 -5.32 19.15 -26.24
C ARG B 321 -6.18 19.26 -27.49
N ILE B 322 -7.38 18.68 -27.42
CA ILE B 322 -8.31 18.72 -28.55
C ILE B 322 -9.11 20.02 -28.49
N PRO B 323 -9.01 20.85 -29.55
CA PRO B 323 -9.74 22.13 -29.61
C PRO B 323 -11.21 22.03 -29.19
N GLY B 324 -11.65 22.97 -28.36
CA GLY B 324 -13.02 22.99 -27.92
C GLY B 324 -13.35 22.10 -26.74
N ARG B 325 -12.35 21.34 -26.28
CA ARG B 325 -12.56 20.45 -25.15
C ARG B 325 -11.87 20.95 -23.89
N ALA B 326 -12.31 20.41 -22.75
CA ALA B 326 -11.75 20.79 -21.47
C ALA B 326 -11.71 19.57 -20.55
N ILE B 327 -10.87 19.63 -19.53
CA ILE B 327 -10.74 18.53 -18.59
C ILE B 327 -10.99 19.02 -17.18
N ILE B 328 -11.96 18.41 -16.51
CA ILE B 328 -12.32 18.79 -15.15
C ILE B 328 -11.99 17.67 -14.18
N ILE B 329 -11.27 17.99 -13.11
CA ILE B 329 -10.91 17.01 -12.11
C ILE B 329 -11.49 17.42 -10.77
N SER B 330 -12.19 16.49 -10.13
CA SER B 330 -12.81 16.75 -8.85
C SER B 330 -12.49 15.62 -7.90
N VAL B 331 -12.01 15.95 -6.71
CA VAL B 331 -11.67 14.93 -5.73
C VAL B 331 -12.35 15.18 -4.38
N ILE B 332 -12.59 14.09 -3.66
CA ILE B 332 -13.20 14.13 -2.34
C ILE B 332 -12.83 12.86 -1.60
N ASP B 333 -13.19 12.80 -0.33
CA ASP B 333 -12.97 11.58 0.44
C ASP B 333 -14.31 10.90 0.24
N ASN B 334 -14.31 9.77 -0.44
CA ASN B 334 -15.54 9.04 -0.72
C ASN B 334 -16.40 8.75 0.51
N LEU B 335 -15.77 8.68 1.67
CA LEU B 335 -16.49 8.39 2.93
C LEU B 335 -17.03 9.61 3.65
N VAL B 336 -16.49 10.79 3.34
CA VAL B 336 -16.94 12.01 4.01
C VAL B 336 -17.86 12.84 3.10
N LYS B 337 -17.30 13.74 2.30
CA LYS B 337 -18.15 14.53 1.41
C LYS B 337 -18.91 13.61 0.47
N GLY B 338 -18.35 12.42 0.23
CA GLY B 338 -19.00 11.45 -0.63
C GLY B 338 -20.05 10.63 0.09
N ALA B 339 -20.14 10.80 1.41
CA ALA B 339 -21.11 10.05 2.20
C ALA B 339 -21.52 10.69 3.53
N SER B 340 -20.96 10.19 4.63
CA SER B 340 -21.29 10.66 5.97
C SER B 340 -21.03 12.14 6.26
N GLY B 341 -20.03 12.71 5.62
CA GLY B 341 -19.74 14.12 5.84
C GLY B 341 -20.88 14.97 5.32
N GLN B 342 -21.34 14.67 4.11
CA GLN B 342 -22.44 15.43 3.51
C GLN B 342 -23.74 15.16 4.28
N ALA B 343 -23.89 13.94 4.79
CA ALA B 343 -25.09 13.62 5.55
C ALA B 343 -25.16 14.52 6.78
N VAL B 344 -24.03 14.67 7.46
CA VAL B 344 -23.99 15.52 8.63
C VAL B 344 -24.19 16.97 8.22
N GLN B 345 -23.61 17.34 7.08
CA GLN B 345 -23.73 18.70 6.58
C GLN B 345 -25.21 19.02 6.38
N ASN B 346 -25.94 18.09 5.77
CA ASN B 346 -27.36 18.29 5.53
C ASN B 346 -28.17 18.34 6.83
N LEU B 347 -27.90 17.42 7.75
CA LEU B 347 -28.64 17.44 9.01
C LEU B 347 -28.41 18.75 9.75
N ASN B 348 -27.22 19.34 9.60
CA ASN B 348 -26.93 20.61 10.25
C ASN B 348 -27.92 21.67 9.73
N LEU B 349 -28.12 21.67 8.42
CA LEU B 349 -29.05 22.63 7.79
C LEU B 349 -30.46 22.41 8.28
N MET B 350 -30.87 21.14 8.31
CA MET B 350 -32.22 20.77 8.74
C MET B 350 -32.49 21.12 10.21
N MET B 351 -31.48 21.00 11.05
CA MET B 351 -31.62 21.31 12.47
C MET B 351 -31.37 22.78 12.79
N GLY B 352 -31.06 23.57 11.76
CA GLY B 352 -30.80 24.99 11.97
C GLY B 352 -29.44 25.34 12.55
N LEU B 353 -28.48 24.42 12.44
CA LEU B 353 -27.14 24.65 12.96
C LEU B 353 -26.16 25.07 11.87
N PRO B 354 -25.05 25.72 12.23
CA PRO B 354 -24.11 26.11 11.20
C PRO B 354 -23.73 24.87 10.40
N GLU B 355 -23.76 25.01 9.09
CA GLU B 355 -23.46 23.93 8.16
C GLU B 355 -22.17 23.16 8.45
N ASN B 356 -21.12 23.87 8.84
CA ASN B 356 -19.82 23.25 9.11
C ASN B 356 -19.64 22.68 10.50
N THR B 357 -20.71 22.66 11.29
CA THR B 357 -20.62 22.14 12.65
C THR B 357 -20.05 20.73 12.66
N GLY B 358 -18.91 20.57 13.32
CA GLY B 358 -18.27 19.28 13.43
C GLY B 358 -17.69 18.72 12.15
N LEU B 359 -17.50 19.58 11.17
CA LEU B 359 -16.96 19.16 9.87
C LEU B 359 -15.74 19.97 9.49
N GLN B 360 -15.03 20.49 10.49
CA GLN B 360 -13.85 21.30 10.22
C GLN B 360 -12.52 20.57 10.32
N TYR B 361 -12.58 19.25 10.43
CA TYR B 361 -11.40 18.39 10.50
C TYR B 361 -10.57 18.63 9.23
N GLN B 362 -9.30 18.98 9.39
CA GLN B 362 -8.44 19.20 8.23
C GLN B 362 -7.94 17.85 7.72
N PRO B 363 -7.61 17.76 6.42
CA PRO B 363 -7.12 16.51 5.82
C PRO B 363 -5.97 15.85 6.58
N LEU B 364 -6.02 14.53 6.67
CA LEU B 364 -4.95 13.80 7.34
C LEU B 364 -3.90 13.43 6.29
N PHE B 365 -2.89 14.29 6.17
CA PHE B 365 -1.81 14.04 5.24
C PHE B 365 -0.53 14.40 5.98
N PRO B 366 0.49 13.55 5.90
CA PRO B 366 0.47 12.28 5.15
C PRO B 366 -0.34 11.20 5.88
N LYS C 19 -12.88 28.57 18.08
CA LYS C 19 -12.16 29.61 18.88
C LYS C 19 -12.99 30.08 20.08
N SER C 20 -12.37 30.07 21.25
CA SER C 20 -13.07 30.51 22.47
C SER C 20 -12.02 30.92 23.51
N GLY C 21 -12.46 31.34 24.69
CA GLY C 21 -11.52 31.73 25.74
C GLY C 21 -10.52 32.77 25.27
N GLU C 22 -9.39 32.88 25.96
CA GLU C 22 -8.37 33.85 25.61
C GLU C 22 -7.39 33.20 24.64
N GLU C 23 -7.18 33.88 23.50
CA GLU C 23 -6.29 33.41 22.45
C GLU C 23 -4.82 33.38 22.84
N VAL C 24 -4.16 32.28 22.49
CA VAL C 24 -2.74 32.10 22.76
C VAL C 24 -2.00 32.16 21.43
N ARG C 25 -1.18 33.19 21.25
CA ARG C 25 -0.42 33.40 20.03
C ARG C 25 0.72 32.39 19.93
N ILE C 26 0.67 31.55 18.90
CA ILE C 26 1.66 30.50 18.68
C ILE C 26 2.65 30.75 17.55
N ALA C 27 3.87 30.29 17.76
CA ALA C 27 4.91 30.40 16.76
C ALA C 27 5.40 28.98 16.52
N VAL C 28 5.52 28.60 15.25
CA VAL C 28 6.00 27.28 14.89
C VAL C 28 7.31 27.48 14.14
N LEU C 29 8.41 27.01 14.73
CA LEU C 29 9.72 27.15 14.12
C LEU C 29 10.12 25.88 13.39
N GLY C 30 10.28 25.98 12.07
CA GLY C 30 10.66 24.83 11.28
C GLY C 30 9.41 24.05 10.95
N ALA C 31 8.48 24.70 10.24
CA ALA C 31 7.20 24.08 9.92
C ALA C 31 7.08 23.41 8.55
N SER C 32 8.14 23.36 7.76
CA SER C 32 8.06 22.76 6.43
C SER C 32 8.06 21.23 6.40
N GLY C 33 8.27 20.59 7.55
CA GLY C 33 8.27 19.14 7.59
C GLY C 33 6.91 18.60 8.00
N TYR C 34 6.80 17.28 8.14
CA TYR C 34 5.53 16.66 8.53
C TYR C 34 5.18 17.09 9.94
N THR C 35 6.19 17.35 10.75
CA THR C 35 5.99 17.79 12.14
C THR C 35 5.16 19.05 12.13
N GLY C 36 5.57 20.01 11.30
CA GLY C 36 4.87 21.28 11.20
C GLY C 36 3.47 21.13 10.65
N ALA C 37 3.32 20.29 9.62
CA ALA C 37 2.02 20.07 9.02
C ALA C 37 1.04 19.55 10.06
N GLU C 38 1.50 18.64 10.92
CA GLU C 38 0.65 18.07 11.97
C GLU C 38 0.24 19.10 13.02
N ILE C 39 1.18 19.97 13.40
CA ILE C 39 0.89 21.01 14.37
C ILE C 39 -0.18 21.93 13.80
N VAL C 40 -0.03 22.27 12.52
CA VAL C 40 -1.01 23.13 11.86
C VAL C 40 -2.35 22.40 11.87
N ARG C 41 -2.36 21.14 11.46
CA ARG C 41 -3.59 20.36 11.43
C ARG C 41 -4.28 20.33 12.79
N LEU C 42 -3.52 19.98 13.81
CA LEU C 42 -4.05 19.92 15.17
C LEU C 42 -4.54 21.25 15.72
N LEU C 43 -3.76 22.31 15.52
CA LEU C 43 -4.16 23.62 16.03
C LEU C 43 -5.38 24.20 15.34
N ALA C 44 -5.71 23.67 14.16
CA ALA C 44 -6.89 24.14 13.43
C ALA C 44 -8.12 23.74 14.24
N ASN C 45 -7.96 22.75 15.09
CA ASN C 45 -9.06 22.24 15.93
C ASN C 45 -8.97 22.75 17.37
N HIS C 46 -7.99 23.59 17.67
CA HIS C 46 -7.81 24.09 19.02
C HIS C 46 -8.47 25.45 19.22
N PRO C 47 -9.39 25.55 20.18
CA PRO C 47 -10.11 26.80 20.47
C PRO C 47 -9.30 28.01 20.97
N GLN C 48 -8.11 27.79 21.52
CA GLN C 48 -7.30 28.89 22.03
C GLN C 48 -5.97 29.10 21.30
N PHE C 49 -5.29 28.01 20.93
CA PHE C 49 -4.01 28.11 20.24
C PHE C 49 -4.18 28.58 18.80
N ARG C 50 -3.53 29.69 18.48
CA ARG C 50 -3.62 30.26 17.14
C ARG C 50 -2.22 30.54 16.61
N ILE C 51 -1.89 29.98 15.45
CA ILE C 51 -0.58 30.18 14.86
C ILE C 51 -0.49 31.59 14.30
N LYS C 52 0.52 32.34 14.75
CA LYS C 52 0.71 33.71 14.29
C LYS C 52 2.03 33.89 13.55
N VAL C 53 2.95 32.96 13.75
CA VAL C 53 4.27 33.01 13.13
C VAL C 53 4.78 31.60 12.78
N MET C 54 5.22 31.42 11.53
CA MET C 54 5.75 30.13 11.08
C MET C 54 7.04 30.36 10.30
N THR C 55 8.07 29.56 10.60
CA THR C 55 9.34 29.72 9.90
C THR C 55 9.79 28.48 9.16
N ALA C 56 10.55 28.71 8.10
CA ALA C 56 11.10 27.66 7.25
C ALA C 56 12.15 28.35 6.37
N ASP C 57 13.37 28.43 6.88
CA ASP C 57 14.46 29.08 6.17
C ASP C 57 14.62 28.77 4.70
N ARG C 58 14.39 27.53 4.31
CA ARG C 58 14.51 27.15 2.90
C ARG C 58 13.30 27.56 2.07
N LYS C 59 12.22 27.96 2.74
CA LYS C 59 11.01 28.35 2.03
C LYS C 59 10.41 29.67 2.52
N ALA C 60 11.27 30.61 2.89
CA ALA C 60 10.82 31.91 3.37
C ALA C 60 10.13 32.71 2.28
N GLY C 61 9.01 33.35 2.64
CA GLY C 61 8.25 34.14 1.69
C GLY C 61 7.15 33.35 1.03
N GLU C 62 7.16 32.04 1.23
CA GLU C 62 6.15 31.15 0.63
C GLU C 62 4.91 30.98 1.48
N GLN C 63 3.82 30.58 0.82
CA GLN C 63 2.56 30.32 1.49
C GLN C 63 2.60 28.86 1.90
N PHE C 64 2.23 28.58 3.14
CA PHE C 64 2.25 27.21 3.63
C PHE C 64 1.41 26.30 2.76
N GLY C 65 0.31 26.84 2.24
CA GLY C 65 -0.56 26.07 1.37
C GLY C 65 0.15 25.64 0.10
N SER C 66 1.25 26.32 -0.21
CA SER C 66 2.02 25.99 -1.40
C SER C 66 2.93 24.82 -1.06
N VAL C 67 3.33 24.73 0.19
CA VAL C 67 4.20 23.66 0.66
C VAL C 67 3.38 22.41 0.96
N PHE C 68 2.22 22.61 1.57
CA PHE C 68 1.31 21.51 1.90
C PHE C 68 -0.08 21.80 1.32
N PRO C 69 -0.33 21.32 0.09
CA PRO C 69 -1.62 21.53 -0.58
C PRO C 69 -2.86 21.08 0.21
N HIS C 70 -2.68 20.15 1.14
CA HIS C 70 -3.84 19.68 1.90
C HIS C 70 -4.32 20.70 2.92
N LEU C 71 -3.56 21.77 3.13
CA LEU C 71 -3.94 22.80 4.09
C LEU C 71 -4.25 24.14 3.44
N ILE C 72 -4.52 24.12 2.14
CA ILE C 72 -4.82 25.34 1.39
C ILE C 72 -5.95 26.21 1.94
N THR C 73 -6.90 25.60 2.67
CA THR C 73 -8.02 26.38 3.20
C THR C 73 -7.73 27.07 4.52
N GLN C 74 -6.54 26.89 5.06
CA GLN C 74 -6.18 27.49 6.33
C GLN C 74 -5.56 28.87 6.22
N ASP C 75 -6.07 29.80 7.02
CA ASP C 75 -5.56 31.17 7.04
C ASP C 75 -4.30 31.18 7.90
N LEU C 76 -3.16 31.18 7.25
CA LEU C 76 -1.89 31.16 7.96
C LEU C 76 -0.95 32.25 7.46
N PRO C 77 -0.07 32.75 8.35
CA PRO C 77 0.88 33.80 7.95
C PRO C 77 1.88 33.17 6.98
N ASN C 78 2.53 34.01 6.17
CA ASN C 78 3.52 33.50 5.24
C ASN C 78 4.78 33.13 6.01
N LEU C 79 5.46 32.09 5.55
CA LEU C 79 6.68 31.62 6.19
C LEU C 79 7.78 32.68 6.16
N VAL C 80 8.50 32.80 7.27
CA VAL C 80 9.60 33.74 7.36
C VAL C 80 10.83 32.98 7.82
N ALA C 81 12.01 33.59 7.69
CA ALA C 81 13.23 32.93 8.14
C ALA C 81 13.20 33.09 9.66
N VAL C 82 13.65 32.06 10.37
CA VAL C 82 13.64 32.12 11.83
C VAL C 82 14.37 33.35 12.37
N LYS C 83 15.39 33.81 11.66
CA LYS C 83 16.15 34.98 12.10
C LYS C 83 15.31 36.25 12.07
N ASP C 84 14.22 36.23 11.31
CA ASP C 84 13.35 37.41 11.21
C ASP C 84 12.08 37.25 12.03
N ALA C 85 11.97 36.14 12.75
CA ALA C 85 10.79 35.88 13.57
C ALA C 85 10.75 36.81 14.79
N ASP C 86 9.61 37.46 15.01
CA ASP C 86 9.46 38.35 16.15
C ASP C 86 8.69 37.61 17.23
N PHE C 87 9.33 37.44 18.40
CA PHE C 87 8.71 36.73 19.51
C PHE C 87 8.15 37.64 20.60
N SER C 88 8.37 38.94 20.48
CA SER C 88 7.88 39.89 21.49
C SER C 88 6.38 39.81 21.74
N ASN C 89 5.62 39.41 20.72
CA ASN C 89 4.17 39.31 20.87
C ASN C 89 3.68 37.87 20.65
N VAL C 90 4.51 36.92 21.06
CA VAL C 90 4.19 35.49 20.95
C VAL C 90 4.09 34.93 22.36
N ASP C 91 3.16 34.01 22.58
CA ASP C 91 2.97 33.40 23.91
C ASP C 91 3.63 32.04 24.06
N ALA C 92 3.68 31.27 22.98
CA ALA C 92 4.28 29.94 23.03
C ALA C 92 4.91 29.56 21.71
N VAL C 93 5.89 28.66 21.78
CA VAL C 93 6.61 28.21 20.59
C VAL C 93 6.75 26.69 20.49
N PHE C 94 6.49 26.17 19.28
CA PHE C 94 6.68 24.75 19.00
C PHE C 94 7.93 24.80 18.10
N CYS C 95 8.99 24.14 18.54
CA CYS C 95 10.24 24.16 17.79
C CYS C 95 10.60 22.84 17.11
N CSO C 96 10.94 22.92 15.82
CA CSO C 96 11.31 21.77 15.01
CB CSO C 96 10.16 21.11 14.14
SG CSO C 96 10.74 19.65 13.26
C CSO C 96 12.44 22.17 14.04
O CSO C 96 12.25 22.29 12.84
OD CSO C 96 11.01 18.48 14.47
N LEU C 97 13.62 22.41 14.61
CA LEU C 97 14.79 22.83 13.82
C LEU C 97 15.86 21.75 13.85
N PRO C 98 16.93 21.93 13.08
CA PRO C 98 18.02 20.93 13.06
C PRO C 98 18.73 20.89 14.41
N HIS C 99 19.51 19.83 14.64
CA HIS C 99 20.23 19.68 15.90
C HIS C 99 21.37 20.69 16.00
N GLY C 100 21.56 21.23 17.20
CA GLY C 100 22.60 22.22 17.42
C GLY C 100 22.03 23.61 17.22
N THR C 101 21.40 23.82 16.08
CA THR C 101 20.79 25.11 15.78
C THR C 101 19.66 25.34 16.78
N THR C 102 18.97 24.26 17.15
CA THR C 102 17.86 24.33 18.10
C THR C 102 18.31 24.96 19.42
N GLN C 103 19.38 24.43 20.00
CA GLN C 103 19.88 24.92 21.27
C GLN C 103 20.25 26.39 21.22
N GLU C 104 20.85 26.81 20.11
CA GLU C 104 21.24 28.20 19.95
C GLU C 104 20.02 29.11 19.91
N ILE C 105 19.05 28.75 19.06
CA ILE C 105 17.82 29.52 18.91
C ILE C 105 17.02 29.62 20.21
N ILE C 106 16.72 28.46 20.82
CA ILE C 106 15.96 28.45 22.06
C ILE C 106 16.66 29.24 23.16
N LYS C 107 17.99 29.16 23.19
CA LYS C 107 18.75 29.88 24.20
C LYS C 107 18.58 31.39 24.08
N GLY C 108 18.25 31.85 22.88
CA GLY C 108 18.07 33.28 22.67
C GLY C 108 16.66 33.79 22.79
N LEU C 109 15.68 32.87 22.79
CA LEU C 109 14.28 33.29 22.91
C LEU C 109 14.02 34.06 24.20
N PRO C 110 13.01 34.95 24.18
CA PRO C 110 12.70 35.73 25.39
C PRO C 110 12.18 34.86 26.53
N GLN C 111 12.31 35.38 27.75
CA GLN C 111 11.90 34.66 28.95
C GLN C 111 10.40 34.41 29.06
N GLU C 112 9.59 35.39 28.65
CA GLU C 112 8.14 35.26 28.76
C GLU C 112 7.54 34.36 27.68
N LEU C 113 7.93 33.09 27.69
CA LEU C 113 7.42 32.15 26.69
C LEU C 113 7.36 30.73 27.18
N LYS C 114 6.43 29.98 26.58
CA LYS C 114 6.30 28.56 26.88
C LYS C 114 6.94 27.96 25.65
N ILE C 115 7.89 27.05 25.86
CA ILE C 115 8.57 26.43 24.74
C ILE C 115 8.53 24.91 24.78
N VAL C 116 8.06 24.32 23.68
CA VAL C 116 8.01 22.87 23.55
C VAL C 116 8.88 22.56 22.34
N ASP C 117 10.04 21.95 22.60
CA ASP C 117 10.95 21.60 21.52
C ASP C 117 10.72 20.16 21.10
N LEU C 118 10.33 19.95 19.85
CA LEU C 118 10.09 18.60 19.38
C LEU C 118 11.36 17.85 19.00
N SER C 119 12.48 18.57 18.91
CA SER C 119 13.74 17.91 18.56
C SER C 119 14.25 17.11 19.76
N ALA C 120 15.42 16.51 19.62
CA ALA C 120 16.00 15.71 20.69
C ALA C 120 17.06 16.49 21.47
N ASP C 121 17.31 17.72 21.03
CA ASP C 121 18.34 18.57 21.64
C ASP C 121 18.32 18.81 23.14
N PHE C 122 17.16 18.76 23.77
CA PHE C 122 17.10 18.98 25.21
C PHE C 122 16.57 17.76 25.95
N ARG C 123 16.54 16.63 25.27
CA ARG C 123 16.02 15.40 25.88
C ARG C 123 16.98 14.72 26.84
N LEU C 124 18.24 14.61 26.45
CA LEU C 124 19.24 13.95 27.29
C LEU C 124 19.87 14.88 28.31
N ARG C 125 19.76 14.50 29.59
CA ARG C 125 20.31 15.29 30.69
C ARG C 125 21.83 15.31 30.70
N ASP C 126 22.44 14.19 30.33
CA ASP C 126 23.90 14.08 30.28
C ASP C 126 24.37 14.79 29.00
N ILE C 127 24.81 16.04 29.13
CA ILE C 127 25.26 16.79 27.96
C ILE C 127 26.37 16.08 27.19
N ASN C 128 27.12 15.22 27.88
CA ASN C 128 28.20 14.46 27.25
C ASN C 128 27.60 13.34 26.40
N GLU C 129 26.52 12.76 26.92
CA GLU C 129 25.82 11.69 26.22
C GLU C 129 25.24 12.25 24.93
N TYR C 130 25.04 13.57 24.90
CA TYR C 130 24.50 14.23 23.72
C TYR C 130 25.54 14.38 22.62
N ALA C 131 26.71 14.90 22.98
CA ALA C 131 27.78 15.10 22.01
C ALA C 131 28.22 13.76 21.40
N GLU C 132 28.19 12.72 22.22
CA GLU C 132 28.56 11.38 21.77
C GLU C 132 27.62 10.85 20.70
N TRP C 133 26.31 11.02 20.91
CA TRP C 133 25.32 10.53 19.98
C TRP C 133 24.87 11.49 18.87
N TYR C 134 25.15 12.78 19.02
CA TYR C 134 24.74 13.74 17.99
C TYR C 134 25.87 14.47 17.28
N GLY C 135 27.11 14.05 17.56
CA GLY C 135 28.26 14.63 16.90
C GLY C 135 28.77 16.02 17.24
N HIS C 136 28.28 16.63 18.32
CA HIS C 136 28.76 17.96 18.69
C HIS C 136 28.44 18.36 20.13
N SER C 137 29.25 19.26 20.68
CA SER C 137 29.08 19.73 22.05
C SER C 137 27.74 20.41 22.29
N HIS C 138 27.11 20.09 23.41
CA HIS C 138 25.82 20.69 23.77
C HIS C 138 26.01 22.20 23.88
N ARG C 139 25.24 22.95 23.10
CA ARG C 139 25.37 24.41 23.08
C ARG C 139 24.57 25.20 24.11
N ALA C 140 23.79 24.51 24.95
CA ALA C 140 23.00 25.18 25.97
C ALA C 140 22.97 24.37 27.27
N PRO C 141 24.16 24.07 27.82
CA PRO C 141 24.28 23.29 29.06
C PRO C 141 23.52 23.85 30.25
N GLU C 142 23.55 25.18 30.39
CA GLU C 142 22.85 25.84 31.49
C GLU C 142 21.37 25.52 31.37
N LEU C 143 20.83 25.82 30.20
CA LEU C 143 19.43 25.61 29.89
C LEU C 143 18.99 24.15 30.01
N GLN C 144 19.87 23.22 29.68
CA GLN C 144 19.53 21.79 29.76
C GLN C 144 19.02 21.39 31.13
N GLN C 145 19.59 21.97 32.17
CA GLN C 145 19.16 21.66 33.53
C GLN C 145 17.73 22.12 33.81
N GLU C 146 17.26 23.11 33.07
CA GLU C 146 15.91 23.63 33.24
C GLU C 146 14.86 22.91 32.40
N ALA C 147 15.31 22.16 31.39
CA ALA C 147 14.39 21.45 30.52
C ALA C 147 13.72 20.27 31.21
N VAL C 148 12.44 20.06 30.89
CA VAL C 148 11.67 18.95 31.46
C VAL C 148 11.22 18.01 30.35
N TYR C 149 11.49 16.73 30.52
CA TYR C 149 11.12 15.70 29.54
C TYR C 149 9.59 15.62 29.40
N GLY C 150 9.10 15.88 28.19
CA GLY C 150 7.66 15.88 27.94
C GLY C 150 6.81 14.62 27.84
N LEU C 151 7.09 13.59 28.62
CA LEU C 151 6.27 12.38 28.60
C LEU C 151 5.12 12.72 29.57
N THR C 152 4.09 13.38 29.02
CA THR C 152 2.95 13.88 29.76
C THR C 152 2.40 13.10 30.95
N GLU C 153 1.98 11.86 30.71
CA GLU C 153 1.41 11.05 31.76
C GLU C 153 2.39 10.70 32.88
N VAL C 154 3.68 10.74 32.59
CA VAL C 154 4.70 10.38 33.57
C VAL C 154 5.31 11.56 34.35
N LEU C 155 5.57 12.67 33.67
CA LEU C 155 6.15 13.84 34.34
C LEU C 155 5.19 15.03 34.40
N ARG C 156 3.89 14.75 34.34
CA ARG C 156 2.85 15.78 34.38
C ARG C 156 3.11 16.89 35.39
N ASN C 157 3.38 16.52 36.64
CA ASN C 157 3.63 17.48 37.69
C ASN C 157 4.73 18.47 37.30
N GLU C 158 5.87 17.93 36.87
CA GLU C 158 6.99 18.77 36.47
C GLU C 158 6.74 19.61 35.22
N ILE C 159 5.98 19.04 34.29
CA ILE C 159 5.66 19.73 33.04
C ILE C 159 4.80 20.97 33.19
N ARG C 160 3.80 20.92 34.07
CA ARG C 160 2.89 22.04 34.24
C ARG C 160 3.51 23.35 34.74
N ASN C 161 4.66 23.29 35.40
CA ASN C 161 5.27 24.55 35.81
C ASN C 161 6.68 24.67 35.24
N ALA C 162 6.86 24.09 34.06
CA ALA C 162 8.13 24.15 33.36
C ALA C 162 7.95 25.18 32.25
N ARG C 163 9.04 25.85 31.89
CA ARG C 163 9.02 26.84 30.84
C ARG C 163 9.48 26.19 29.54
N LEU C 164 10.48 25.32 29.65
CA LEU C 164 11.05 24.63 28.51
C LEU C 164 10.80 23.13 28.64
N VAL C 165 10.06 22.59 27.68
CA VAL C 165 9.74 21.18 27.66
C VAL C 165 10.42 20.53 26.46
N ALA C 166 11.10 19.42 26.70
CA ALA C 166 11.76 18.68 25.64
C ALA C 166 10.80 17.55 25.29
N ASN C 167 10.10 17.71 24.17
CA ASN C 167 9.12 16.72 23.75
C ASN C 167 9.83 15.41 23.38
N PRO C 168 9.34 14.28 23.94
CA PRO C 168 9.90 12.94 23.70
C PRO C 168 9.84 12.50 22.24
N GLY C 169 10.72 11.55 21.90
CA GLY C 169 10.72 11.01 20.54
C GLY C 169 9.57 10.02 20.46
N CYS C 170 9.27 9.52 19.27
CA CYS C 170 8.16 8.57 19.11
C CYS C 170 8.39 7.20 19.75
N TYR C 171 9.42 6.47 19.33
CA TYR C 171 9.71 5.16 19.90
C TYR C 171 9.78 5.24 21.44
N PRO C 172 10.54 6.22 21.97
CA PRO C 172 10.68 6.37 23.43
C PRO C 172 9.33 6.53 24.13
N THR C 173 8.40 7.25 23.50
CA THR C 173 7.08 7.45 24.07
C THR C 173 6.34 6.11 24.17
N SER C 174 6.32 5.36 23.08
CA SER C 174 5.62 4.08 23.06
C SER C 174 6.20 3.06 24.04
N ILE C 175 7.48 3.19 24.34
CA ILE C 175 8.16 2.27 25.23
C ILE C 175 8.13 2.63 26.72
N GLN C 176 8.34 3.90 27.04
CA GLN C 176 8.36 4.31 28.45
C GLN C 176 7.00 4.31 29.14
N LEU C 177 5.93 4.57 28.41
CA LEU C 177 4.61 4.59 29.03
C LEU C 177 4.33 3.28 29.77
N PRO C 178 4.58 2.14 29.10
CA PRO C 178 4.31 0.89 29.83
C PRO C 178 5.44 0.48 30.77
N LEU C 179 6.69 0.55 30.30
CA LEU C 179 7.83 0.12 31.11
C LEU C 179 8.18 0.92 32.37
N VAL C 180 8.09 2.25 32.31
CA VAL C 180 8.44 3.07 33.48
C VAL C 180 7.68 2.69 34.75
N PRO C 181 6.33 2.67 34.69
CA PRO C 181 5.54 2.32 35.88
C PRO C 181 5.85 0.90 36.39
N LEU C 182 6.03 -0.03 35.47
CA LEU C 182 6.32 -1.42 35.83
C LEU C 182 7.67 -1.55 36.50
N ILE C 183 8.64 -0.75 36.06
CA ILE C 183 9.98 -0.80 36.63
C ILE C 183 9.98 -0.13 38.00
N LYS C 184 9.26 0.98 38.12
CA LYS C 184 9.19 1.69 39.41
C LYS C 184 8.53 0.82 40.47
N ALA C 185 7.57 -0.01 40.06
CA ALA C 185 6.88 -0.90 40.99
C ALA C 185 7.67 -2.19 41.20
N LYS C 186 8.77 -2.33 40.44
CA LYS C 186 9.63 -3.50 40.52
C LYS C 186 8.93 -4.80 40.12
N LEU C 187 8.05 -4.72 39.13
CA LEU C 187 7.33 -5.90 38.67
C LEU C 187 8.05 -6.65 37.56
N ILE C 188 8.98 -5.96 36.90
CA ILE C 188 9.76 -6.59 35.84
C ILE C 188 11.23 -6.31 36.12
N LYS C 189 12.09 -7.22 35.68
CA LYS C 189 13.53 -7.06 35.87
C LYS C 189 14.07 -6.12 34.79
N VAL C 190 15.25 -5.56 35.03
CA VAL C 190 15.86 -4.65 34.06
C VAL C 190 16.89 -5.35 33.21
N SER C 191 16.92 -6.68 33.28
CA SER C 191 17.86 -7.47 32.48
C SER C 191 17.13 -8.06 31.29
N ASN C 192 17.83 -8.13 30.16
CA ASN C 192 17.30 -8.67 28.92
C ASN C 192 15.98 -8.11 28.42
N ILE C 193 15.84 -6.79 28.47
CA ILE C 193 14.64 -6.16 27.96
C ILE C 193 14.87 -6.12 26.45
N ILE C 194 14.19 -7.00 25.73
CA ILE C 194 14.32 -7.09 24.27
C ILE C 194 13.16 -6.34 23.63
N ILE C 195 13.48 -5.40 22.76
CA ILE C 195 12.44 -4.62 22.12
C ILE C 195 12.52 -4.63 20.59
N ASP C 196 11.44 -5.04 19.95
CA ASP C 196 11.38 -5.03 18.49
C ASP C 196 10.34 -3.99 18.17
N ALA C 197 10.77 -2.86 17.62
CA ALA C 197 9.86 -1.77 17.31
C ALA C 197 9.62 -1.60 15.80
N LYS C 198 8.39 -1.23 15.45
CA LYS C 198 8.00 -1.04 14.06
C LYS C 198 7.40 0.34 13.86
N SER C 199 7.75 0.99 12.75
CA SER C 199 7.21 2.31 12.48
C SER C 199 6.94 2.59 11.02
N GLY C 200 5.93 3.42 10.78
CA GLY C 200 5.60 3.83 9.43
C GLY C 200 6.73 4.72 8.96
N VAL C 201 6.88 4.84 7.65
CA VAL C 201 7.97 5.63 7.08
C VAL C 201 7.83 7.16 7.21
N SER C 202 6.69 7.65 7.68
CA SER C 202 6.51 9.09 7.85
C SER C 202 7.46 9.60 8.93
N GLY C 203 8.02 8.68 9.70
CA GLY C 203 8.94 9.08 10.74
C GLY C 203 10.28 9.50 10.16
N ALA C 204 10.50 9.17 8.88
CA ALA C 204 11.75 9.52 8.21
C ALA C 204 11.75 10.94 7.65
N GLY C 205 10.58 11.59 7.63
CA GLY C 205 10.50 12.96 7.14
C GLY C 205 10.24 13.13 5.65
N ARG C 206 10.13 14.39 5.23
CA ARG C 206 9.88 14.78 3.84
C ARG C 206 11.12 14.88 2.96
N GLY C 207 12.29 14.73 3.55
CA GLY C 207 13.52 14.83 2.78
C GLY C 207 13.55 13.91 1.57
N ALA C 208 14.14 14.41 0.47
CA ALA C 208 14.25 13.63 -0.75
C ALA C 208 15.35 12.58 -0.59
N LYS C 209 14.95 11.33 -0.41
CA LYS C 209 15.91 10.25 -0.24
C LYS C 209 15.47 9.02 -1.02
N GLU C 210 16.41 8.40 -1.74
CA GLU C 210 16.14 7.20 -2.52
C GLU C 210 15.53 6.12 -1.63
N ALA C 211 16.10 5.95 -0.45
CA ALA C 211 15.65 4.93 0.49
C ALA C 211 14.17 4.99 0.86
N ASN C 212 13.60 6.20 0.86
CA ASN C 212 12.21 6.36 1.26
C ASN C 212 11.19 6.53 0.13
N LEU C 213 11.62 6.18 -1.08
CA LEU C 213 10.76 6.25 -2.26
C LEU C 213 9.66 5.20 -2.14
N TYR C 214 8.50 5.47 -2.72
CA TYR C 214 7.41 4.51 -2.66
C TYR C 214 7.90 3.16 -3.14
N THR C 215 8.64 3.16 -4.25
CA THR C 215 9.15 1.93 -4.84
C THR C 215 10.13 1.14 -3.97
N GLU C 216 10.89 1.84 -3.13
CA GLU C 216 11.87 1.20 -2.28
C GLU C 216 11.29 0.77 -0.93
N ILE C 217 10.09 1.26 -0.62
CA ILE C 217 9.43 0.98 0.65
C ILE C 217 8.19 0.06 0.56
N ALA C 218 7.31 0.33 -0.38
CA ALA C 218 6.08 -0.45 -0.54
C ALA C 218 6.28 -1.96 -0.66
N GLU C 219 5.33 -2.70 -0.10
CA GLU C 219 5.33 -4.15 -0.14
C GLU C 219 6.61 -4.82 0.39
N GLY C 220 7.07 -4.36 1.54
CA GLY C 220 8.26 -4.94 2.12
C GLY C 220 8.66 -4.20 3.38
N ILE C 221 9.53 -4.83 4.19
CA ILE C 221 10.00 -4.23 5.42
C ILE C 221 11.47 -4.55 5.64
N HIS C 222 12.07 -3.93 6.65
CA HIS C 222 13.47 -4.17 6.97
C HIS C 222 13.85 -3.46 8.26
N ALA C 223 14.79 -4.04 8.98
CA ALA C 223 15.25 -3.46 10.22
C ALA C 223 16.26 -2.38 9.87
N TYR C 224 16.52 -1.47 10.79
CA TYR C 224 17.51 -0.43 10.58
C TYR C 224 18.01 0.01 11.95
N GLY C 225 18.99 0.91 11.97
CA GLY C 225 19.55 1.39 13.22
C GLY C 225 19.87 0.28 14.20
N ILE C 226 20.32 -0.85 13.68
CA ILE C 226 20.66 -1.99 14.51
C ILE C 226 21.75 -1.69 15.54
N LYS C 227 21.48 -2.09 16.78
CA LYS C 227 22.36 -1.92 17.92
C LYS C 227 22.49 -0.49 18.47
N GLY C 228 22.62 0.50 17.60
CA GLY C 228 22.76 1.86 18.10
C GLY C 228 21.89 2.97 17.52
N HIS C 229 20.58 2.90 17.75
CA HIS C 229 19.68 3.94 17.25
C HIS C 229 19.78 5.13 18.22
N ARG C 230 19.68 6.35 17.69
CA ARG C 230 19.80 7.54 18.52
C ARG C 230 18.77 7.65 19.65
N HIS C 231 17.71 6.85 19.60
CA HIS C 231 16.71 6.90 20.65
C HIS C 231 17.02 5.98 21.83
N VAL C 232 18.04 5.15 21.68
CA VAL C 232 18.44 4.22 22.74
C VAL C 232 18.76 4.95 24.06
N PRO C 233 19.67 5.95 24.02
CA PRO C 233 20.04 6.71 25.23
C PRO C 233 18.82 7.34 25.90
N GLU C 234 17.90 7.84 25.06
CA GLU C 234 16.69 8.48 25.55
C GLU C 234 15.83 7.48 26.30
N ILE C 235 15.67 6.29 25.72
CA ILE C 235 14.87 5.24 26.35
C ILE C 235 15.52 4.78 27.65
N GLU C 236 16.82 4.49 27.60
CA GLU C 236 17.52 4.02 28.78
C GLU C 236 17.54 5.08 29.88
N GLN C 237 17.62 6.35 29.49
CA GLN C 237 17.61 7.43 30.48
C GLN C 237 16.37 7.31 31.34
N GLY C 238 15.22 7.16 30.70
CA GLY C 238 13.98 7.05 31.46
C GLY C 238 13.87 5.75 32.25
N LEU C 239 14.32 4.64 31.66
CA LEU C 239 14.23 3.37 32.36
C LEU C 239 15.21 3.33 33.54
N SER C 240 16.38 3.93 33.37
CA SER C 240 17.38 3.94 34.43
C SER C 240 16.93 4.78 35.63
N GLU C 241 16.18 5.84 35.37
CA GLU C 241 15.69 6.70 36.44
C GLU C 241 14.65 5.93 37.26
N ALA C 242 13.83 5.15 36.57
CA ALA C 242 12.79 4.37 37.22
C ALA C 242 13.40 3.23 38.03
N ALA C 243 14.45 2.63 37.49
CA ALA C 243 15.12 1.50 38.12
C ALA C 243 16.14 1.89 39.18
N GLU C 244 16.64 3.12 39.07
CA GLU C 244 17.66 3.63 40.00
C GLU C 244 18.98 2.87 39.81
N SER C 245 19.22 2.44 38.57
CA SER C 245 20.45 1.75 38.19
C SER C 245 20.53 1.84 36.67
N LYS C 246 21.74 1.74 36.13
CA LYS C 246 21.93 1.83 34.70
C LYS C 246 21.30 0.66 33.94
N VAL C 247 20.32 0.98 33.10
CA VAL C 247 19.63 -0.03 32.31
C VAL C 247 20.15 -0.09 30.88
N THR C 248 20.49 -1.28 30.43
CA THR C 248 20.99 -1.48 29.07
C THR C 248 19.99 -2.37 28.33
N ILE C 249 19.30 -1.79 27.35
CA ILE C 249 18.30 -2.54 26.58
C ILE C 249 18.79 -2.99 25.22
N SER C 250 17.96 -3.79 24.56
CA SER C 250 18.20 -4.27 23.22
C SER C 250 17.05 -3.64 22.43
N PHE C 251 17.38 -2.74 21.51
CA PHE C 251 16.34 -2.04 20.74
C PHE C 251 16.59 -2.17 19.24
N THR C 252 15.63 -2.77 18.54
CA THR C 252 15.75 -2.95 17.09
C THR C 252 14.52 -2.40 16.38
N PRO C 253 14.69 -1.26 15.68
CA PRO C 253 13.59 -0.63 14.94
C PRO C 253 13.44 -1.26 13.56
N ASN C 254 12.24 -1.20 13.01
CA ASN C 254 11.96 -1.76 11.69
C ASN C 254 11.09 -0.79 10.88
N LEU C 255 11.49 -0.52 9.65
CA LEU C 255 10.74 0.40 8.79
C LEU C 255 9.62 -0.36 8.06
N ILE C 256 8.38 0.01 8.35
CA ILE C 256 7.22 -0.65 7.77
C ILE C 256 6.63 0.10 6.57
N CYS C 257 6.07 -0.68 5.63
CA CYS C 257 5.44 -0.10 4.44
C CYS C 257 4.06 0.48 4.75
N MET C 258 4.06 1.58 5.49
CA MET C 258 2.85 2.30 5.85
C MET C 258 3.31 3.69 6.23
N LYS C 259 2.45 4.69 6.05
CA LYS C 259 2.83 6.05 6.37
C LYS C 259 2.82 6.33 7.87
N ARG C 260 1.68 6.12 8.51
CA ARG C 260 1.53 6.38 9.96
C ARG C 260 1.40 5.10 10.78
N GLY C 261 1.70 5.22 12.07
CA GLY C 261 1.58 4.08 12.95
C GLY C 261 2.90 3.58 13.49
N MET C 262 2.89 3.19 14.76
CA MET C 262 4.09 2.69 15.41
C MET C 262 3.70 1.63 16.43
N GLN C 263 4.48 0.57 16.50
CA GLN C 263 4.24 -0.49 17.46
C GLN C 263 5.55 -0.93 18.08
N SER C 264 5.59 -0.96 19.40
CA SER C 264 6.77 -1.41 20.10
C SER C 264 6.36 -2.65 20.88
N THR C 265 7.13 -3.71 20.70
CA THR C 265 6.87 -4.95 21.41
C THR C 265 8.04 -5.17 22.35
N MET C 266 7.75 -5.23 23.64
CA MET C 266 8.78 -5.41 24.64
C MET C 266 8.67 -6.78 25.28
N PHE C 267 9.74 -7.57 25.13
CA PHE C 267 9.79 -8.91 25.68
C PHE C 267 10.58 -8.79 26.98
N VAL C 268 9.87 -8.86 28.10
CA VAL C 268 10.48 -8.68 29.41
C VAL C 268 10.43 -9.89 30.33
N GLU C 269 11.34 -9.89 31.31
CA GLU C 269 11.40 -10.95 32.29
C GLU C 269 10.71 -10.38 33.53
N MET C 270 9.75 -11.11 34.08
CA MET C 270 9.03 -10.63 35.24
C MET C 270 9.79 -10.90 36.53
N ALA C 271 9.49 -10.11 37.57
CA ALA C 271 10.11 -10.26 38.87
C ALA C 271 9.62 -11.56 39.49
N PRO C 272 10.33 -12.08 40.50
CA PRO C 272 9.95 -13.33 41.16
C PRO C 272 8.51 -13.33 41.67
N GLY C 273 7.74 -14.34 41.24
CA GLY C 273 6.36 -14.44 41.66
C GLY C 273 5.35 -13.58 40.90
N VAL C 274 5.84 -12.69 40.03
CA VAL C 274 4.97 -11.81 39.27
C VAL C 274 4.41 -12.51 38.02
N THR C 275 3.14 -12.27 37.74
CA THR C 275 2.50 -12.86 36.56
C THR C 275 2.15 -11.76 35.56
N ALA C 276 1.81 -12.17 34.33
CA ALA C 276 1.44 -11.23 33.29
C ALA C 276 0.25 -10.42 33.78
N ASN C 277 -0.65 -11.08 34.49
CA ASN C 277 -1.83 -10.39 35.00
C ASN C 277 -1.44 -9.31 35.99
N ASP C 278 -0.42 -9.57 36.80
CA ASP C 278 0.02 -8.56 37.76
C ASP C 278 0.47 -7.31 36.99
N LEU C 279 1.18 -7.53 35.88
CA LEU C 279 1.63 -6.40 35.07
C LEU C 279 0.41 -5.66 34.53
N TYR C 280 -0.57 -6.43 34.04
CA TYR C 280 -1.79 -5.86 33.49
C TYR C 280 -2.52 -4.98 34.51
N GLN C 281 -2.70 -5.51 35.72
CA GLN C 281 -3.40 -4.77 36.78
C GLN C 281 -2.65 -3.51 37.20
N HIS C 282 -1.33 -3.55 37.22
CA HIS C 282 -0.61 -2.34 37.62
C HIS C 282 -0.78 -1.27 36.55
N LEU C 283 -0.65 -1.65 35.27
CA LEU C 283 -0.82 -0.68 34.20
C LEU C 283 -2.26 -0.16 34.22
N LYS C 284 -3.19 -1.03 34.58
CA LYS C 284 -4.60 -0.64 34.64
C LYS C 284 -4.86 0.47 35.66
N SER C 285 -4.41 0.26 36.89
CA SER C 285 -4.61 1.26 37.93
C SER C 285 -3.76 2.49 37.68
N THR C 286 -2.61 2.30 37.02
CA THR C 286 -1.74 3.42 36.72
C THR C 286 -2.34 4.37 35.69
N TYR C 287 -3.03 3.83 34.70
CA TYR C 287 -3.60 4.67 33.64
C TYR C 287 -5.13 4.75 33.59
N GLU C 288 -5.81 4.21 34.59
CA GLU C 288 -7.27 4.21 34.63
C GLU C 288 -7.91 5.58 34.41
N GLY C 289 -7.27 6.63 34.91
CA GLY C 289 -7.82 7.95 34.70
C GLY C 289 -7.16 8.71 33.56
N GLU C 290 -6.35 8.03 32.77
CA GLU C 290 -5.64 8.67 31.66
C GLU C 290 -6.39 8.58 30.35
N GLU C 291 -6.78 9.73 29.81
CA GLU C 291 -7.53 9.75 28.57
C GLU C 291 -6.76 9.30 27.33
N PHE C 292 -5.46 9.57 27.28
CA PHE C 292 -4.69 9.22 26.10
C PHE C 292 -3.87 7.94 26.17
N VAL C 293 -3.87 7.28 27.32
CA VAL C 293 -3.14 6.02 27.48
C VAL C 293 -4.19 5.00 27.90
N LYS C 294 -4.52 4.09 26.99
CA LYS C 294 -5.55 3.10 27.25
C LYS C 294 -5.08 1.65 27.26
N LEU C 295 -5.34 0.96 28.36
CA LEU C 295 -4.99 -0.45 28.49
C LEU C 295 -6.18 -1.23 27.93
N LEU C 296 -5.97 -1.93 26.81
CA LEU C 296 -7.06 -2.68 26.18
C LEU C 296 -7.66 -3.77 27.07
N ASN C 297 -8.88 -4.17 26.73
CA ASN C 297 -9.61 -5.19 27.48
C ASN C 297 -9.17 -6.62 27.20
N GLY C 298 -9.20 -7.44 28.25
CA GLY C 298 -8.84 -8.84 28.15
C GLY C 298 -7.57 -9.12 27.37
N SER C 299 -7.70 -9.85 26.27
CA SER C 299 -6.56 -10.19 25.46
C SER C 299 -6.58 -9.49 24.10
N SER C 300 -7.35 -8.41 23.99
CA SER C 300 -7.41 -7.68 22.74
C SER C 300 -6.03 -7.22 22.31
N VAL C 301 -5.72 -7.38 21.03
CA VAL C 301 -4.42 -6.98 20.51
C VAL C 301 -4.50 -5.58 19.92
N PRO C 302 -3.58 -4.70 20.31
CA PRO C 302 -3.59 -3.34 19.77
C PRO C 302 -3.12 -3.34 18.31
N HIS C 303 -3.82 -2.62 17.45
CA HIS C 303 -3.42 -2.52 16.05
C HIS C 303 -2.96 -1.07 15.85
N THR C 304 -1.89 -0.86 15.10
CA THR C 304 -1.45 0.52 14.87
C THR C 304 -2.52 1.26 14.06
N ARG C 305 -3.28 0.52 13.26
CA ARG C 305 -4.32 1.10 12.41
C ARG C 305 -5.46 1.70 13.23
N HIS C 306 -5.58 1.26 14.47
CA HIS C 306 -6.65 1.72 15.34
C HIS C 306 -6.39 3.01 16.12
N VAL C 307 -5.21 3.61 15.96
CA VAL C 307 -4.92 4.86 16.65
C VAL C 307 -4.40 5.94 15.67
N VAL C 308 -4.36 5.58 14.39
CA VAL C 308 -3.89 6.50 13.36
C VAL C 308 -4.69 7.81 13.39
N GLY C 309 -3.99 8.92 13.43
CA GLY C 309 -4.66 10.21 13.44
C GLY C 309 -5.21 10.62 14.79
N SER C 310 -4.90 9.87 15.84
CA SER C 310 -5.37 10.21 17.18
C SER C 310 -4.17 10.37 18.09
N ASN C 311 -4.40 10.92 19.28
CA ASN C 311 -3.33 11.13 20.25
C ASN C 311 -3.29 9.98 21.24
N TYR C 312 -3.92 8.87 20.87
CA TYR C 312 -3.98 7.70 21.74
C TYR C 312 -2.79 6.76 21.71
N CYS C 313 -2.62 6.06 22.82
CA CYS C 313 -1.61 5.02 22.95
C CYS C 313 -2.44 3.86 23.46
N PHE C 314 -2.50 2.77 22.69
CA PHE C 314 -3.24 1.58 23.10
C PHE C 314 -2.20 0.54 23.42
N MET C 315 -2.40 -0.17 24.54
CA MET C 315 -1.44 -1.19 24.94
C MET C 315 -2.13 -2.37 25.61
N ASN C 316 -1.35 -3.42 25.78
CA ASN C 316 -1.82 -4.61 26.47
C ASN C 316 -0.58 -5.44 26.76
N VAL C 317 -0.69 -6.35 27.71
CA VAL C 317 0.42 -7.21 28.10
C VAL C 317 -0.07 -8.64 28.10
N PHE C 318 0.78 -9.55 27.65
CA PHE C 318 0.45 -10.96 27.57
C PHE C 318 1.56 -11.79 28.19
N GLU C 319 1.26 -13.02 28.56
CA GLU C 319 2.31 -13.86 29.12
C GLU C 319 3.10 -14.48 27.98
N ASP C 320 4.37 -14.75 28.23
CA ASP C 320 5.24 -15.34 27.22
C ASP C 320 5.18 -16.85 27.39
N ARG C 321 5.45 -17.59 26.32
CA ARG C 321 5.45 -19.04 26.38
C ARG C 321 6.55 -19.48 27.35
N ILE C 322 7.61 -18.69 27.41
CA ILE C 322 8.73 -18.97 28.31
C ILE C 322 8.33 -18.55 29.73
N PRO C 323 8.45 -19.49 30.69
CA PRO C 323 8.10 -19.18 32.09
C PRO C 323 8.82 -17.94 32.63
N GLY C 324 8.08 -17.10 33.34
CA GLY C 324 8.68 -15.91 33.93
C GLY C 324 8.80 -14.72 33.00
N ARG C 325 8.41 -14.89 31.74
CA ARG C 325 8.47 -13.80 30.78
C ARG C 325 7.11 -13.28 30.40
N ALA C 326 7.09 -12.05 29.89
CA ALA C 326 5.85 -11.40 29.49
C ALA C 326 6.08 -10.63 28.19
N ILE C 327 4.99 -10.30 27.52
CA ILE C 327 5.06 -9.56 26.26
C ILE C 327 4.14 -8.34 26.34
N ILE C 328 4.71 -7.17 26.06
CA ILE C 328 3.98 -5.91 26.12
C ILE C 328 3.92 -5.26 24.74
N ILE C 329 2.72 -4.96 24.28
CA ILE C 329 2.55 -4.31 22.99
C ILE C 329 1.97 -2.93 23.18
N SER C 330 2.62 -1.94 22.57
CA SER C 330 2.21 -0.55 22.68
C SER C 330 2.18 0.11 21.30
N VAL C 331 1.08 0.75 20.96
CA VAL C 331 0.97 1.42 19.66
C VAL C 331 0.51 2.87 19.78
N ILE C 332 0.99 3.69 18.84
CA ILE C 332 0.65 5.11 18.79
C ILE C 332 0.78 5.56 17.35
N ASP C 333 0.31 6.77 17.07
CA ASP C 333 0.48 7.34 15.74
C ASP C 333 1.81 8.05 16.00
N ASN C 334 2.86 7.60 15.31
CA ASN C 334 4.18 8.20 15.49
C ASN C 334 4.19 9.72 15.31
N LEU C 335 3.23 10.25 14.56
CA LEU C 335 3.17 11.68 14.30
C LEU C 335 2.36 12.48 15.32
N VAL C 336 1.49 11.80 16.08
CA VAL C 336 0.65 12.47 17.06
C VAL C 336 1.15 12.27 18.49
N LYS C 337 0.70 11.22 19.17
CA LYS C 337 1.17 10.99 20.54
C LYS C 337 2.68 10.81 20.51
N GLY C 338 3.20 10.32 19.40
CA GLY C 338 4.63 10.12 19.25
C GLY C 338 5.37 11.40 18.88
N ALA C 339 4.63 12.50 18.67
CA ALA C 339 5.26 13.77 18.32
C ALA C 339 4.39 15.01 18.59
N SER C 340 3.78 15.53 17.53
CA SER C 340 2.98 16.75 17.63
C SER C 340 1.79 16.70 18.57
N GLY C 341 1.16 15.53 18.70
CA GLY C 341 0.04 15.41 19.61
C GLY C 341 0.49 15.61 21.04
N GLN C 342 1.55 14.93 21.43
CA GLN C 342 2.09 15.04 22.78
C GLN C 342 2.59 16.45 23.05
N ALA C 343 3.08 17.12 22.00
CA ALA C 343 3.59 18.48 22.13
C ALA C 343 2.46 19.43 22.51
N VAL C 344 1.33 19.30 21.83
CA VAL C 344 0.16 20.12 22.10
C VAL C 344 -0.40 19.77 23.48
N GLN C 345 -0.39 18.47 23.80
CA GLN C 345 -0.89 18.01 25.09
C GLN C 345 -0.08 18.67 26.19
N ASN C 346 1.23 18.77 25.98
CA ASN C 346 2.11 19.40 26.95
C ASN C 346 1.83 20.89 27.07
N LEU C 347 1.70 21.58 25.93
CA LEU C 347 1.42 23.01 25.97
C LEU C 347 0.08 23.26 26.65
N ASN C 348 -0.90 22.39 26.44
CA ASN C 348 -2.20 22.56 27.08
C ASN C 348 -1.96 22.56 28.58
N LEU C 349 -1.17 21.60 29.04
CA LEU C 349 -0.84 21.45 30.44
C LEU C 349 -0.06 22.66 30.97
N MET C 350 0.91 23.13 30.19
CA MET C 350 1.72 24.28 30.58
C MET C 350 0.91 25.58 30.66
N MET C 351 -0.14 25.69 29.83
CA MET C 351 -0.98 26.88 29.80
C MET C 351 -2.16 26.79 30.77
N GLY C 352 -2.28 25.65 31.45
CA GLY C 352 -3.36 25.48 32.40
C GLY C 352 -4.70 25.12 31.78
N LEU C 353 -4.69 24.60 30.55
CA LEU C 353 -5.92 24.23 29.89
C LEU C 353 -6.11 22.72 29.96
N PRO C 354 -7.36 22.24 29.76
CA PRO C 354 -7.56 20.78 29.82
C PRO C 354 -6.56 20.12 28.85
N GLU C 355 -5.94 19.03 29.27
CA GLU C 355 -4.96 18.35 28.43
C GLU C 355 -5.48 17.87 27.08
N ASN C 356 -6.78 17.56 27.01
CA ASN C 356 -7.35 17.08 25.76
C ASN C 356 -7.82 18.18 24.80
N THR C 357 -7.63 19.44 25.17
CA THR C 357 -8.08 20.54 24.31
C THR C 357 -7.54 20.41 22.88
N GLY C 358 -8.45 20.28 21.92
CA GLY C 358 -8.07 20.16 20.52
C GLY C 358 -7.41 18.85 20.16
N LEU C 359 -7.47 17.87 21.07
CA LEU C 359 -6.85 16.57 20.83
C LEU C 359 -7.82 15.41 20.93
N GLN C 360 -9.11 15.67 20.72
CA GLN C 360 -10.07 14.59 20.83
C GLN C 360 -10.49 13.93 19.52
N TYR C 361 -9.77 14.22 18.44
CA TYR C 361 -10.09 13.61 17.16
C TYR C 361 -10.01 12.08 17.29
N GLN C 362 -11.06 11.39 16.86
CA GLN C 362 -11.05 9.95 16.94
C GLN C 362 -10.28 9.40 15.75
N PRO C 363 -9.60 8.25 15.93
CA PRO C 363 -8.81 7.64 14.86
C PRO C 363 -9.50 7.52 13.51
N LEU C 364 -8.74 7.78 12.45
CA LEU C 364 -9.27 7.69 11.11
C LEU C 364 -9.13 6.27 10.58
N PHE C 365 -10.17 5.48 10.74
CA PHE C 365 -10.19 4.11 10.26
C PHE C 365 -11.56 3.85 9.67
N PRO C 366 -11.62 3.20 8.49
CA PRO C 366 -10.49 2.72 7.71
C PRO C 366 -9.71 3.87 7.06
N GLU D 22 12.73 -35.91 -19.77
CA GLU D 22 11.45 -36.67 -19.75
C GLU D 22 10.39 -36.00 -18.90
N GLU D 23 9.16 -35.95 -19.42
CA GLU D 23 8.04 -35.33 -18.72
C GLU D 23 7.57 -36.09 -17.49
N VAL D 24 7.31 -35.36 -16.41
CA VAL D 24 6.83 -35.93 -15.16
C VAL D 24 5.41 -35.42 -14.93
N ARG D 25 4.44 -36.34 -14.91
CA ARG D 25 3.04 -35.98 -14.72
C ARG D 25 2.72 -35.59 -13.28
N ILE D 26 2.32 -34.35 -13.07
CA ILE D 26 2.02 -33.82 -11.75
C ILE D 26 0.54 -33.64 -11.43
N ALA D 27 0.19 -33.95 -10.19
CA ALA D 27 -1.18 -33.80 -9.71
C ALA D 27 -1.12 -32.78 -8.58
N VAL D 28 -2.08 -31.86 -8.54
CA VAL D 28 -2.13 -30.86 -7.49
C VAL D 28 -3.48 -30.94 -6.79
N LEU D 29 -3.50 -31.46 -5.57
CA LEU D 29 -4.74 -31.58 -4.81
C LEU D 29 -4.98 -30.31 -4.01
N GLY D 30 -6.13 -29.67 -4.23
CA GLY D 30 -6.44 -28.44 -3.52
C GLY D 30 -5.64 -27.30 -4.14
N ALA D 31 -5.89 -27.03 -5.41
CA ALA D 31 -5.17 -26.00 -6.15
C ALA D 31 -5.86 -24.65 -6.28
N SER D 32 -7.04 -24.50 -5.70
CA SER D 32 -7.75 -23.23 -5.82
C SER D 32 -7.26 -22.11 -4.89
N GLY D 33 -6.23 -22.39 -4.09
CA GLY D 33 -5.71 -21.37 -3.20
C GLY D 33 -4.47 -20.72 -3.78
N TYR D 34 -3.83 -19.83 -3.02
CA TYR D 34 -2.63 -19.16 -3.49
C TYR D 34 -1.50 -20.17 -3.67
N THR D 35 -1.47 -21.15 -2.79
CA THR D 35 -0.48 -22.22 -2.84
C THR D 35 -0.51 -22.86 -4.22
N GLY D 36 -1.72 -23.21 -4.66
CA GLY D 36 -1.88 -23.84 -5.96
C GLY D 36 -1.44 -22.95 -7.10
N ALA D 37 -1.78 -21.67 -7.02
CA ALA D 37 -1.41 -20.71 -8.05
C ALA D 37 0.11 -20.65 -8.15
N GLU D 38 0.79 -20.63 -7.01
CA GLU D 38 2.24 -20.57 -7.01
C GLU D 38 2.84 -21.83 -7.66
N ILE D 39 2.23 -22.98 -7.40
CA ILE D 39 2.72 -24.21 -7.99
C ILE D 39 2.59 -24.15 -9.50
N VAL D 40 1.44 -23.67 -9.97
CA VAL D 40 1.21 -23.53 -11.42
C VAL D 40 2.21 -22.55 -12.01
N ARG D 41 2.42 -21.42 -11.35
CA ARG D 41 3.36 -20.41 -11.85
C ARG D 41 4.79 -20.95 -11.92
N LEU D 42 5.22 -21.64 -10.86
CA LEU D 42 6.58 -22.19 -10.84
C LEU D 42 6.80 -23.32 -11.84
N LEU D 43 5.82 -24.22 -11.93
CA LEU D 43 5.94 -25.34 -12.85
C LEU D 43 5.81 -24.92 -14.30
N ALA D 44 5.36 -23.68 -14.53
CA ALA D 44 5.21 -23.16 -15.89
C ALA D 44 6.60 -23.04 -16.54
N ASN D 45 7.61 -22.74 -15.73
CA ASN D 45 8.96 -22.63 -16.26
C ASN D 45 9.82 -23.82 -15.86
N HIS D 46 9.18 -24.97 -15.64
CA HIS D 46 9.90 -26.17 -15.27
C HIS D 46 9.92 -27.09 -16.50
N PRO D 47 11.12 -27.41 -17.00
CA PRO D 47 11.28 -28.27 -18.18
C PRO D 47 10.70 -29.69 -18.12
N GLN D 48 10.63 -30.27 -16.93
CA GLN D 48 10.09 -31.63 -16.81
C GLN D 48 8.70 -31.75 -16.16
N PHE D 49 8.45 -30.99 -15.09
CA PHE D 49 7.17 -31.09 -14.40
C PHE D 49 6.01 -30.47 -15.17
N ARG D 50 4.98 -31.26 -15.40
CA ARG D 50 3.80 -30.77 -16.11
C ARG D 50 2.53 -31.24 -15.42
N ILE D 51 1.71 -30.27 -15.04
CA ILE D 51 0.45 -30.53 -14.35
C ILE D 51 -0.55 -31.24 -15.25
N LYS D 52 -1.04 -32.40 -14.81
CA LYS D 52 -2.01 -33.17 -15.57
C LYS D 52 -3.33 -33.25 -14.83
N VAL D 53 -3.30 -33.04 -13.52
CA VAL D 53 -4.50 -33.11 -12.71
C VAL D 53 -4.50 -32.05 -11.63
N MET D 54 -5.64 -31.39 -11.45
CA MET D 54 -5.79 -30.37 -10.42
C MET D 54 -7.16 -30.56 -9.79
N THR D 55 -7.22 -30.58 -8.48
CA THR D 55 -8.50 -30.76 -7.82
C THR D 55 -8.91 -29.56 -6.98
N ALA D 56 -10.21 -29.45 -6.78
CA ALA D 56 -10.83 -28.39 -6.00
C ALA D 56 -12.31 -28.76 -5.96
N ASP D 57 -12.84 -28.96 -4.77
CA ASP D 57 -14.23 -29.35 -4.62
C ASP D 57 -15.26 -28.22 -4.73
N ARG D 58 -14.95 -27.05 -4.17
CA ARG D 58 -15.88 -25.93 -4.24
C ARG D 58 -15.95 -25.39 -5.66
N LYS D 59 -14.78 -25.24 -6.28
CA LYS D 59 -14.70 -24.73 -7.65
C LYS D 59 -14.43 -25.83 -8.66
N ALA D 60 -15.04 -26.99 -8.47
CA ALA D 60 -14.86 -28.13 -9.37
C ALA D 60 -15.54 -27.89 -10.71
N GLY D 61 -14.88 -28.31 -11.79
CA GLY D 61 -15.43 -28.14 -13.12
C GLY D 61 -14.99 -26.86 -13.82
N GLU D 62 -14.62 -25.85 -13.03
CA GLU D 62 -14.19 -24.56 -13.56
C GLU D 62 -12.79 -24.56 -14.17
N GLN D 63 -12.55 -23.59 -15.04
CA GLN D 63 -11.25 -23.44 -15.68
C GLN D 63 -10.35 -22.68 -14.71
N PHE D 64 -9.11 -23.12 -14.56
CA PHE D 64 -8.19 -22.48 -13.64
C PHE D 64 -7.99 -21.01 -13.98
N GLY D 65 -7.97 -20.70 -15.27
CA GLY D 65 -7.77 -19.32 -15.71
C GLY D 65 -8.91 -18.43 -15.27
N SER D 66 -10.04 -19.03 -14.91
CA SER D 66 -11.20 -18.26 -14.46
C SER D 66 -11.06 -18.00 -12.96
N VAL D 67 -10.38 -18.89 -12.26
CA VAL D 67 -10.17 -18.72 -10.83
C VAL D 67 -9.03 -17.74 -10.61
N PHE D 68 -8.01 -17.85 -11.47
CA PHE D 68 -6.84 -16.98 -11.42
C PHE D 68 -6.58 -16.38 -12.81
N PRO D 69 -7.23 -15.24 -13.11
CA PRO D 69 -7.06 -14.57 -14.41
C PRO D 69 -5.61 -14.28 -14.83
N HIS D 70 -4.67 -14.29 -13.88
CA HIS D 70 -3.29 -14.02 -14.26
C HIS D 70 -2.63 -15.21 -14.96
N LEU D 71 -3.29 -16.36 -14.91
CA LEU D 71 -2.76 -17.57 -15.54
C LEU D 71 -3.57 -18.03 -16.76
N ILE D 72 -4.34 -17.12 -17.35
CA ILE D 72 -5.19 -17.45 -18.51
C ILE D 72 -4.46 -18.00 -19.73
N THR D 73 -3.16 -17.75 -19.84
CA THR D 73 -2.41 -18.23 -21.00
C THR D 73 -1.92 -19.67 -20.86
N GLN D 74 -2.07 -20.23 -19.67
CA GLN D 74 -1.59 -21.59 -19.43
C GLN D 74 -2.56 -22.68 -19.82
N ASP D 75 -2.04 -23.73 -20.44
CA ASP D 75 -2.84 -24.86 -20.86
C ASP D 75 -2.88 -25.84 -19.69
N LEU D 76 -4.00 -25.82 -18.99
CA LEU D 76 -4.19 -26.66 -17.82
C LEU D 76 -5.53 -27.37 -17.91
N PRO D 77 -5.69 -28.49 -17.17
CA PRO D 77 -6.95 -29.22 -17.19
C PRO D 77 -7.93 -28.48 -16.30
N ASN D 78 -9.23 -28.76 -16.46
CA ASN D 78 -10.24 -28.13 -15.64
C ASN D 78 -10.22 -28.80 -14.26
N LEU D 79 -10.51 -28.03 -13.23
CA LEU D 79 -10.54 -28.56 -11.87
C LEU D 79 -11.59 -29.67 -11.74
N VAL D 80 -11.29 -30.67 -10.93
CA VAL D 80 -12.21 -31.79 -10.70
C VAL D 80 -12.29 -32.11 -9.22
N ALA D 81 -13.36 -32.80 -8.82
CA ALA D 81 -13.53 -33.17 -7.42
C ALA D 81 -12.43 -34.16 -7.08
N VAL D 82 -11.96 -34.13 -5.83
CA VAL D 82 -10.90 -35.02 -5.41
C VAL D 82 -11.29 -36.49 -5.56
N LYS D 83 -12.58 -36.78 -5.39
CA LYS D 83 -13.07 -38.14 -5.52
C LYS D 83 -13.05 -38.65 -6.95
N ASP D 84 -12.93 -37.73 -7.91
CA ASP D 84 -12.91 -38.12 -9.32
C ASP D 84 -11.53 -37.99 -9.94
N ALA D 85 -10.50 -37.86 -9.10
CA ALA D 85 -9.15 -37.74 -9.61
C ALA D 85 -8.54 -39.10 -9.91
N ASP D 86 -7.89 -39.22 -11.06
CA ASP D 86 -7.26 -40.47 -11.46
C ASP D 86 -5.74 -40.35 -11.29
N PHE D 87 -5.22 -40.97 -10.24
CA PHE D 87 -3.79 -40.94 -9.94
C PHE D 87 -3.01 -42.05 -10.61
N SER D 88 -3.71 -42.98 -11.24
CA SER D 88 -3.08 -44.10 -11.92
C SER D 88 -2.00 -43.65 -12.90
N ASN D 89 -2.22 -42.53 -13.59
CA ASN D 89 -1.24 -42.03 -14.54
C ASN D 89 -0.54 -40.78 -14.02
N VAL D 90 -0.28 -40.73 -12.72
CA VAL D 90 0.39 -39.60 -12.10
C VAL D 90 1.72 -40.06 -11.52
N ASP D 91 2.75 -39.23 -11.65
CA ASP D 91 4.06 -39.58 -11.12
C ASP D 91 4.34 -38.93 -9.77
N ALA D 92 3.92 -37.67 -9.62
CA ALA D 92 4.13 -36.96 -8.36
C ALA D 92 2.90 -36.13 -7.99
N VAL D 93 2.75 -35.87 -6.69
CA VAL D 93 1.61 -35.11 -6.20
C VAL D 93 1.97 -34.00 -5.23
N PHE D 94 1.32 -32.84 -5.39
CA PHE D 94 1.51 -31.71 -4.49
C PHE D 94 0.16 -31.62 -3.77
N CYS D 95 0.19 -31.73 -2.45
CA CYS D 95 -1.02 -31.70 -1.64
C CYS D 95 -1.20 -30.43 -0.80
N CSO D 96 -2.39 -29.85 -0.87
CA CSO D 96 -2.74 -28.64 -0.14
CB CSO D 96 -2.48 -27.28 -0.89
SG CSO D 96 -2.89 -25.92 0.22
C CSO D 96 -4.22 -28.68 0.25
O CSO D 96 -5.04 -27.92 -0.28
OD CSO D 96 -1.72 -26.01 1.44
N LEU D 97 -4.56 -29.59 1.16
CA LEU D 97 -5.94 -29.78 1.62
C LEU D 97 -6.13 -29.37 3.09
N PRO D 98 -7.38 -29.27 3.55
CA PRO D 98 -7.73 -28.89 4.92
C PRO D 98 -7.00 -29.61 6.07
N HIS D 99 -7.12 -29.01 7.25
CA HIS D 99 -6.49 -29.48 8.49
C HIS D 99 -6.74 -30.92 8.95
N GLY D 100 -7.40 -31.73 8.14
CA GLY D 100 -7.65 -33.11 8.56
C GLY D 100 -7.85 -34.08 7.41
N THR D 101 -8.50 -33.61 6.35
CA THR D 101 -8.78 -34.42 5.18
C THR D 101 -7.49 -34.90 4.51
N THR D 102 -6.38 -34.21 4.79
CA THR D 102 -5.09 -34.56 4.21
C THR D 102 -4.61 -35.97 4.56
N GLN D 103 -4.63 -36.29 5.85
CA GLN D 103 -4.18 -37.59 6.32
C GLN D 103 -4.94 -38.74 5.68
N GLU D 104 -6.26 -38.62 5.61
CA GLU D 104 -7.10 -39.65 5.01
C GLU D 104 -6.75 -39.81 3.53
N ILE D 105 -6.94 -38.74 2.77
CA ILE D 105 -6.66 -38.75 1.34
C ILE D 105 -5.27 -39.26 0.98
N ILE D 106 -4.23 -38.73 1.61
CA ILE D 106 -2.87 -39.15 1.32
C ILE D 106 -2.63 -40.63 1.64
N LYS D 107 -3.28 -41.11 2.69
CA LYS D 107 -3.15 -42.50 3.11
C LYS D 107 -3.72 -43.44 2.04
N GLY D 108 -4.69 -42.95 1.27
CA GLY D 108 -5.31 -43.75 0.23
C GLY D 108 -4.76 -43.60 -1.17
N LEU D 109 -3.68 -42.84 -1.32
CA LEU D 109 -3.07 -42.66 -2.63
C LEU D 109 -2.26 -43.89 -3.01
N PRO D 110 -2.09 -44.15 -4.31
CA PRO D 110 -1.32 -45.32 -4.75
C PRO D 110 0.11 -45.29 -4.24
N GLN D 111 0.77 -46.45 -4.27
CA GLN D 111 2.13 -46.58 -3.77
C GLN D 111 3.22 -45.97 -4.66
N GLU D 112 3.11 -46.17 -5.97
CA GLU D 112 4.13 -45.63 -6.87
C GLU D 112 3.91 -44.14 -7.12
N LEU D 113 4.28 -43.32 -6.14
CA LEU D 113 4.13 -41.88 -6.27
C LEU D 113 5.00 -41.12 -5.29
N LYS D 114 5.51 -39.98 -5.74
CA LYS D 114 6.31 -39.11 -4.90
C LYS D 114 5.27 -38.15 -4.36
N ILE D 115 5.22 -37.99 -3.04
CA ILE D 115 4.22 -37.10 -2.45
C ILE D 115 4.79 -35.98 -1.60
N VAL D 116 4.44 -34.75 -1.96
CA VAL D 116 4.89 -33.59 -1.21
C VAL D 116 3.66 -32.91 -0.64
N ASP D 117 3.45 -33.08 0.66
CA ASP D 117 2.30 -32.50 1.33
C ASP D 117 2.68 -31.13 1.87
N LEU D 118 2.02 -30.08 1.38
CA LEU D 118 2.31 -28.73 1.82
C LEU D 118 1.60 -28.37 3.13
N SER D 119 0.67 -29.21 3.57
CA SER D 119 -0.06 -28.96 4.82
C SER D 119 0.84 -29.29 5.99
N ALA D 120 0.36 -29.07 7.21
CA ALA D 120 1.15 -29.35 8.40
C ALA D 120 0.82 -30.71 9.01
N ASP D 121 -0.10 -31.45 8.39
CA ASP D 121 -0.54 -32.76 8.88
C ASP D 121 0.53 -33.81 9.17
N PHE D 122 1.61 -33.82 8.39
CA PHE D 122 2.65 -34.80 8.62
C PHE D 122 3.96 -34.17 9.06
N ARG D 123 3.88 -32.96 9.59
CA ARG D 123 5.09 -32.27 10.04
C ARG D 123 5.56 -32.72 11.42
N LEU D 124 4.63 -32.94 12.35
CA LEU D 124 4.98 -33.35 13.70
C LEU D 124 5.10 -34.87 13.82
N ARG D 125 6.20 -35.34 14.36
CA ARG D 125 6.45 -36.76 14.54
C ARG D 125 5.69 -37.32 15.74
N ASP D 126 5.62 -36.53 16.80
CA ASP D 126 4.90 -36.95 18.00
C ASP D 126 3.42 -36.91 17.71
N ILE D 127 2.84 -38.07 17.44
CA ILE D 127 1.41 -38.17 17.15
C ILE D 127 0.59 -37.46 18.23
N ASN D 128 1.10 -37.47 19.46
CA ASN D 128 0.41 -36.83 20.58
C ASN D 128 0.39 -35.32 20.42
N GLU D 129 1.55 -34.73 20.13
CA GLU D 129 1.65 -33.29 19.94
C GLU D 129 0.67 -32.82 18.89
N TYR D 130 0.40 -33.67 17.90
CA TYR D 130 -0.52 -33.31 16.84
C TYR D 130 -1.94 -33.12 17.35
N ALA D 131 -2.41 -34.06 18.16
CA ALA D 131 -3.76 -33.98 18.72
C ALA D 131 -3.89 -32.73 19.59
N GLU D 132 -2.85 -32.46 20.35
CA GLU D 132 -2.81 -31.31 21.25
C GLU D 132 -3.07 -29.99 20.52
N TRP D 133 -2.32 -29.76 19.44
CA TRP D 133 -2.45 -28.52 18.68
C TRP D 133 -3.48 -28.49 17.56
N TYR D 134 -4.08 -29.63 17.25
CA TYR D 134 -5.08 -29.66 16.19
C TYR D 134 -6.46 -30.19 16.58
N GLY D 135 -6.60 -30.60 17.84
CA GLY D 135 -7.87 -31.09 18.32
C GLY D 135 -8.08 -32.60 18.24
N HIS D 136 -8.17 -33.12 17.02
CA HIS D 136 -8.39 -34.54 16.81
C HIS D 136 -7.10 -35.36 16.78
N SER D 137 -7.26 -36.68 16.85
CA SER D 137 -6.12 -37.60 16.83
C SER D 137 -5.63 -37.82 15.40
N HIS D 138 -4.32 -38.03 15.26
CA HIS D 138 -3.71 -38.26 13.96
C HIS D 138 -4.42 -39.40 13.25
N ARG D 139 -4.83 -39.18 12.01
CA ARG D 139 -5.55 -40.19 11.24
C ARG D 139 -4.69 -41.05 10.31
N ALA D 140 -3.39 -41.11 10.57
CA ALA D 140 -2.48 -41.90 9.74
C ALA D 140 -1.11 -42.02 10.42
N PRO D 141 -1.08 -42.52 11.66
CA PRO D 141 0.16 -42.69 12.42
C PRO D 141 1.20 -43.54 11.72
N GLU D 142 0.76 -44.52 10.93
CA GLU D 142 1.68 -45.39 10.22
C GLU D 142 2.49 -44.60 9.20
N LEU D 143 1.80 -43.82 8.37
CA LEU D 143 2.47 -43.01 7.36
C LEU D 143 3.38 -41.97 8.01
N GLN D 144 2.92 -41.41 9.11
CA GLN D 144 3.68 -40.39 9.84
C GLN D 144 5.11 -40.83 10.09
N GLN D 145 5.30 -42.13 10.35
CA GLN D 145 6.63 -42.67 10.63
C GLN D 145 7.58 -42.60 9.44
N GLU D 146 7.04 -42.68 8.23
CA GLU D 146 7.89 -42.63 7.04
C GLU D 146 7.99 -41.26 6.38
N ALA D 147 7.13 -40.33 6.79
CA ALA D 147 7.16 -38.97 6.25
C ALA D 147 8.47 -38.29 6.63
N VAL D 148 9.01 -37.47 5.73
CA VAL D 148 10.25 -36.76 6.03
C VAL D 148 10.08 -35.25 5.94
N TYR D 149 10.52 -34.54 6.99
CA TYR D 149 10.41 -33.09 7.07
C TYR D 149 11.18 -32.47 5.91
N GLY D 150 10.47 -31.73 5.06
CA GLY D 150 11.07 -31.14 3.87
C GLY D 150 11.88 -29.87 3.92
N LEU D 151 12.68 -29.69 4.97
CA LEU D 151 13.54 -28.51 5.06
C LEU D 151 14.77 -28.91 4.26
N THR D 152 14.69 -28.70 2.95
CA THR D 152 15.73 -29.10 1.99
C THR D 152 17.20 -29.03 2.41
N GLU D 153 17.70 -27.83 2.69
CA GLU D 153 19.10 -27.69 3.06
C GLU D 153 19.53 -28.46 4.32
N VAL D 154 18.57 -28.78 5.19
CA VAL D 154 18.89 -29.49 6.43
C VAL D 154 18.73 -31.01 6.37
N LEU D 155 17.67 -31.48 5.73
CA LEU D 155 17.43 -32.91 5.63
C LEU D 155 17.55 -33.46 4.20
N ARG D 156 18.41 -32.81 3.41
CA ARG D 156 18.62 -33.21 2.02
C ARG D 156 18.75 -34.72 1.82
N ASN D 157 19.70 -35.33 2.51
CA ASN D 157 19.94 -36.76 2.39
C ASN D 157 18.69 -37.60 2.60
N GLU D 158 17.92 -37.27 3.63
CA GLU D 158 16.70 -38.00 3.95
C GLU D 158 15.58 -37.78 2.94
N ILE D 159 15.40 -36.54 2.51
CA ILE D 159 14.35 -36.19 1.56
C ILE D 159 14.53 -36.92 0.23
N ARG D 160 15.78 -37.07 -0.19
CA ARG D 160 16.10 -37.73 -1.44
C ARG D 160 15.56 -39.16 -1.50
N ASN D 161 15.62 -39.86 -0.37
CA ASN D 161 15.17 -41.25 -0.25
C ASN D 161 13.70 -41.39 0.13
N ALA D 162 13.02 -40.25 0.36
CA ALA D 162 11.63 -40.29 0.80
C ALA D 162 10.55 -40.35 -0.27
N ARG D 163 9.47 -41.04 0.04
CA ARG D 163 8.31 -41.16 -0.84
C ARG D 163 7.33 -40.05 -0.46
N LEU D 164 7.16 -39.86 0.84
CA LEU D 164 6.28 -38.83 1.37
C LEU D 164 7.08 -37.76 2.11
N VAL D 165 6.98 -36.53 1.63
CA VAL D 165 7.68 -35.41 2.24
C VAL D 165 6.69 -34.42 2.83
N ALA D 166 6.89 -34.06 4.09
CA ALA D 166 6.04 -33.09 4.77
C ALA D 166 6.69 -31.72 4.59
N ASN D 167 6.18 -30.93 3.65
CA ASN D 167 6.76 -29.61 3.40
C ASN D 167 6.60 -28.69 4.61
N PRO D 168 7.71 -28.09 5.07
CA PRO D 168 7.74 -27.18 6.22
C PRO D 168 6.83 -25.96 6.06
N GLY D 169 6.50 -25.33 7.19
CA GLY D 169 5.66 -24.13 7.15
C GLY D 169 6.58 -22.95 6.87
N CYS D 170 6.01 -21.79 6.56
CA CYS D 170 6.82 -20.62 6.26
C CYS D 170 7.67 -20.09 7.43
N TYR D 171 7.04 -19.70 8.54
CA TYR D 171 7.83 -19.20 9.68
C TYR D 171 8.92 -20.21 10.05
N PRO D 172 8.55 -21.49 10.24
CA PRO D 172 9.53 -22.53 10.61
C PRO D 172 10.75 -22.59 9.68
N THR D 173 10.53 -22.40 8.39
CA THR D 173 11.62 -22.44 7.42
C THR D 173 12.58 -21.28 7.67
N SER D 174 12.03 -20.07 7.77
CA SER D 174 12.85 -18.88 7.99
C SER D 174 13.65 -18.96 9.29
N ILE D 175 13.12 -19.69 10.27
CA ILE D 175 13.76 -19.82 11.58
C ILE D 175 14.76 -20.96 11.76
N GLN D 176 14.40 -22.17 11.35
CA GLN D 176 15.29 -23.31 11.52
C GLN D 176 16.58 -23.26 10.70
N LEU D 177 16.52 -22.64 9.53
CA LEU D 177 17.71 -22.55 8.69
C LEU D 177 18.89 -21.94 9.44
N PRO D 178 18.68 -20.77 10.08
CA PRO D 178 19.81 -20.19 10.82
C PRO D 178 20.03 -20.82 12.19
N LEU D 179 18.94 -21.10 12.91
CA LEU D 179 19.05 -21.66 14.26
C LEU D 179 19.50 -23.13 14.41
N VAL D 180 19.08 -24.02 13.52
CA VAL D 180 19.48 -25.42 13.65
C VAL D 180 20.99 -25.63 13.67
N PRO D 181 21.72 -25.14 12.66
CA PRO D 181 23.18 -25.33 12.68
C PRO D 181 23.90 -24.66 13.86
N LEU D 182 23.43 -23.48 14.27
CA LEU D 182 24.07 -22.79 15.37
C LEU D 182 23.86 -23.53 16.69
N ILE D 183 22.73 -24.20 16.82
CA ILE D 183 22.44 -24.95 18.04
C ILE D 183 23.24 -26.26 18.04
N LYS D 184 23.35 -26.88 16.87
CA LYS D 184 24.10 -28.13 16.73
C LYS D 184 25.56 -27.88 17.09
N ALA D 185 26.09 -26.75 16.63
CA ALA D 185 27.46 -26.37 16.89
C ALA D 185 27.61 -25.80 18.30
N LYS D 186 26.49 -25.73 19.03
CA LYS D 186 26.49 -25.21 20.39
C LYS D 186 27.06 -23.80 20.52
N LEU D 187 26.80 -22.94 19.54
CA LEU D 187 27.30 -21.57 19.61
C LEU D 187 26.31 -20.63 20.29
N ILE D 188 25.04 -21.02 20.31
CA ILE D 188 24.02 -20.23 20.99
C ILE D 188 23.32 -21.11 22.01
N LYS D 189 22.80 -20.50 23.06
CA LYS D 189 22.09 -21.24 24.10
C LYS D 189 20.65 -21.46 23.66
N VAL D 190 19.96 -22.42 24.28
CA VAL D 190 18.59 -22.71 23.93
C VAL D 190 17.63 -22.03 24.90
N SER D 191 18.19 -21.17 25.73
CA SER D 191 17.41 -20.43 26.71
C SER D 191 17.14 -19.01 26.22
N ASN D 192 15.92 -18.54 26.45
CA ASN D 192 15.51 -17.21 26.06
C ASN D 192 15.63 -16.91 24.56
N ILE D 193 15.17 -17.83 23.73
CA ILE D 193 15.19 -17.61 22.29
C ILE D 193 13.91 -16.81 22.04
N ILE D 194 14.05 -15.51 21.85
CA ILE D 194 12.90 -14.65 21.60
C ILE D 194 12.77 -14.37 20.11
N ILE D 195 11.63 -14.74 19.54
CA ILE D 195 11.41 -14.55 18.11
C ILE D 195 10.23 -13.64 17.76
N ASP D 196 10.49 -12.60 16.98
CA ASP D 196 9.44 -11.70 16.53
C ASP D 196 9.42 -11.88 15.02
N ALA D 197 8.35 -12.48 14.51
CA ALA D 197 8.23 -12.74 13.08
C ALA D 197 7.15 -11.88 12.44
N LYS D 198 7.38 -11.56 11.16
CA LYS D 198 6.48 -10.72 10.40
C LYS D 198 6.18 -11.36 9.05
N SER D 199 4.93 -11.32 8.62
CA SER D 199 4.56 -11.93 7.35
C SER D 199 3.53 -11.14 6.57
N GLY D 200 3.62 -11.25 5.25
CA GLY D 200 2.65 -10.60 4.38
C GLY D 200 1.35 -11.37 4.57
N VAL D 201 0.22 -10.72 4.31
CA VAL D 201 -1.08 -11.34 4.50
C VAL D 201 -1.43 -12.43 3.48
N SER D 202 -0.60 -12.61 2.46
CA SER D 202 -0.88 -13.65 1.47
C SER D 202 -0.85 -14.99 2.21
N GLY D 203 -0.11 -15.04 3.32
CA GLY D 203 -0.05 -16.27 4.09
C GLY D 203 -1.38 -16.59 4.75
N ALA D 204 -2.31 -15.63 4.75
CA ALA D 204 -3.62 -15.85 5.36
C ALA D 204 -4.60 -16.55 4.41
N GLY D 205 -4.20 -16.69 3.14
CA GLY D 205 -5.07 -17.37 2.20
C GLY D 205 -6.02 -16.46 1.44
N ARG D 206 -6.75 -17.06 0.49
CA ARG D 206 -7.70 -16.33 -0.33
C ARG D 206 -9.12 -16.42 0.20
N GLY D 207 -9.29 -17.03 1.37
CA GLY D 207 -10.62 -17.15 1.94
C GLY D 207 -11.24 -15.79 2.21
N ALA D 208 -12.55 -15.68 2.00
CA ALA D 208 -13.26 -14.44 2.22
C ALA D 208 -13.42 -14.19 3.72
N LYS D 209 -12.68 -13.24 4.25
CA LYS D 209 -12.74 -12.90 5.66
C LYS D 209 -12.67 -11.39 5.83
N GLU D 210 -13.42 -10.88 6.79
CA GLU D 210 -13.43 -9.44 7.05
C GLU D 210 -12.04 -8.97 7.47
N ALA D 211 -11.40 -9.74 8.34
CA ALA D 211 -10.07 -9.40 8.84
C ALA D 211 -8.98 -9.21 7.79
N ASN D 212 -9.12 -9.85 6.63
CA ASN D 212 -8.09 -9.75 5.60
C ASN D 212 -8.39 -8.80 4.44
N LEU D 213 -9.46 -8.03 4.57
CA LEU D 213 -9.85 -7.05 3.56
C LEU D 213 -8.74 -6.01 3.41
N TYR D 214 -8.65 -5.41 2.22
CA TYR D 214 -7.64 -4.38 1.99
C TYR D 214 -7.81 -3.26 3.01
N THR D 215 -9.06 -2.90 3.27
CA THR D 215 -9.36 -1.82 4.21
C THR D 215 -9.00 -2.16 5.66
N GLU D 216 -9.10 -3.43 6.03
CA GLU D 216 -8.79 -3.86 7.40
C GLU D 216 -7.30 -4.16 7.58
N ILE D 217 -6.58 -4.24 6.48
CA ILE D 217 -5.15 -4.56 6.52
C ILE D 217 -4.19 -3.43 6.14
N ALA D 218 -4.50 -2.73 5.06
CA ALA D 218 -3.63 -1.67 4.57
C ALA D 218 -3.30 -0.56 5.57
N GLU D 219 -2.05 -0.09 5.51
CA GLU D 219 -1.57 0.99 6.37
C GLU D 219 -1.64 0.70 7.87
N GLY D 220 -1.31 -0.54 8.24
CA GLY D 220 -1.32 -0.91 9.63
C GLY D 220 -0.80 -2.32 9.86
N ILE D 221 -0.42 -2.61 11.10
CA ILE D 221 0.09 -3.94 11.46
C ILE D 221 -0.43 -4.34 12.84
N HIS D 222 -0.30 -5.63 13.15
CA HIS D 222 -0.72 -6.14 14.45
C HIS D 222 -0.17 -7.54 14.66
N ALA D 223 0.02 -7.91 15.91
CA ALA D 223 0.52 -9.23 16.24
C ALA D 223 -0.68 -10.15 16.29
N TYR D 224 -0.44 -11.46 16.25
CA TYR D 224 -1.52 -12.44 16.35
C TYR D 224 -0.95 -13.74 16.86
N GLY D 225 -1.82 -14.71 17.11
CA GLY D 225 -1.40 -16.01 17.62
C GLY D 225 -0.43 -15.89 18.78
N ILE D 226 -0.69 -14.94 19.68
CA ILE D 226 0.20 -14.75 20.82
C ILE D 226 0.33 -15.96 21.73
N LYS D 227 1.58 -16.40 21.86
CA LYS D 227 2.01 -17.56 22.65
C LYS D 227 1.61 -18.93 22.09
N GLY D 228 0.45 -19.01 21.46
CA GLY D 228 0.01 -20.29 20.92
C GLY D 228 -0.27 -20.40 19.43
N HIS D 229 0.79 -20.26 18.63
CA HIS D 229 0.64 -20.37 17.18
C HIS D 229 0.95 -21.81 16.79
N ARG D 230 0.14 -22.38 15.91
CA ARG D 230 0.31 -23.77 15.48
C ARG D 230 1.69 -24.16 14.94
N HIS D 231 2.52 -23.18 14.59
CA HIS D 231 3.86 -23.47 14.07
C HIS D 231 4.90 -23.57 15.18
N VAL D 232 4.52 -23.24 16.40
CA VAL D 232 5.44 -23.30 17.53
C VAL D 232 6.01 -24.70 17.76
N PRO D 233 5.15 -25.73 17.87
CA PRO D 233 5.71 -27.06 18.08
C PRO D 233 6.58 -27.54 16.93
N GLU D 234 6.26 -27.09 15.72
CA GLU D 234 7.03 -27.47 14.54
C GLU D 234 8.43 -26.86 14.65
N ILE D 235 8.49 -25.62 15.12
CA ILE D 235 9.78 -24.94 15.27
C ILE D 235 10.56 -25.61 16.40
N GLU D 236 9.91 -25.80 17.54
CA GLU D 236 10.57 -26.42 18.68
C GLU D 236 11.04 -27.84 18.40
N GLN D 237 10.28 -28.57 17.59
CA GLN D 237 10.64 -29.93 17.22
C GLN D 237 12.03 -29.93 16.60
N GLY D 238 12.22 -29.08 15.60
CA GLY D 238 13.51 -28.97 14.93
C GLY D 238 14.62 -28.46 15.84
N LEU D 239 14.32 -27.46 16.66
CA LEU D 239 15.33 -26.92 17.56
C LEU D 239 15.70 -27.95 18.63
N SER D 240 14.70 -28.65 19.14
CA SER D 240 14.93 -29.66 20.18
C SER D 240 15.85 -30.79 19.74
N GLU D 241 15.66 -31.30 18.52
CA GLU D 241 16.53 -32.39 18.10
C GLU D 241 17.95 -31.88 17.86
N ALA D 242 18.06 -30.64 17.40
CA ALA D 242 19.37 -30.05 17.16
C ALA D 242 20.09 -29.86 18.50
N ALA D 243 19.32 -29.57 19.54
CA ALA D 243 19.89 -29.35 20.87
C ALA D 243 20.01 -30.62 21.70
N GLU D 244 19.21 -31.63 21.37
CA GLU D 244 19.18 -32.89 22.10
C GLU D 244 18.54 -32.70 23.48
N SER D 245 17.75 -31.63 23.59
CA SER D 245 17.02 -31.31 24.80
C SER D 245 15.76 -30.55 24.38
N LYS D 246 14.78 -30.52 25.25
CA LYS D 246 13.53 -29.84 24.97
C LYS D 246 13.73 -28.34 24.93
N VAL D 247 13.46 -27.74 23.78
CA VAL D 247 13.60 -26.29 23.62
C VAL D 247 12.24 -25.60 23.65
N THR D 248 12.12 -24.58 24.49
CA THR D 248 10.88 -23.82 24.60
C THR D 248 11.16 -22.37 24.21
N ILE D 249 10.65 -21.94 23.07
CA ILE D 249 10.89 -20.60 22.58
C ILE D 249 9.72 -19.63 22.79
N SER D 250 9.99 -18.36 22.50
CA SER D 250 8.99 -17.32 22.56
C SER D 250 8.82 -16.95 21.09
N PHE D 251 7.63 -17.13 20.55
CA PHE D 251 7.39 -16.83 19.15
C PHE D 251 6.18 -15.94 18.99
N THR D 252 6.37 -14.77 18.39
CA THR D 252 5.27 -13.84 18.19
C THR D 252 5.18 -13.37 16.74
N PRO D 253 4.16 -13.85 16.01
CA PRO D 253 3.97 -13.45 14.61
C PRO D 253 3.23 -12.10 14.52
N ASN D 254 3.41 -11.40 13.41
CA ASN D 254 2.78 -10.11 13.19
C ASN D 254 2.30 -10.06 11.74
N LEU D 255 1.05 -9.64 11.52
CA LEU D 255 0.52 -9.56 10.16
C LEU D 255 0.85 -8.19 9.59
N ILE D 256 1.65 -8.17 8.52
CA ILE D 256 2.08 -6.93 7.88
C ILE D 256 1.22 -6.52 6.69
N CYS D 257 1.12 -5.21 6.46
CA CYS D 257 0.35 -4.71 5.34
C CYS D 257 1.13 -4.78 4.02
N MET D 258 1.38 -5.99 3.57
CA MET D 258 2.07 -6.26 2.31
C MET D 258 1.62 -7.65 1.87
N LYS D 259 1.64 -7.93 0.57
CA LYS D 259 1.20 -9.23 0.08
C LYS D 259 2.20 -10.36 0.35
N ARG D 260 3.40 -10.25 -0.21
CA ARG D 260 4.42 -11.28 -0.03
C ARG D 260 5.55 -10.81 0.87
N GLY D 261 6.28 -11.76 1.42
CA GLY D 261 7.39 -11.43 2.28
C GLY D 261 7.24 -11.90 3.71
N MET D 262 8.36 -12.31 4.28
CA MET D 262 8.38 -12.77 5.65
C MET D 262 9.75 -12.51 6.25
N GLN D 263 9.76 -12.02 7.48
CA GLN D 263 11.00 -11.74 8.17
C GLN D 263 10.93 -12.21 9.62
N SER D 264 11.85 -13.08 10.00
CA SER D 264 11.89 -13.55 11.36
C SER D 264 13.14 -12.96 12.00
N THR D 265 12.96 -12.39 13.19
CA THR D 265 14.08 -11.83 13.92
C THR D 265 14.23 -12.68 15.15
N MET D 266 15.44 -13.19 15.35
CA MET D 266 15.71 -14.06 16.48
C MET D 266 16.73 -13.43 17.41
N PHE D 267 16.30 -13.14 18.63
CA PHE D 267 17.17 -12.54 19.62
C PHE D 267 17.66 -13.69 20.49
N VAL D 268 18.93 -14.08 20.31
CA VAL D 268 19.51 -15.20 21.04
C VAL D 268 20.71 -14.87 21.93
N GLU D 269 20.96 -15.75 22.90
CA GLU D 269 22.09 -15.59 23.81
C GLU D 269 23.16 -16.53 23.28
N MET D 270 24.39 -16.04 23.16
CA MET D 270 25.47 -16.85 22.65
C MET D 270 26.16 -17.65 23.76
N ALA D 271 26.84 -18.72 23.39
CA ALA D 271 27.55 -19.55 24.35
C ALA D 271 28.72 -18.73 24.91
N PRO D 272 29.35 -19.20 26.00
CA PRO D 272 30.47 -18.45 26.56
C PRO D 272 31.62 -18.22 25.56
N GLY D 273 32.11 -16.99 25.52
CA GLY D 273 33.21 -16.66 24.62
C GLY D 273 32.89 -16.55 23.13
N VAL D 274 31.63 -16.75 22.75
CA VAL D 274 31.24 -16.67 21.36
C VAL D 274 30.76 -15.27 21.00
N THR D 275 31.09 -14.81 19.80
CA THR D 275 30.69 -13.48 19.33
C THR D 275 29.69 -13.63 18.18
N ALA D 276 29.09 -12.52 17.77
CA ALA D 276 28.13 -12.54 16.68
C ALA D 276 28.85 -12.96 15.39
N ASN D 277 30.08 -12.50 15.24
CA ASN D 277 30.86 -12.86 14.06
C ASN D 277 31.07 -14.37 14.01
N ASP D 278 31.28 -15.00 15.16
CA ASP D 278 31.48 -16.45 15.20
C ASP D 278 30.24 -17.13 14.60
N LEU D 279 29.07 -16.64 14.97
CA LEU D 279 27.82 -17.20 14.46
C LEU D 279 27.78 -16.98 12.96
N TYR D 280 28.14 -15.78 12.55
CA TYR D 280 28.17 -15.40 11.13
C TYR D 280 29.04 -16.37 10.35
N GLN D 281 30.26 -16.61 10.83
CA GLN D 281 31.19 -17.50 10.16
C GLN D 281 30.69 -18.94 10.08
N HIS D 282 30.01 -19.41 11.13
CA HIS D 282 29.51 -20.77 11.10
C HIS D 282 28.39 -20.90 10.07
N LEU D 283 27.53 -19.90 10.01
CA LEU D 283 26.43 -19.92 9.04
C LEU D 283 27.04 -19.82 7.65
N LYS D 284 28.08 -19.00 7.52
CA LYS D 284 28.75 -18.82 6.24
C LYS D 284 29.30 -20.15 5.74
N SER D 285 29.96 -20.88 6.62
CA SER D 285 30.53 -22.18 6.26
C SER D 285 29.44 -23.18 5.96
N THR D 286 28.38 -23.17 6.78
CA THR D 286 27.27 -24.10 6.62
C THR D 286 26.54 -23.95 5.28
N TYR D 287 26.39 -22.72 4.83
CA TYR D 287 25.65 -22.47 3.60
C TYR D 287 26.43 -21.92 2.39
N GLU D 288 27.75 -21.92 2.47
CA GLU D 288 28.57 -21.40 1.36
C GLU D 288 28.24 -22.10 0.04
N GLY D 289 27.93 -23.39 0.11
CA GLY D 289 27.62 -24.12 -1.11
C GLY D 289 26.13 -24.19 -1.42
N GLU D 290 25.31 -23.52 -0.62
CA GLU D 290 23.86 -23.56 -0.83
C GLU D 290 23.36 -22.41 -1.70
N GLU D 291 22.73 -22.75 -2.81
CA GLU D 291 22.21 -21.74 -3.72
C GLU D 291 21.02 -20.93 -3.19
N PHE D 292 20.14 -21.56 -2.43
CA PHE D 292 18.96 -20.84 -1.97
C PHE D 292 19.01 -20.22 -0.57
N VAL D 293 20.13 -20.38 0.12
CA VAL D 293 20.29 -19.80 1.44
C VAL D 293 21.54 -18.95 1.40
N LYS D 294 21.38 -17.64 1.41
CA LYS D 294 22.55 -16.77 1.34
C LYS D 294 22.79 -15.90 2.56
N LEU D 295 24.05 -15.83 2.98
CA LEU D 295 24.46 -15.03 4.11
C LEU D 295 24.94 -13.72 3.49
N LEU D 296 24.28 -12.62 3.80
CA LEU D 296 24.66 -11.34 3.24
C LEU D 296 26.04 -10.92 3.75
N ASN D 297 26.70 -10.05 3.01
CA ASN D 297 28.04 -9.56 3.36
C ASN D 297 28.00 -8.42 4.37
N GLY D 298 29.09 -8.29 5.12
CA GLY D 298 29.21 -7.24 6.12
C GLY D 298 28.00 -7.15 7.04
N SER D 299 27.46 -5.94 7.16
CA SER D 299 26.30 -5.73 8.02
C SER D 299 25.07 -5.35 7.21
N SER D 300 25.02 -5.77 5.96
CA SER D 300 23.88 -5.48 5.09
C SER D 300 22.65 -6.13 5.70
N VAL D 301 21.55 -5.39 5.73
CA VAL D 301 20.31 -5.90 6.31
C VAL D 301 19.42 -6.54 5.26
N PRO D 302 18.91 -7.74 5.54
CA PRO D 302 18.03 -8.45 4.59
C PRO D 302 16.66 -7.77 4.54
N HIS D 303 16.21 -7.39 3.34
CA HIS D 303 14.88 -6.79 3.19
C HIS D 303 13.98 -7.87 2.60
N THR D 304 12.76 -7.98 3.08
CA THR D 304 11.84 -8.97 2.54
C THR D 304 11.59 -8.63 1.07
N ARG D 305 11.62 -7.33 0.76
CA ARG D 305 11.37 -6.88 -0.60
C ARG D 305 12.42 -7.43 -1.56
N HIS D 306 13.59 -7.75 -1.05
CA HIS D 306 14.67 -8.26 -1.88
C HIS D 306 14.62 -9.74 -2.26
N VAL D 307 13.64 -10.48 -1.75
CA VAL D 307 13.54 -11.90 -2.12
C VAL D 307 12.17 -12.26 -2.68
N VAL D 308 11.28 -11.28 -2.72
CA VAL D 308 9.93 -11.48 -3.24
C VAL D 308 9.95 -12.15 -4.61
N GLY D 309 9.19 -13.23 -4.76
CA GLY D 309 9.13 -13.92 -6.03
C GLY D 309 10.27 -14.87 -6.32
N SER D 310 11.17 -15.06 -5.36
CA SER D 310 12.29 -15.97 -5.56
C SER D 310 12.23 -17.04 -4.48
N ASN D 311 13.03 -18.09 -4.66
CA ASN D 311 13.07 -19.18 -3.69
C ASN D 311 14.24 -19.00 -2.74
N TYR D 312 14.71 -17.76 -2.60
CA TYR D 312 15.84 -17.46 -1.74
C TYR D 312 15.48 -17.15 -0.29
N CYS D 313 16.50 -17.30 0.56
CA CYS D 313 16.41 -16.98 1.98
C CYS D 313 17.69 -16.19 2.22
N PHE D 314 17.54 -14.91 2.52
CA PHE D 314 18.70 -14.06 2.79
C PHE D 314 18.76 -13.86 4.30
N MET D 315 19.96 -13.92 4.86
CA MET D 315 20.11 -13.74 6.30
C MET D 315 21.44 -13.08 6.69
N ASN D 316 21.48 -12.59 7.93
CA ASN D 316 22.69 -11.99 8.47
C ASN D 316 22.54 -11.97 9.98
N VAL D 317 23.65 -11.87 10.71
CA VAL D 317 23.62 -11.84 12.16
C VAL D 317 24.33 -10.59 12.68
N PHE D 318 23.76 -9.98 13.72
CA PHE D 318 24.34 -8.77 14.27
C PHE D 318 24.54 -8.85 15.76
N GLU D 319 25.42 -7.99 16.25
CA GLU D 319 25.68 -7.94 17.67
C GLU D 319 24.47 -7.27 18.32
N ASP D 320 24.11 -7.74 19.50
CA ASP D 320 23.00 -7.16 20.22
C ASP D 320 23.66 -6.14 21.15
N ARG D 321 22.94 -5.10 21.55
CA ARG D 321 23.50 -4.09 22.44
C ARG D 321 23.84 -4.73 23.78
N ILE D 322 23.07 -5.74 24.17
CA ILE D 322 23.28 -6.44 25.44
C ILE D 322 24.40 -7.44 25.29
N PRO D 323 25.41 -7.35 26.17
CA PRO D 323 26.56 -8.26 26.15
C PRO D 323 26.16 -9.72 26.12
N GLY D 324 26.83 -10.51 25.28
CA GLY D 324 26.53 -11.93 25.19
C GLY D 324 25.34 -12.31 24.32
N ARG D 325 24.65 -11.32 23.75
CA ARG D 325 23.50 -11.59 22.90
C ARG D 325 23.75 -11.24 21.45
N ALA D 326 22.99 -11.86 20.56
CA ALA D 326 23.12 -11.61 19.14
C ALA D 326 21.74 -11.50 18.49
N ILE D 327 21.69 -10.86 17.33
CA ILE D 327 20.45 -10.66 16.59
C ILE D 327 20.57 -11.30 15.22
N ILE D 328 19.65 -12.21 14.90
CA ILE D 328 19.65 -12.90 13.62
C ILE D 328 18.40 -12.53 12.82
N ILE D 329 18.60 -12.11 11.58
CA ILE D 329 17.48 -11.75 10.72
C ILE D 329 17.48 -12.64 9.49
N SER D 330 16.32 -13.22 9.19
CA SER D 330 16.16 -14.12 8.07
C SER D 330 14.89 -13.78 7.31
N VAL D 331 14.98 -13.66 6.00
CA VAL D 331 13.80 -13.34 5.19
C VAL D 331 13.65 -14.31 4.02
N ILE D 332 12.40 -14.52 3.62
CA ILE D 332 12.07 -15.38 2.48
C ILE D 332 10.75 -14.86 1.92
N ASP D 333 10.34 -15.39 0.77
CA ASP D 333 9.04 -15.05 0.22
C ASP D 333 8.22 -16.18 0.83
N ASN D 334 7.27 -15.83 1.69
CA ASN D 334 6.44 -16.82 2.38
C ASN D 334 5.75 -17.80 1.44
N LEU D 335 5.51 -17.37 0.21
CA LEU D 335 4.83 -18.21 -0.77
C LEU D 335 5.75 -19.11 -1.57
N VAL D 336 7.04 -18.79 -1.62
CA VAL D 336 7.98 -19.59 -2.39
C VAL D 336 8.84 -20.46 -1.50
N LYS D 337 9.99 -19.97 -1.06
CA LYS D 337 10.84 -20.78 -0.20
C LYS D 337 10.05 -21.12 1.06
N GLY D 338 9.06 -20.29 1.37
CA GLY D 338 8.23 -20.52 2.55
C GLY D 338 7.11 -21.51 2.28
N ALA D 339 6.94 -21.92 1.03
CA ALA D 339 5.88 -22.88 0.68
C ALA D 339 6.12 -23.64 -0.62
N SER D 340 5.44 -23.22 -1.68
CA SER D 340 5.53 -23.87 -2.99
C SER D 340 6.93 -24.01 -3.56
N GLY D 341 7.77 -23.00 -3.33
CA GLY D 341 9.12 -23.06 -3.83
C GLY D 341 9.89 -24.23 -3.24
N GLN D 342 9.81 -24.37 -1.92
CA GLN D 342 10.52 -25.45 -1.24
C GLN D 342 9.92 -26.80 -1.61
N ALA D 343 8.61 -26.84 -1.85
CA ALA D 343 7.93 -28.08 -2.24
C ALA D 343 8.46 -28.55 -3.60
N VAL D 344 8.71 -27.61 -4.50
CA VAL D 344 9.24 -27.96 -5.81
C VAL D 344 10.72 -28.33 -5.67
N GLN D 345 11.44 -27.59 -4.83
CA GLN D 345 12.85 -27.85 -4.58
C GLN D 345 12.97 -29.30 -4.11
N ASN D 346 12.06 -29.68 -3.23
CA ASN D 346 12.05 -31.04 -2.70
C ASN D 346 11.72 -32.08 -3.76
N LEU D 347 10.69 -31.83 -4.56
CA LEU D 347 10.32 -32.79 -5.59
C LEU D 347 11.47 -32.98 -6.58
N ASN D 348 12.17 -31.91 -6.94
CA ASN D 348 13.30 -32.04 -7.85
C ASN D 348 14.28 -33.03 -7.23
N LEU D 349 14.57 -32.80 -5.96
CA LEU D 349 15.48 -33.65 -5.21
C LEU D 349 15.01 -35.10 -5.22
N MET D 350 13.76 -35.34 -4.84
CA MET D 350 13.25 -36.71 -4.83
C MET D 350 13.04 -37.33 -6.23
N MET D 351 13.05 -36.51 -7.27
CA MET D 351 12.90 -37.01 -8.63
C MET D 351 14.26 -37.15 -9.31
N GLY D 352 15.32 -36.79 -8.59
CA GLY D 352 16.67 -36.91 -9.12
C GLY D 352 17.14 -35.79 -10.04
N LEU D 353 16.40 -34.68 -10.05
CA LEU D 353 16.76 -33.55 -10.89
C LEU D 353 17.49 -32.50 -10.06
N PRO D 354 18.22 -31.58 -10.72
CA PRO D 354 18.94 -30.56 -9.95
C PRO D 354 17.90 -29.79 -9.13
N GLU D 355 18.24 -29.45 -7.89
CA GLU D 355 17.31 -28.75 -7.01
C GLU D 355 16.81 -27.40 -7.52
N ASN D 356 17.64 -26.70 -8.28
CA ASN D 356 17.26 -25.39 -8.80
C ASN D 356 16.41 -25.42 -10.07
N THR D 357 16.11 -26.59 -10.59
CA THR D 357 15.33 -26.70 -11.81
C THR D 357 14.01 -25.94 -11.68
N GLY D 358 13.83 -24.95 -12.53
CA GLY D 358 12.61 -24.15 -12.51
C GLY D 358 12.49 -23.22 -11.33
N LEU D 359 13.57 -23.03 -10.58
CA LEU D 359 13.53 -22.16 -9.41
C LEU D 359 14.62 -21.10 -9.43
N GLN D 360 14.99 -20.65 -10.62
CA GLN D 360 16.04 -19.64 -10.72
C GLN D 360 15.56 -18.22 -10.97
N TYR D 361 14.26 -18.00 -10.93
CA TYR D 361 13.75 -16.65 -11.13
C TYR D 361 14.34 -15.72 -10.08
N GLN D 362 14.82 -14.57 -10.52
CA GLN D 362 15.38 -13.60 -9.58
C GLN D 362 14.24 -12.80 -8.97
N PRO D 363 14.48 -12.18 -7.79
CA PRO D 363 13.47 -11.40 -7.09
C PRO D 363 12.85 -10.29 -7.95
N LEU D 364 11.53 -10.12 -7.85
CA LEU D 364 10.86 -9.07 -8.59
C LEU D 364 10.90 -7.79 -7.77
N PHE D 365 11.90 -6.96 -8.04
CA PHE D 365 12.05 -5.68 -7.36
C PHE D 365 12.46 -4.66 -8.41
N PRO D 366 11.85 -3.46 -8.36
CA PRO D 366 10.81 -3.08 -7.40
C PRO D 366 9.49 -3.78 -7.71
#